data_4CUK
#
_entry.id   4CUK
#
_cell.length_a   110.350
_cell.length_b   60.700
_cell.length_c   130.390
_cell.angle_alpha   90.00
_cell.angle_beta   106.92
_cell.angle_gamma   90.00
#
_symmetry.space_group_name_H-M   'P 1 21 1'
#
loop_
_entity.id
_entity.type
_entity.pdbx_description
1 polymer 'D-LACTATE DEHYDROGENASE'
2 non-polymer '1,4-DIHYDRONICOTINAMIDE ADENINE DINUCLEOTIDE'
3 water water
#
_entity_poly.entity_id   1
_entity_poly.type   'polypeptide(L)'
_entity_poly.pdbx_seq_one_letter_code
;MKLAVYSTKQYDKKYLQQVNEAFGFELEFFDFLLTEKTAKTANGCEAVCIFVNDDGSRPVLEELKKHGVKYIALRCAGFN
NVDLDAAKELGLQVVRVPAYSPEAVAEHAIGMMMTLNRRIHRAYQRTRDANFSLEGLTGFTMHGKTAGVIGTGKIGVAAL
RILKGFGMRLLAFDPYPSTAALDLGVEYVDLQTLFAESDVISLHCPLTPENYHLLNHAAFDQMKNGVMIINTSRGALIDS
QAAIEALKNQKIGSLGMDVYENERDLFFEDKSVDVIQDDVFRRLSACHNVLFTGHQAFLTAEALISISETTLQNLSQLEK
GEACPNALFKHHHHHHHH
;
_entity_poly.pdbx_strand_id   A,B,C,D
#
loop_
_chem_comp.id
_chem_comp.type
_chem_comp.name
_chem_comp.formula
NAI non-polymer '1,4-DIHYDRONICOTINAMIDE ADENINE DINUCLEOTIDE' 'C21 H29 N7 O14 P2'
#
# COMPACT_ATOMS: atom_id res chain seq x y z
N MET A 1 13.32 42.13 12.45
CA MET A 1 12.97 41.84 11.09
C MET A 1 11.78 40.98 11.13
N LYS A 2 10.89 41.18 10.19
CA LYS A 2 9.78 40.33 10.01
C LYS A 2 10.18 39.63 8.75
N LEU A 3 10.06 38.32 8.76
CA LEU A 3 10.38 37.54 7.59
C LEU A 3 9.16 36.73 7.22
N ALA A 4 8.84 36.76 5.94
CA ALA A 4 7.80 35.93 5.40
C ALA A 4 8.39 34.72 4.66
N VAL A 5 7.92 33.55 5.01
CA VAL A 5 8.44 32.34 4.46
C VAL A 5 7.49 31.72 3.47
N TYR A 6 7.91 31.64 2.23
CA TYR A 6 7.15 30.97 1.21
C TYR A 6 7.34 29.44 1.11
N SER A 7 6.33 28.79 0.60
CA SER A 7 6.40 27.37 0.34
C SER A 7 6.62 26.57 1.59
N THR A 8 6.17 27.05 2.73
CA THR A 8 6.45 26.41 3.98
C THR A 8 5.88 24.99 4.10
N LYS A 9 6.74 24.05 4.45
CA LYS A 9 6.38 22.72 4.88
C LYS A 9 6.45 22.70 6.38
N GLN A 10 5.85 21.71 7.01
CA GLN A 10 5.78 21.66 8.46
C GLN A 10 7.16 21.64 9.10
N TYR A 11 8.05 20.89 8.48
CA TYR A 11 9.44 20.78 8.85
C TYR A 11 10.21 22.08 8.73
N ASP A 12 9.99 22.86 7.69
CA ASP A 12 10.60 24.17 7.60
C ASP A 12 10.19 25.08 8.75
N LYS A 13 8.92 25.09 9.03
CA LYS A 13 8.39 25.85 10.12
C LYS A 13 8.90 25.40 11.48
N LYS A 14 8.89 24.11 11.72
CA LYS A 14 9.29 23.64 13.00
C LYS A 14 10.74 23.98 13.34
N TYR A 15 11.65 23.69 12.44
CA TYR A 15 13.04 24.03 12.62
C TYR A 15 13.40 25.49 12.56
N LEU A 16 12.73 26.23 11.70
CA LEU A 16 12.88 27.65 11.61
C LEU A 16 12.44 28.32 12.89
N GLN A 17 11.33 27.89 13.45
CA GLN A 17 10.89 28.40 14.70
C GLN A 17 11.89 28.10 15.78
N GLN A 18 12.47 26.91 15.78
CA GLN A 18 13.43 26.52 16.79
C GLN A 18 14.68 27.36 16.78
N VAL A 19 15.24 27.58 15.61
CA VAL A 19 16.44 28.36 15.48
C VAL A 19 16.18 29.83 15.77
N ASN A 20 14.94 30.26 15.62
CA ASN A 20 14.60 31.65 15.75
C ASN A 20 14.85 32.12 17.14
N GLU A 21 14.89 31.22 18.09
CA GLU A 21 15.04 31.63 19.46
C GLU A 21 16.28 32.44 19.66
N ALA A 22 17.38 32.01 19.10
CA ALA A 22 18.60 32.76 19.14
C ALA A 22 18.48 34.06 18.39
N PHE A 23 17.43 34.23 17.59
CA PHE A 23 17.32 35.39 16.74
C PHE A 23 16.19 36.39 17.01
N GLY A 24 15.05 35.94 17.47
CA GLY A 24 13.98 36.84 17.83
C GLY A 24 13.13 37.44 16.71
N PHE A 25 13.34 37.00 15.46
CA PHE A 25 12.68 37.53 14.29
C PHE A 25 11.21 37.28 14.33
N GLU A 26 10.46 38.03 13.54
CA GLU A 26 9.04 37.77 13.44
C GLU A 26 8.73 37.12 12.08
N LEU A 27 8.12 35.95 12.15
CA LEU A 27 7.74 35.14 10.99
C LEU A 27 6.28 34.81 11.19
N GLU A 28 5.32 35.04 10.32
CA GLU A 28 5.10 34.87 8.88
C GLU A 28 5.31 33.68 7.95
N PHE A 29 4.57 32.61 8.14
CA PHE A 29 4.65 31.44 7.29
C PHE A 29 3.50 31.32 6.29
N PHE A 30 3.85 31.22 5.03
CA PHE A 30 2.92 30.94 3.98
C PHE A 30 3.17 29.57 3.33
N ASP A 31 2.12 28.80 3.17
CA ASP A 31 2.20 27.51 2.49
C ASP A 31 2.43 27.59 0.97
N PHE A 32 2.03 28.69 0.37
CA PHE A 32 2.06 28.86 -1.08
C PHE A 32 3.35 29.32 -1.75
N LEU A 33 3.36 29.21 -3.06
CA LEU A 33 4.46 29.69 -3.84
C LEU A 33 4.53 31.21 -3.85
N LEU A 34 5.74 31.75 -3.82
CA LEU A 34 5.98 33.12 -4.15
C LEU A 34 5.98 33.23 -5.66
N THR A 35 5.20 34.16 -6.13
CA THR A 35 5.02 34.43 -7.53
C THR A 35 4.82 35.94 -7.70
N GLU A 36 4.61 36.36 -8.91
CA GLU A 36 4.34 37.74 -9.17
C GLU A 36 3.06 38.15 -8.42
N LYS A 37 2.05 37.32 -8.48
CA LYS A 37 0.81 37.51 -7.78
C LYS A 37 0.78 37.51 -6.24
N THR A 38 1.64 36.72 -5.61
CA THR A 38 1.66 36.58 -4.15
C THR A 38 2.72 37.39 -3.44
N ALA A 39 3.53 38.08 -4.20
CA ALA A 39 4.62 38.85 -3.67
C ALA A 39 4.10 39.90 -2.72
N LYS A 40 2.95 40.47 -3.04
CA LYS A 40 2.31 41.51 -2.28
C LYS A 40 1.99 41.04 -0.86
N THR A 41 1.91 39.75 -0.67
CA THR A 41 1.73 39.20 0.66
C THR A 41 2.90 39.49 1.57
N ALA A 42 4.04 39.77 0.99
CA ALA A 42 5.22 40.09 1.75
C ALA A 42 5.23 41.49 2.38
N ASN A 43 4.29 42.33 1.99
CA ASN A 43 4.29 43.71 2.43
C ASN A 43 4.20 43.77 3.92
N GLY A 44 5.09 44.54 4.51
CA GLY A 44 5.29 44.54 5.92
C GLY A 44 6.51 43.75 6.36
N CYS A 45 7.17 43.10 5.43
CA CYS A 45 8.36 42.33 5.71
C CYS A 45 9.56 42.82 4.99
N GLU A 46 10.64 42.92 5.76
CA GLU A 46 11.95 43.25 5.28
C GLU A 46 12.53 42.19 4.37
N ALA A 47 12.22 40.94 4.73
CA ALA A 47 12.80 39.78 4.06
C ALA A 47 11.82 38.66 3.73
N VAL A 48 12.17 37.90 2.72
CA VAL A 48 11.52 36.64 2.45
C VAL A 48 12.47 35.48 2.36
N CYS A 49 11.96 34.32 2.71
CA CYS A 49 12.72 33.10 2.61
C CYS A 49 12.02 32.14 1.67
N ILE A 50 12.74 31.74 0.67
CA ILE A 50 12.23 30.94 -0.41
C ILE A 50 13.01 29.61 -0.60
N PHE A 51 12.45 28.70 -1.33
CA PHE A 51 13.08 27.44 -1.59
C PHE A 51 13.15 27.30 -3.09
N VAL A 52 13.34 26.08 -3.57
CA VAL A 52 13.62 25.81 -4.98
C VAL A 52 12.54 26.04 -6.02
N ASN A 53 11.30 25.94 -5.63
CA ASN A 53 10.23 26.04 -6.56
C ASN A 53 9.69 27.46 -6.63
N ASP A 54 10.13 28.31 -5.75
CA ASP A 54 9.68 29.69 -5.73
C ASP A 54 10.18 30.48 -6.95
N ASP A 55 9.43 31.49 -7.37
CA ASP A 55 9.78 32.32 -8.52
C ASP A 55 10.53 33.55 -8.16
N GLY A 56 11.75 33.61 -8.61
CA GLY A 56 12.66 34.68 -8.32
C GLY A 56 12.94 35.56 -9.51
N SER A 57 12.08 35.50 -10.48
CA SER A 57 12.32 36.22 -11.70
C SER A 57 12.13 37.69 -11.47
N ARG A 58 12.44 38.47 -12.50
CA ARG A 58 12.61 39.90 -12.36
C ARG A 58 11.33 40.57 -11.91
N PRO A 59 10.22 40.24 -12.51
CA PRO A 59 8.97 40.86 -12.14
C PRO A 59 8.62 40.54 -10.72
N VAL A 60 8.90 39.33 -10.25
CA VAL A 60 8.65 39.00 -8.89
C VAL A 60 9.50 39.91 -8.04
N LEU A 61 10.74 40.05 -8.40
CA LEU A 61 11.67 40.89 -7.69
C LEU A 61 11.24 42.37 -7.67
N GLU A 62 10.69 42.90 -8.75
CA GLU A 62 10.18 44.27 -8.72
C GLU A 62 9.06 44.49 -7.74
N GLU A 63 8.10 43.55 -7.73
CA GLU A 63 6.93 43.58 -6.89
C GLU A 63 7.37 43.51 -5.49
N LEU A 64 8.36 42.69 -5.24
CA LEU A 64 8.87 42.57 -3.91
C LEU A 64 9.50 43.88 -3.42
N LYS A 65 10.24 44.54 -4.29
CA LYS A 65 10.81 45.82 -3.95
C LYS A 65 9.74 46.85 -3.67
N LYS A 66 8.70 46.81 -4.47
CA LYS A 66 7.66 47.80 -4.38
C LYS A 66 7.06 47.68 -3.02
N HIS A 67 7.02 46.46 -2.50
CA HIS A 67 6.35 46.18 -1.26
C HIS A 67 7.26 46.25 -0.06
N GLY A 68 8.43 46.81 -0.24
CA GLY A 68 9.31 47.09 0.87
C GLY A 68 10.34 46.05 1.29
N VAL A 69 10.46 44.99 0.54
CA VAL A 69 11.44 43.95 0.83
C VAL A 69 12.83 44.22 0.29
N LYS A 70 13.81 44.12 1.17
CA LYS A 70 15.20 44.27 0.80
C LYS A 70 16.00 43.00 0.59
N TYR A 71 15.72 41.98 1.38
CA TYR A 71 16.52 40.75 1.40
C TYR A 71 15.81 39.44 1.03
N ILE A 72 16.40 38.67 0.12
CA ILE A 72 15.91 37.37 -0.26
C ILE A 72 16.82 36.20 0.15
N ALA A 73 16.34 35.39 1.08
CA ALA A 73 17.11 34.26 1.58
C ALA A 73 16.63 32.92 1.07
N LEU A 74 17.46 32.25 0.31
CA LEU A 74 17.21 30.89 -0.05
C LEU A 74 17.51 29.94 1.11
N ARG A 75 16.69 28.92 1.28
CA ARG A 75 16.94 27.87 2.26
C ARG A 75 17.40 26.59 1.55
N CYS A 76 18.14 26.78 0.47
CA CYS A 76 18.65 25.73 -0.34
C CYS A 76 19.94 26.17 -0.98
N ALA A 77 20.69 25.22 -1.51
CA ALA A 77 21.86 25.49 -2.34
C ALA A 77 21.61 26.06 -3.73
N GLY A 78 20.64 25.54 -4.45
CA GLY A 78 20.40 25.89 -5.83
C GLY A 78 19.81 27.28 -5.96
N PHE A 79 20.08 27.95 -7.06
CA PHE A 79 19.54 29.27 -7.27
C PHE A 79 19.06 29.57 -8.69
N ASN A 80 18.98 28.57 -9.53
CA ASN A 80 18.57 28.79 -10.92
C ASN A 80 17.18 29.38 -11.10
N ASN A 81 16.36 29.28 -10.07
CA ASN A 81 15.04 29.90 -10.04
C ASN A 81 15.05 31.39 -9.91
N VAL A 82 16.15 31.94 -9.40
CA VAL A 82 16.30 33.36 -9.17
C VAL A 82 17.11 34.13 -10.24
N ASP A 83 16.65 35.31 -10.64
CA ASP A 83 17.39 36.14 -11.60
C ASP A 83 18.36 36.99 -10.85
N LEU A 84 19.63 36.64 -10.94
CA LEU A 84 20.62 37.31 -10.13
C LEU A 84 20.99 38.77 -10.37
N ASP A 85 21.35 39.10 -11.58
CA ASP A 85 21.74 40.47 -11.90
C ASP A 85 20.57 41.45 -11.76
N ALA A 86 19.38 40.95 -12.07
CA ALA A 86 18.15 41.68 -12.00
C ALA A 86 17.98 42.11 -10.60
N ALA A 87 18.25 41.22 -9.68
CA ALA A 87 18.19 41.56 -8.29
C ALA A 87 19.21 42.60 -7.95
N LYS A 88 20.38 42.52 -8.57
CA LYS A 88 21.44 43.47 -8.23
C LYS A 88 21.01 44.86 -8.56
N GLU A 89 20.45 44.98 -9.74
CA GLU A 89 20.03 46.23 -10.28
C GLU A 89 18.97 46.85 -9.43
N LEU A 90 18.14 46.01 -8.82
CA LEU A 90 17.08 46.49 -7.97
C LEU A 90 17.60 46.86 -6.63
N GLY A 91 18.87 46.64 -6.42
CA GLY A 91 19.44 46.76 -5.09
C GLY A 91 18.82 45.78 -4.13
N LEU A 92 18.58 44.59 -4.63
CA LEU A 92 18.10 43.51 -3.81
C LEU A 92 19.26 42.57 -3.42
N GLN A 93 19.28 42.15 -2.18
CA GLN A 93 20.31 41.22 -1.70
C GLN A 93 19.80 39.78 -1.54
N VAL A 94 20.56 38.83 -2.05
CA VAL A 94 20.19 37.43 -2.01
C VAL A 94 21.24 36.49 -1.46
N VAL A 95 20.92 35.80 -0.37
CA VAL A 95 21.79 34.87 0.33
C VAL A 95 21.35 33.44 0.16
N ARG A 96 22.28 32.50 0.15
CA ARG A 96 21.97 31.09 0.01
C ARG A 96 22.52 30.25 1.12
N VAL A 97 22.30 28.95 1.02
CA VAL A 97 22.94 28.00 1.90
C VAL A 97 23.93 27.23 1.04
N PRO A 98 25.18 27.21 1.47
CA PRO A 98 26.25 26.69 0.63
C PRO A 98 26.13 25.22 0.23
N ALA A 99 25.92 24.33 1.17
CA ALA A 99 25.61 22.96 0.83
C ALA A 99 24.93 22.35 2.03
N TYR A 100 24.25 21.24 1.80
CA TYR A 100 23.56 20.55 2.85
C TYR A 100 24.55 19.66 3.64
N SER A 101 24.17 19.23 4.84
CA SER A 101 25.01 18.35 5.62
C SER A 101 25.45 17.12 4.82
N PRO A 102 26.75 16.94 4.68
CA PRO A 102 27.30 15.84 3.89
C PRO A 102 26.97 14.44 4.40
N GLU A 103 27.01 14.30 5.71
CA GLU A 103 26.62 13.10 6.40
C GLU A 103 25.16 12.73 6.20
N ALA A 104 24.26 13.70 6.22
CA ALA A 104 22.88 13.50 5.97
C ALA A 104 22.60 12.96 4.55
N VAL A 105 23.22 13.53 3.54
CA VAL A 105 23.09 13.03 2.18
C VAL A 105 23.68 11.64 1.96
N ALA A 106 24.89 11.41 2.42
CA ALA A 106 25.50 10.09 2.36
C ALA A 106 24.71 9.01 3.08
N GLU A 107 24.25 9.30 4.28
CA GLU A 107 23.47 8.37 5.03
C GLU A 107 22.18 8.00 4.27
N HIS A 108 21.58 8.95 3.60
CA HIS A 108 20.42 8.72 2.78
C HIS A 108 20.67 7.79 1.59
N ALA A 109 21.79 7.97 0.93
CA ALA A 109 22.23 7.14 -0.14
C ALA A 109 22.42 5.68 0.34
N ILE A 110 23.03 5.51 1.49
CA ILE A 110 23.17 4.21 2.13
C ILE A 110 21.81 3.63 2.53
N GLY A 111 20.92 4.45 3.02
CA GLY A 111 19.59 4.01 3.37
C GLY A 111 18.85 3.48 2.16
N MET A 112 18.96 4.16 1.08
CA MET A 112 18.34 3.77 -0.15
C MET A 112 18.91 2.44 -0.56
N MET A 113 20.22 2.28 -0.43
CA MET A 113 20.91 1.10 -0.85
C MET A 113 20.45 -0.15 -0.13
N MET A 114 20.40 -0.10 1.17
CA MET A 114 19.88 -1.16 2.01
C MET A 114 18.38 -1.47 1.86
N THR A 115 17.57 -0.45 1.67
CA THR A 115 16.17 -0.65 1.48
C THR A 115 15.97 -1.42 0.19
N LEU A 116 16.64 -1.01 -0.87
CA LEU A 116 16.59 -1.73 -2.12
C LEU A 116 17.17 -3.13 -2.01
N ASN A 117 18.29 -3.27 -1.32
CA ASN A 117 19.00 -4.53 -1.26
C ASN A 117 18.16 -5.62 -0.62
N ARG A 118 17.61 -5.31 0.54
CA ARG A 118 16.76 -6.21 1.27
C ARG A 118 15.27 -6.08 0.92
N ARG A 119 14.91 -5.29 -0.05
CA ARG A 119 13.54 -5.12 -0.47
C ARG A 119 12.63 -4.70 0.70
N ILE A 120 13.17 -3.85 1.56
CA ILE A 120 12.54 -3.41 2.78
C ILE A 120 11.26 -2.61 2.49
N HIS A 121 11.26 -1.83 1.45
CA HIS A 121 10.08 -1.14 1.02
C HIS A 121 8.95 -2.08 0.62
N ARG A 122 9.27 -3.15 -0.09
CA ARG A 122 8.36 -4.26 -0.36
C ARG A 122 7.92 -5.10 0.84
N ALA A 123 8.82 -5.38 1.75
CA ALA A 123 8.46 -6.09 2.92
C ALA A 123 7.43 -5.33 3.76
N TYR A 124 7.60 -4.03 3.86
CA TYR A 124 6.70 -3.23 4.63
C TYR A 124 5.23 -3.24 4.11
N GLN A 125 5.07 -3.15 2.80
CA GLN A 125 3.78 -3.25 2.19
C GLN A 125 3.13 -4.60 2.51
N ARG A 126 3.90 -5.67 2.56
CA ARG A 126 3.38 -6.92 3.05
C ARG A 126 3.04 -6.94 4.53
N THR A 127 3.99 -6.57 5.36
CA THR A 127 3.85 -6.67 6.78
C THR A 127 2.87 -5.71 7.45
N ARG A 128 2.59 -4.60 6.81
CA ARG A 128 1.57 -3.71 7.28
C ARG A 128 0.20 -4.42 7.22
N ASP A 129 0.06 -5.40 6.34
CA ASP A 129 -1.15 -6.22 6.10
C ASP A 129 -0.96 -7.56 6.80
N ALA A 130 0.06 -7.67 7.64
CA ALA A 130 0.35 -8.91 8.33
C ALA A 130 0.61 -10.07 7.39
N ASN A 131 1.11 -9.77 6.22
CA ASN A 131 1.65 -10.71 5.29
C ASN A 131 3.16 -10.79 5.55
N PHE A 132 3.61 -11.94 6.01
CA PHE A 132 4.98 -12.20 6.34
C PHE A 132 5.72 -13.06 5.32
N SER A 133 5.23 -13.18 4.10
CA SER A 133 5.93 -13.97 3.08
C SER A 133 7.25 -13.34 2.64
N LEU A 134 8.25 -14.15 2.47
CA LEU A 134 9.56 -13.71 2.09
C LEU A 134 9.93 -13.85 0.62
N GLU A 135 9.12 -14.54 -0.16
CA GLU A 135 9.47 -14.84 -1.51
C GLU A 135 9.54 -13.58 -2.37
N GLY A 136 10.59 -13.48 -3.15
CA GLY A 136 10.92 -12.27 -3.85
C GLY A 136 11.70 -11.21 -3.10
N LEU A 137 11.96 -11.39 -1.82
CA LEU A 137 12.65 -10.38 -1.02
C LEU A 137 14.17 -10.57 -0.86
N THR A 138 14.74 -11.59 -1.44
CA THR A 138 16.12 -11.91 -1.22
C THR A 138 17.05 -10.81 -1.66
N GLY A 139 17.92 -10.44 -0.76
CA GLY A 139 19.00 -9.52 -0.96
C GLY A 139 20.35 -10.14 -1.20
N PHE A 140 21.38 -9.35 -1.00
CA PHE A 140 22.77 -9.73 -1.05
C PHE A 140 23.55 -9.15 0.13
N THR A 141 24.45 -9.93 0.68
CA THR A 141 25.34 -9.46 1.72
C THR A 141 26.31 -8.39 1.19
N MET A 142 26.37 -7.24 1.84
CA MET A 142 27.24 -6.16 1.44
C MET A 142 28.75 -6.44 1.63
N HIS A 143 29.05 -7.07 2.72
CA HIS A 143 30.40 -7.29 3.12
C HIS A 143 31.13 -8.07 2.04
N GLY A 144 32.24 -7.56 1.62
CA GLY A 144 33.04 -8.12 0.57
C GLY A 144 32.72 -7.78 -0.86
N LYS A 145 31.70 -6.99 -1.10
CA LYS A 145 31.39 -6.48 -2.39
C LYS A 145 32.18 -5.23 -2.70
N THR A 146 32.05 -4.78 -3.91
CA THR A 146 32.77 -3.66 -4.40
C THR A 146 31.83 -2.52 -4.55
N ALA A 147 32.22 -1.44 -3.90
CA ALA A 147 31.51 -0.21 -3.96
C ALA A 147 32.24 0.78 -4.83
N GLY A 148 31.52 1.39 -5.74
CA GLY A 148 32.08 2.40 -6.60
C GLY A 148 31.47 3.77 -6.38
N VAL A 149 32.28 4.66 -5.92
CA VAL A 149 31.81 5.98 -5.62
C VAL A 149 32.31 6.99 -6.66
N ILE A 150 31.39 7.64 -7.33
CA ILE A 150 31.70 8.71 -8.26
C ILE A 150 31.60 10.13 -7.66
N GLY A 151 32.76 10.58 -7.26
CA GLY A 151 32.93 11.83 -6.61
C GLY A 151 33.27 11.73 -5.15
N THR A 152 34.49 12.17 -4.86
CA THR A 152 35.12 12.13 -3.56
C THR A 152 35.28 13.50 -2.88
N GLY A 153 34.26 14.31 -2.98
CA GLY A 153 34.13 15.54 -2.26
C GLY A 153 33.58 15.20 -0.90
N LYS A 154 32.99 16.13 -0.21
CA LYS A 154 32.53 15.90 1.14
C LYS A 154 31.44 14.81 1.27
N ILE A 155 30.44 14.77 0.41
CA ILE A 155 29.43 13.73 0.50
C ILE A 155 29.98 12.34 0.19
N GLY A 156 30.76 12.26 -0.87
CA GLY A 156 31.37 11.03 -1.27
C GLY A 156 32.28 10.45 -0.21
N VAL A 157 33.10 11.27 0.41
CA VAL A 157 33.94 10.80 1.48
C VAL A 157 33.10 10.28 2.65
N ALA A 158 32.03 10.99 2.97
CA ALA A 158 31.05 10.52 3.93
C ALA A 158 30.39 9.19 3.56
N ALA A 159 30.02 8.99 2.31
CA ALA A 159 29.52 7.71 1.90
C ALA A 159 30.56 6.59 2.08
N LEU A 160 31.80 6.89 1.73
CA LEU A 160 32.90 5.95 1.79
C LEU A 160 33.21 5.45 3.18
N ARG A 161 33.12 6.30 4.16
CA ARG A 161 33.31 5.87 5.51
C ARG A 161 32.28 4.81 5.90
N ILE A 162 31.03 5.02 5.55
CA ILE A 162 30.01 4.07 5.85
C ILE A 162 30.22 2.77 5.10
N LEU A 163 30.52 2.90 3.83
CA LEU A 163 30.73 1.77 2.98
C LEU A 163 31.88 0.93 3.46
N LYS A 164 32.89 1.59 3.97
CA LYS A 164 33.99 0.96 4.63
C LYS A 164 33.61 0.18 5.86
N GLY A 165 32.73 0.72 6.68
CA GLY A 165 32.20 0.01 7.81
C GLY A 165 31.48 -1.30 7.51
N PHE A 166 30.85 -1.35 6.34
CA PHE A 166 30.27 -2.57 5.77
C PHE A 166 31.30 -3.58 5.31
N GLY A 167 32.57 -3.25 5.32
CA GLY A 167 33.57 -4.14 4.79
C GLY A 167 33.62 -4.33 3.28
N MET A 168 33.35 -3.29 2.56
CA MET A 168 33.38 -3.29 1.11
C MET A 168 34.71 -2.87 0.53
N ARG A 169 35.09 -3.44 -0.57
CA ARG A 169 36.17 -2.92 -1.36
C ARG A 169 35.74 -1.56 -1.91
N LEU A 170 36.64 -0.61 -1.89
CA LEU A 170 36.31 0.71 -2.32
C LEU A 170 37.05 1.30 -3.49
N LEU A 171 36.31 1.55 -4.54
CA LEU A 171 36.73 2.27 -5.70
C LEU A 171 36.06 3.65 -5.79
N ALA A 172 36.75 4.58 -6.45
CA ALA A 172 36.24 5.88 -6.71
C ALA A 172 36.73 6.45 -8.01
N PHE A 173 35.95 7.32 -8.62
CA PHE A 173 36.39 8.16 -9.70
C PHE A 173 36.20 9.62 -9.34
N ASP A 174 37.29 10.36 -9.33
CA ASP A 174 37.24 11.81 -9.21
C ASP A 174 38.42 12.34 -9.99
N PRO A 175 38.27 13.46 -10.68
CA PRO A 175 39.40 14.13 -11.32
C PRO A 175 40.40 14.65 -10.30
N TYR A 176 40.00 14.81 -9.07
CA TYR A 176 40.90 15.17 -8.00
C TYR A 176 40.89 14.18 -6.85
N PRO A 177 42.05 13.80 -6.36
CA PRO A 177 42.13 12.93 -5.20
C PRO A 177 41.81 13.67 -3.94
N SER A 178 41.31 12.97 -2.95
CA SER A 178 41.07 13.56 -1.67
C SER A 178 41.93 12.78 -0.73
N THR A 179 42.64 13.49 0.11
CA THR A 179 43.49 12.84 1.06
C THR A 179 42.70 11.97 2.02
N ALA A 180 41.55 12.47 2.44
CA ALA A 180 40.68 11.69 3.30
C ALA A 180 40.15 10.37 2.66
N ALA A 181 39.83 10.36 1.38
CA ALA A 181 39.50 9.13 0.69
C ALA A 181 40.67 8.18 0.65
N LEU A 182 41.85 8.70 0.38
CA LEU A 182 43.03 7.87 0.34
C LEU A 182 43.26 7.22 1.68
N ASP A 183 43.06 7.96 2.74
CA ASP A 183 43.19 7.48 4.12
C ASP A 183 42.27 6.36 4.47
N LEU A 184 41.09 6.36 3.90
CA LEU A 184 40.15 5.28 4.03
C LEU A 184 40.63 4.04 3.30
N GLY A 185 41.66 4.17 2.49
CA GLY A 185 42.07 3.10 1.61
C GLY A 185 41.33 2.96 0.32
N VAL A 186 40.69 4.04 -0.11
CA VAL A 186 40.00 4.11 -1.38
C VAL A 186 40.99 3.96 -2.52
N GLU A 187 40.65 3.20 -3.52
CA GLU A 187 41.48 3.11 -4.66
C GLU A 187 40.84 3.76 -5.87
N TYR A 188 41.46 4.82 -6.33
CA TYR A 188 41.03 5.55 -7.51
C TYR A 188 41.28 4.80 -8.80
N VAL A 189 40.28 4.76 -9.63
CA VAL A 189 40.32 4.12 -10.91
C VAL A 189 39.66 4.98 -11.97
N ASP A 190 39.92 4.65 -13.23
CA ASP A 190 39.24 5.22 -14.36
C ASP A 190 37.81 4.79 -14.27
N LEU A 191 36.97 5.54 -14.90
CA LEU A 191 35.57 5.30 -14.84
C LEU A 191 35.19 3.94 -15.35
N GLN A 192 35.80 3.53 -16.45
CA GLN A 192 35.44 2.28 -17.06
C GLN A 192 35.67 1.15 -16.14
N THR A 193 36.76 1.18 -15.41
CA THR A 193 37.05 0.18 -14.40
C THR A 193 36.02 0.23 -13.27
N LEU A 194 35.68 1.40 -12.81
CA LEU A 194 34.71 1.51 -11.77
C LEU A 194 33.42 0.88 -12.26
N PHE A 195 33.02 1.16 -13.49
CA PHE A 195 31.84 0.53 -14.07
C PHE A 195 31.94 -0.99 -14.12
N ALA A 196 33.08 -1.49 -14.51
CA ALA A 196 33.26 -2.91 -14.65
C ALA A 196 33.25 -3.71 -13.36
N GLU A 197 33.88 -3.19 -12.34
CA GLU A 197 34.07 -3.90 -11.12
C GLU A 197 33.04 -3.68 -9.99
N SER A 198 32.19 -2.68 -10.11
CA SER A 198 31.40 -2.25 -8.98
C SER A 198 30.08 -3.02 -8.82
N ASP A 199 29.88 -3.62 -7.68
CA ASP A 199 28.56 -4.09 -7.28
C ASP A 199 27.56 -2.98 -7.00
N VAL A 200 28.02 -1.97 -6.33
CA VAL A 200 27.22 -0.82 -5.99
C VAL A 200 27.87 0.49 -6.44
N ILE A 201 27.10 1.33 -7.08
CA ILE A 201 27.55 2.58 -7.58
C ILE A 201 26.70 3.70 -6.99
N SER A 202 27.37 4.64 -6.39
CA SER A 202 26.80 5.81 -5.88
C SER A 202 27.40 7.10 -6.43
N LEU A 203 26.55 7.97 -6.90
CA LEU A 203 26.94 9.27 -7.41
C LEU A 203 26.94 10.44 -6.42
N HIS A 204 28.09 11.01 -6.20
CA HIS A 204 28.24 12.16 -5.34
C HIS A 204 29.05 13.29 -5.97
N CYS A 205 28.59 13.83 -7.06
CA CYS A 205 29.31 14.85 -7.76
C CYS A 205 28.35 15.84 -8.35
N PRO A 206 28.77 17.06 -8.56
CA PRO A 206 27.94 18.04 -9.24
C PRO A 206 27.95 17.80 -10.72
N LEU A 207 26.93 18.31 -11.33
CA LEU A 207 26.74 18.21 -12.75
C LEU A 207 27.58 19.25 -13.43
N THR A 208 28.36 18.78 -14.38
CA THR A 208 29.22 19.62 -15.15
C THR A 208 28.95 19.34 -16.61
N PRO A 209 29.45 20.17 -17.46
CA PRO A 209 29.24 20.03 -18.87
C PRO A 209 29.90 18.76 -19.30
N GLU A 210 30.99 18.46 -18.63
CA GLU A 210 31.76 17.28 -18.90
C GLU A 210 31.24 15.97 -18.28
N ASN A 211 30.20 16.02 -17.48
CA ASN A 211 29.59 14.78 -16.99
C ASN A 211 28.12 14.57 -17.27
N TYR A 212 27.54 15.36 -18.14
CA TYR A 212 26.19 15.18 -18.53
C TYR A 212 26.02 13.82 -19.17
N HIS A 213 25.02 13.07 -18.77
CA HIS A 213 24.82 11.69 -19.15
C HIS A 213 26.06 10.80 -18.94
N LEU A 214 26.71 10.91 -17.80
CA LEU A 214 27.86 10.13 -17.50
C LEU A 214 27.51 8.68 -17.50
N LEU A 215 26.34 8.36 -16.99
CA LEU A 215 25.86 7.03 -17.01
C LEU A 215 24.93 6.87 -18.18
N ASN A 216 25.52 6.41 -19.24
CA ASN A 216 24.88 6.21 -20.50
C ASN A 216 24.86 4.75 -20.91
N HIS A 217 24.38 4.50 -22.11
CA HIS A 217 24.18 3.17 -22.60
C HIS A 217 25.46 2.38 -22.62
N ALA A 218 26.54 2.98 -23.06
CA ALA A 218 27.83 2.33 -23.03
C ALA A 218 28.29 2.01 -21.62
N ALA A 219 28.00 2.90 -20.68
CA ALA A 219 28.31 2.67 -19.30
C ALA A 219 27.58 1.48 -18.75
N PHE A 220 26.30 1.37 -19.06
CA PHE A 220 25.49 0.24 -18.64
C PHE A 220 25.96 -1.10 -19.20
N ASP A 221 26.39 -1.11 -20.45
CA ASP A 221 26.96 -2.29 -21.05
C ASP A 221 28.19 -2.77 -20.32
N GLN A 222 29.01 -1.86 -19.81
CA GLN A 222 30.17 -2.22 -19.01
C GLN A 222 29.90 -2.85 -17.63
N MET A 223 28.75 -2.53 -17.07
CA MET A 223 28.43 -2.89 -15.70
C MET A 223 28.13 -4.36 -15.52
N LYS A 224 28.32 -4.84 -14.32
CA LYS A 224 27.90 -6.14 -13.91
C LYS A 224 26.36 -6.29 -13.98
N ASN A 225 25.89 -7.45 -14.42
CA ASN A 225 24.49 -7.76 -14.32
C ASN A 225 24.09 -7.79 -12.83
N GLY A 226 22.96 -7.23 -12.49
CA GLY A 226 22.51 -7.11 -11.15
C GLY A 226 23.01 -5.90 -10.38
N VAL A 227 23.72 -5.01 -11.03
CA VAL A 227 24.27 -3.83 -10.41
C VAL A 227 23.22 -2.90 -9.72
N MET A 228 23.63 -2.39 -8.60
CA MET A 228 22.87 -1.38 -7.90
C MET A 228 23.42 0.02 -8.10
N ILE A 229 22.53 0.89 -8.48
CA ILE A 229 22.88 2.23 -8.79
C ILE A 229 22.10 3.16 -7.91
N ILE A 230 22.79 4.06 -7.25
CA ILE A 230 22.23 5.13 -6.45
C ILE A 230 22.61 6.52 -6.98
N ASN A 231 21.63 7.38 -7.16
CA ASN A 231 21.89 8.74 -7.45
C ASN A 231 21.18 9.72 -6.52
N THR A 232 21.91 10.23 -5.54
CA THR A 232 21.55 11.39 -4.76
C THR A 232 22.03 12.69 -5.37
N SER A 233 22.72 12.63 -6.47
CA SER A 233 23.08 13.81 -7.20
C SER A 233 22.04 14.16 -8.27
N ARG A 234 22.34 15.14 -9.08
CA ARG A 234 21.43 15.60 -10.12
C ARG A 234 21.10 14.51 -11.15
N GLY A 235 19.88 14.58 -11.62
CA GLY A 235 19.28 13.61 -12.50
C GLY A 235 20.02 13.44 -13.79
N ALA A 236 20.53 14.51 -14.33
CA ALA A 236 21.19 14.54 -15.61
C ALA A 236 22.55 13.84 -15.67
N LEU A 237 23.05 13.41 -14.54
CA LEU A 237 24.18 12.52 -14.50
C LEU A 237 23.84 11.16 -15.12
N ILE A 238 22.57 10.82 -15.12
CA ILE A 238 22.11 9.57 -15.70
C ILE A 238 21.23 9.80 -16.91
N ASP A 239 21.44 9.05 -17.96
CA ASP A 239 20.59 9.11 -19.12
C ASP A 239 19.44 8.19 -18.80
N SER A 240 18.31 8.81 -18.55
CA SER A 240 17.12 8.14 -18.09
C SER A 240 16.61 7.07 -19.04
N GLN A 241 16.59 7.33 -20.34
CA GLN A 241 16.20 6.30 -21.26
C GLN A 241 17.12 5.11 -21.28
N ALA A 242 18.41 5.33 -21.22
CA ALA A 242 19.33 4.23 -21.12
C ALA A 242 19.14 3.42 -19.84
N ALA A 243 18.86 4.09 -18.76
CA ALA A 243 18.61 3.47 -17.51
C ALA A 243 17.38 2.58 -17.55
N ILE A 244 16.31 3.05 -18.19
CA ILE A 244 15.11 2.27 -18.34
C ILE A 244 15.37 1.00 -19.14
N GLU A 245 16.11 1.11 -20.23
CA GLU A 245 16.46 -0.03 -21.04
C GLU A 245 17.27 -1.04 -20.24
N ALA A 246 18.25 -0.56 -19.52
CA ALA A 246 19.06 -1.41 -18.71
C ALA A 246 18.29 -2.07 -17.60
N LEU A 247 17.27 -1.43 -17.09
CA LEU A 247 16.37 -2.08 -16.18
C LEU A 247 15.58 -3.21 -16.80
N LYS A 248 15.08 -2.97 -18.00
CA LYS A 248 14.28 -3.93 -18.75
C LYS A 248 15.05 -5.18 -19.07
N ASN A 249 16.28 -5.04 -19.50
CA ASN A 249 17.07 -6.19 -19.85
C ASN A 249 17.83 -6.75 -18.69
N GLN A 250 17.58 -6.22 -17.52
CA GLN A 250 18.17 -6.75 -16.33
C GLN A 250 19.65 -6.54 -16.17
N LYS A 251 20.23 -5.62 -16.86
CA LYS A 251 21.54 -5.18 -16.49
C LYS A 251 21.52 -4.51 -15.10
N ILE A 252 20.64 -3.58 -14.85
CA ILE A 252 20.51 -2.97 -13.55
C ILE A 252 19.64 -3.79 -12.59
N GLY A 253 20.23 -4.25 -11.52
CA GLY A 253 19.52 -4.87 -10.47
C GLY A 253 18.61 -3.98 -9.65
N SER A 254 19.14 -2.86 -9.22
CA SER A 254 18.45 -1.92 -8.35
C SER A 254 18.79 -0.48 -8.70
N LEU A 255 17.79 0.36 -8.74
CA LEU A 255 17.98 1.75 -8.93
C LEU A 255 17.29 2.64 -7.91
N GLY A 256 18.10 3.43 -7.28
CA GLY A 256 17.69 4.44 -6.36
C GLY A 256 17.92 5.86 -6.81
N MET A 257 16.87 6.65 -6.87
CA MET A 257 16.98 8.04 -7.22
C MET A 257 16.29 9.03 -6.32
N ASP A 258 17.05 9.97 -5.83
CA ASP A 258 16.54 11.15 -5.19
C ASP A 258 16.27 12.25 -6.24
N VAL A 259 14.99 12.46 -6.49
CA VAL A 259 14.50 13.26 -7.60
C VAL A 259 14.31 14.70 -7.20
N TYR A 260 15.09 15.56 -7.81
CA TYR A 260 15.00 16.99 -7.64
C TYR A 260 13.67 17.56 -8.15
N GLU A 261 13.07 18.46 -7.41
CA GLU A 261 11.78 19.00 -7.84
C GLU A 261 11.89 19.65 -9.19
N ASN A 262 12.93 20.45 -9.35
CA ASN A 262 13.08 21.16 -10.58
C ASN A 262 13.38 20.24 -11.75
N GLU A 263 13.64 18.98 -11.44
CA GLU A 263 14.00 17.97 -12.43
C GLU A 263 12.95 16.96 -12.71
N ARG A 264 11.91 16.98 -11.92
CA ARG A 264 10.94 15.92 -11.97
C ARG A 264 10.33 15.91 -13.35
N ASP A 265 10.12 17.09 -13.89
CA ASP A 265 9.27 17.27 -15.08
C ASP A 265 9.85 16.70 -16.34
N LEU A 266 11.08 16.23 -16.27
CA LEU A 266 11.76 15.62 -17.39
C LEU A 266 11.89 14.13 -17.17
N PHE A 267 13.04 13.62 -16.74
CA PHE A 267 13.11 12.19 -16.54
C PHE A 267 12.62 11.37 -17.73
N PHE A 268 13.11 11.69 -18.91
CA PHE A 268 12.45 11.17 -20.09
C PHE A 268 12.44 9.64 -20.28
N GLU A 269 11.24 9.11 -20.41
CA GLU A 269 11.07 7.79 -20.92
C GLU A 269 11.68 7.85 -22.34
N ASP A 270 11.29 8.83 -23.20
CA ASP A 270 10.18 9.74 -22.96
C ASP A 270 9.23 9.87 -24.17
N LYS A 271 8.04 9.35 -23.99
CA LYS A 271 7.08 9.37 -25.08
C LYS A 271 6.75 10.80 -25.30
N SER A 272 6.34 11.09 -26.51
CA SER A 272 5.56 12.27 -26.73
C SER A 272 4.37 11.75 -27.52
N VAL A 273 3.14 12.11 -27.16
CA VAL A 273 2.75 12.74 -25.88
C VAL A 273 1.23 12.59 -25.67
N ASP A 274 0.78 12.42 -24.44
CA ASP A 274 -0.67 12.28 -24.24
C ASP A 274 -1.09 11.89 -22.81
N VAL A 275 -0.96 12.78 -21.82
CA VAL A 275 -0.30 14.08 -21.85
C VAL A 275 0.69 13.97 -20.70
N ILE A 276 1.58 14.94 -20.50
CA ILE A 276 2.81 14.70 -19.75
C ILE A 276 2.55 14.08 -18.38
N GLN A 277 3.32 13.03 -18.05
CA GLN A 277 3.06 12.29 -16.84
C GLN A 277 4.24 11.56 -16.29
N ASP A 278 4.09 11.19 -15.02
CA ASP A 278 5.01 10.43 -14.21
C ASP A 278 4.36 9.08 -14.00
N ASP A 279 3.74 8.60 -15.07
CA ASP A 279 3.35 7.23 -15.15
C ASP A 279 4.64 6.44 -15.04
N VAL A 280 5.72 7.01 -15.48
CA VAL A 280 7.03 6.37 -15.47
C VAL A 280 7.55 6.02 -14.07
N PHE A 281 7.31 6.88 -13.10
CA PHE A 281 7.64 6.61 -11.71
C PHE A 281 6.86 5.43 -11.24
N ARG A 282 5.59 5.40 -11.62
CA ARG A 282 4.74 4.28 -11.32
C ARG A 282 5.15 2.93 -11.96
N ARG A 283 5.45 2.95 -13.24
CA ARG A 283 5.83 1.76 -13.97
C ARG A 283 7.16 1.17 -13.51
N LEU A 284 8.14 2.03 -13.33
CA LEU A 284 9.40 1.62 -12.78
C LEU A 284 9.33 1.04 -11.35
N SER A 285 8.58 1.65 -10.44
CA SER A 285 8.44 1.18 -9.05
C SER A 285 7.80 -0.17 -8.95
N ALA A 286 6.79 -0.40 -9.79
CA ALA A 286 6.14 -1.68 -9.95
C ALA A 286 6.87 -2.84 -10.62
N CYS A 287 7.50 -2.58 -11.75
CA CYS A 287 8.15 -3.59 -12.59
C CYS A 287 9.56 -4.01 -12.18
N HIS A 288 10.19 -3.28 -11.29
CA HIS A 288 11.60 -3.45 -10.92
C HIS A 288 11.92 -3.07 -9.49
N ASN A 289 13.14 -3.34 -9.06
CA ASN A 289 13.60 -2.86 -7.79
C ASN A 289 14.02 -1.41 -7.94
N VAL A 290 13.07 -0.52 -8.02
CA VAL A 290 13.32 0.91 -8.16
C VAL A 290 12.69 1.74 -7.07
N LEU A 291 13.48 2.63 -6.50
CA LEU A 291 13.03 3.52 -5.48
C LEU A 291 13.26 4.98 -5.78
N PHE A 292 12.23 5.77 -5.70
CA PHE A 292 12.30 7.20 -5.82
C PHE A 292 12.07 7.88 -4.47
N THR A 293 12.87 8.86 -4.18
CA THR A 293 12.63 9.77 -3.10
C THR A 293 12.60 11.18 -3.69
N GLY A 294 11.85 12.01 -3.02
CA GLY A 294 11.58 13.37 -3.43
C GLY A 294 12.49 14.45 -2.95
N HIS A 295 13.72 14.41 -3.40
CA HIS A 295 14.70 15.34 -2.94
C HIS A 295 14.75 15.32 -1.43
N GLN A 296 14.90 14.13 -0.88
CA GLN A 296 14.83 13.84 0.51
C GLN A 296 16.16 13.74 1.23
N ALA A 297 17.26 13.82 0.53
CA ALA A 297 18.54 13.49 1.07
C ALA A 297 19.02 14.36 2.24
N PHE A 298 18.64 15.61 2.25
CA PHE A 298 19.04 16.50 3.27
C PHE A 298 18.05 16.56 4.42
N LEU A 299 17.01 15.76 4.35
CA LEU A 299 15.92 15.87 5.31
C LEU A 299 16.09 15.12 6.65
N THR A 300 16.89 15.70 7.52
CA THR A 300 17.03 15.30 8.91
C THR A 300 16.95 16.54 9.80
N ALA A 301 16.63 16.30 11.05
CA ALA A 301 16.47 17.36 11.98
C ALA A 301 17.76 18.16 12.08
N GLU A 302 18.89 17.50 12.21
CA GLU A 302 20.15 18.18 12.27
C GLU A 302 20.47 18.96 11.02
N ALA A 303 20.16 18.43 9.86
CA ALA A 303 20.36 19.14 8.60
C ALA A 303 19.47 20.36 8.43
N LEU A 304 18.24 20.24 8.86
CA LEU A 304 17.31 21.32 8.83
C LEU A 304 17.68 22.40 9.80
N ILE A 305 18.13 22.02 10.97
CA ILE A 305 18.57 22.98 11.94
C ILE A 305 19.73 23.76 11.31
N SER A 306 20.61 23.10 10.60
CA SER A 306 21.70 23.80 9.97
C SER A 306 21.28 24.78 8.90
N ILE A 307 20.36 24.35 8.09
CA ILE A 307 19.88 25.16 7.02
C ILE A 307 19.25 26.37 7.65
N SER A 308 18.56 26.18 8.75
CA SER A 308 17.91 27.26 9.44
C SER A 308 18.87 28.24 10.04
N GLU A 309 19.93 27.73 10.63
CA GLU A 309 20.92 28.61 11.23
C GLU A 309 21.62 29.46 10.21
N THR A 310 22.10 28.87 9.15
CA THR A 310 22.76 29.59 8.11
C THR A 310 21.83 30.64 7.48
N THR A 311 20.59 30.28 7.22
CA THR A 311 19.66 31.22 6.67
C THR A 311 19.41 32.41 7.60
N LEU A 312 19.08 32.17 8.85
CA LEU A 312 18.85 33.31 9.70
C LEU A 312 20.11 34.16 9.86
N GLN A 313 21.23 33.50 10.04
CA GLN A 313 22.45 34.22 10.19
C GLN A 313 22.71 35.01 8.96
N ASN A 314 22.40 34.41 7.83
CA ASN A 314 22.69 34.98 6.55
C ASN A 314 21.96 36.31 6.59
N LEU A 315 20.77 36.31 7.18
CA LEU A 315 19.97 37.52 7.29
C LEU A 315 20.58 38.55 8.22
N SER A 316 21.12 38.10 9.32
CA SER A 316 21.76 39.00 10.26
C SER A 316 22.96 39.70 9.62
N GLN A 317 23.73 38.98 8.80
CA GLN A 317 24.89 39.56 8.18
C GLN A 317 24.34 40.75 7.38
N LEU A 318 23.23 40.53 6.71
CA LEU A 318 22.63 41.55 5.89
C LEU A 318 22.12 42.74 6.66
N GLU A 319 21.36 42.47 7.70
CA GLU A 319 20.77 43.51 8.47
C GLU A 319 21.86 44.37 9.10
N LYS A 320 22.89 43.72 9.65
CA LYS A 320 24.06 44.41 10.21
C LYS A 320 24.82 45.07 9.08
N GLY A 321 24.56 44.67 7.87
CA GLY A 321 25.21 45.27 6.74
C GLY A 321 26.59 44.71 6.52
N GLU A 322 26.91 43.70 7.32
CA GLU A 322 28.14 42.98 7.17
C GLU A 322 28.03 42.11 5.95
N ALA A 323 29.14 41.55 5.53
CA ALA A 323 29.18 40.70 4.35
C ALA A 323 28.64 39.29 4.51
N CYS A 324 28.06 38.80 3.44
CA CYS A 324 27.68 37.43 3.45
C CYS A 324 28.54 36.62 2.54
N PRO A 325 29.20 35.65 3.12
CA PRO A 325 29.93 34.68 2.34
C PRO A 325 28.92 33.94 1.46
N ASN A 326 27.71 33.83 1.95
CA ASN A 326 26.69 33.12 1.22
C ASN A 326 25.91 34.04 0.31
N ALA A 327 26.27 35.32 0.32
CA ALA A 327 25.69 36.31 -0.55
C ALA A 327 26.12 36.00 -1.93
N LEU A 328 25.29 36.28 -2.90
CA LEU A 328 25.63 35.87 -4.25
C LEU A 328 26.22 36.99 -5.10
N PHE A 329 26.45 38.14 -4.48
CA PHE A 329 27.12 39.24 -5.10
C PHE A 329 27.27 40.37 -4.09
N LYS A 330 27.92 41.46 -4.50
CA LYS A 330 28.03 42.66 -3.66
C LYS A 330 27.18 43.81 -4.23
N MET B 1 21.58 -40.54 -1.93
CA MET B 1 20.62 -40.29 -0.86
C MET B 1 19.43 -39.49 -1.36
N LYS B 2 18.26 -39.85 -0.90
CA LYS B 2 17.06 -39.13 -1.20
C LYS B 2 16.61 -38.28 -0.02
N LEU B 3 16.47 -37.01 -0.29
CA LEU B 3 16.08 -36.04 0.71
C LEU B 3 14.71 -35.37 0.44
N ALA B 4 13.83 -35.46 1.41
CA ALA B 4 12.59 -34.75 1.36
C ALA B 4 12.63 -33.43 2.13
N VAL B 5 12.33 -32.35 1.45
CA VAL B 5 12.33 -31.03 2.05
C VAL B 5 10.92 -30.56 2.33
N TYR B 6 10.65 -30.24 3.57
CA TYR B 6 9.37 -29.70 3.99
C TYR B 6 9.33 -28.18 4.06
N SER B 7 8.17 -27.61 3.93
CA SER B 7 7.92 -26.18 4.08
C SER B 7 8.70 -25.34 3.09
N THR B 8 8.97 -25.91 1.94
CA THR B 8 9.86 -25.38 0.98
C THR B 8 9.35 -24.03 0.43
N LYS B 9 10.18 -23.03 0.44
CA LYS B 9 9.93 -21.78 -0.21
C LYS B 9 10.83 -21.74 -1.39
N GLN B 10 10.55 -20.84 -2.31
CA GLN B 10 11.26 -20.79 -3.55
C GLN B 10 12.77 -20.50 -3.42
N TYR B 11 13.16 -19.58 -2.57
CA TYR B 11 14.55 -19.39 -2.29
C TYR B 11 15.18 -20.65 -1.69
N ASP B 12 14.45 -21.38 -0.86
CA ASP B 12 14.97 -22.60 -0.29
C ASP B 12 15.31 -23.59 -1.41
N LYS B 13 14.37 -23.78 -2.31
CA LYS B 13 14.51 -24.70 -3.43
C LYS B 13 15.66 -24.29 -4.33
N LYS B 14 15.78 -23.01 -4.64
CA LYS B 14 16.82 -22.55 -5.51
C LYS B 14 18.23 -22.78 -4.97
N TYR B 15 18.48 -22.42 -3.75
CA TYR B 15 19.78 -22.62 -3.13
C TYR B 15 20.20 -24.04 -2.83
N LEU B 16 19.25 -24.85 -2.41
CA LEU B 16 19.46 -26.25 -2.22
C LEU B 16 19.75 -26.97 -3.52
N GLN B 17 19.02 -26.64 -4.58
CA GLN B 17 19.31 -27.16 -5.89
C GLN B 17 20.68 -26.71 -6.39
N GLN B 18 21.03 -25.46 -6.21
CA GLN B 18 22.32 -25.00 -6.65
C GLN B 18 23.47 -25.69 -5.91
N VAL B 19 23.37 -25.76 -4.61
CA VAL B 19 24.38 -26.36 -3.76
C VAL B 19 24.56 -27.86 -4.03
N ASN B 20 23.48 -28.53 -4.37
CA ASN B 20 23.42 -29.96 -4.60
C ASN B 20 24.21 -30.43 -5.84
N GLU B 21 24.65 -29.50 -6.66
CA GLU B 21 25.45 -29.82 -7.82
C GLU B 21 26.69 -30.52 -7.33
N ALA B 22 27.16 -30.16 -6.17
CA ALA B 22 28.32 -30.76 -5.62
C ALA B 22 28.09 -32.02 -4.79
N PHE B 23 26.85 -32.32 -4.49
CA PHE B 23 26.53 -33.42 -3.63
C PHE B 23 25.81 -34.58 -4.34
N GLY B 24 24.98 -34.26 -5.30
CA GLY B 24 24.26 -35.24 -6.05
C GLY B 24 23.14 -36.01 -5.38
N PHE B 25 22.57 -35.45 -4.34
CA PHE B 25 21.45 -36.03 -3.70
C PHE B 25 20.21 -36.01 -4.58
N GLU B 26 19.30 -36.91 -4.29
CA GLU B 26 17.99 -36.87 -4.85
C GLU B 26 17.09 -36.01 -3.97
N LEU B 27 16.68 -34.88 -4.49
CA LEU B 27 15.82 -33.96 -3.76
C LEU B 27 14.37 -34.01 -4.15
N GLU B 28 13.52 -34.15 -3.17
CA GLU B 28 12.11 -33.97 -3.33
C GLU B 28 11.61 -32.81 -2.47
N PHE B 29 10.98 -31.85 -3.09
CA PHE B 29 10.49 -30.64 -2.48
C PHE B 29 8.98 -30.62 -2.24
N PHE B 30 8.64 -30.47 -0.98
CA PHE B 30 7.30 -30.32 -0.53
C PHE B 30 7.06 -28.95 0.07
N ASP B 31 6.00 -28.32 -0.39
CA ASP B 31 5.57 -27.03 0.11
C ASP B 31 4.97 -27.00 1.49
N PHE B 32 4.41 -28.10 1.92
CA PHE B 32 3.63 -28.15 3.10
C PHE B 32 4.42 -28.52 4.34
N LEU B 33 3.83 -28.26 5.49
CA LEU B 33 4.36 -28.66 6.79
C LEU B 33 4.49 -30.17 7.02
N LEU B 34 5.56 -30.52 7.69
CA LEU B 34 5.77 -31.84 8.12
C LEU B 34 4.96 -31.95 9.36
N THR B 35 4.08 -32.92 9.37
CA THR B 35 3.24 -33.29 10.47
C THR B 35 3.20 -34.81 10.58
N GLU B 36 2.48 -35.26 11.58
CA GLU B 36 2.22 -36.64 11.79
C GLU B 36 1.48 -37.18 10.59
N LYS B 37 0.55 -36.42 10.07
CA LYS B 37 -0.16 -36.77 8.85
C LYS B 37 0.61 -36.82 7.54
N THR B 38 1.58 -35.96 7.38
CA THR B 38 2.33 -35.88 6.16
C THR B 38 3.65 -36.60 6.22
N ALA B 39 3.97 -37.18 7.35
CA ALA B 39 5.25 -37.86 7.53
C ALA B 39 5.42 -39.01 6.56
N LYS B 40 4.32 -39.65 6.19
CA LYS B 40 4.27 -40.76 5.26
C LYS B 40 4.79 -40.42 3.86
N THR B 41 4.78 -39.15 3.50
CA THR B 41 5.32 -38.66 2.23
C THR B 41 6.82 -38.78 2.13
N ALA B 42 7.44 -39.06 3.26
CA ALA B 42 8.88 -39.24 3.31
C ALA B 42 9.32 -40.68 3.07
N ASN B 43 8.37 -41.57 2.83
CA ASN B 43 8.73 -42.94 2.56
C ASN B 43 9.56 -43.03 1.31
N GLY B 44 10.65 -43.75 1.38
CA GLY B 44 11.65 -43.79 0.35
C GLY B 44 12.77 -42.79 0.48
N CYS B 45 12.75 -41.97 1.49
CA CYS B 45 13.81 -41.02 1.74
C CYS B 45 14.58 -41.40 2.99
N GLU B 46 15.89 -41.35 2.93
CA GLU B 46 16.70 -41.47 4.12
C GLU B 46 16.65 -40.31 5.06
N ALA B 47 16.41 -39.13 4.53
CA ALA B 47 16.46 -37.90 5.29
C ALA B 47 15.32 -36.96 5.02
N VAL B 48 15.11 -36.08 5.97
CA VAL B 48 14.27 -34.95 5.81
C VAL B 48 14.98 -33.71 6.25
N CYS B 49 14.63 -32.64 5.57
CA CYS B 49 15.06 -31.32 5.86
C CYS B 49 13.87 -30.44 6.19
N ILE B 50 13.90 -29.85 7.35
CA ILE B 50 12.80 -29.12 7.92
C ILE B 50 13.24 -27.76 8.37
N PHE B 51 12.29 -26.93 8.72
CA PHE B 51 12.50 -25.57 9.10
C PHE B 51 11.64 -25.31 10.34
N VAL B 52 11.55 -24.09 10.81
CA VAL B 52 11.05 -23.75 12.13
C VAL B 52 9.62 -24.09 12.48
N ASN B 53 8.73 -24.18 11.50
CA ASN B 53 7.35 -24.49 11.70
C ASN B 53 6.99 -25.96 11.59
N ASP B 54 7.90 -26.74 11.08
CA ASP B 54 7.74 -28.15 11.02
C ASP B 54 7.68 -28.83 12.37
N ASP B 55 6.85 -29.84 12.48
CA ASP B 55 6.58 -30.57 13.69
C ASP B 55 7.50 -31.76 13.79
N GLY B 56 8.37 -31.68 14.79
CA GLY B 56 9.35 -32.68 15.12
C GLY B 56 9.11 -33.36 16.45
N SER B 57 7.88 -33.33 16.92
CA SER B 57 7.48 -33.99 18.14
C SER B 57 7.46 -35.50 17.97
N ARG B 58 7.33 -36.20 19.07
CA ARG B 58 7.59 -37.61 19.11
C ARG B 58 6.68 -38.39 18.17
N PRO B 59 5.41 -38.12 18.08
CA PRO B 59 4.55 -38.84 17.15
C PRO B 59 5.02 -38.69 15.72
N VAL B 60 5.43 -37.50 15.32
CA VAL B 60 6.00 -37.33 14.00
C VAL B 60 7.27 -38.11 13.79
N LEU B 61 8.14 -38.06 14.78
CA LEU B 61 9.40 -38.80 14.72
C LEU B 61 9.15 -40.32 14.65
N GLU B 62 8.18 -40.80 15.40
CA GLU B 62 7.81 -42.18 15.35
C GLU B 62 7.37 -42.59 13.96
N GLU B 63 6.58 -41.78 13.33
CA GLU B 63 6.14 -42.00 11.97
C GLU B 63 7.22 -41.95 10.92
N LEU B 64 8.14 -41.01 11.07
CA LEU B 64 9.28 -40.93 10.20
C LEU B 64 10.13 -42.20 10.29
N LYS B 65 10.32 -42.69 11.48
CA LYS B 65 11.10 -43.90 11.67
C LYS B 65 10.45 -45.11 10.98
N LYS B 66 9.14 -45.20 11.08
CA LYS B 66 8.36 -46.23 10.50
C LYS B 66 8.48 -46.20 9.01
N HIS B 67 8.63 -45.02 8.46
CA HIS B 67 8.77 -44.85 7.02
C HIS B 67 10.20 -44.91 6.51
N GLY B 68 11.12 -45.33 7.34
CA GLY B 68 12.49 -45.53 6.92
C GLY B 68 13.50 -44.41 7.01
N VAL B 69 13.07 -43.26 7.48
CA VAL B 69 13.90 -42.09 7.63
C VAL B 69 14.95 -42.26 8.73
N LYS B 70 16.19 -41.93 8.40
CA LYS B 70 17.29 -41.97 9.34
C LYS B 70 17.74 -40.62 9.90
N TYR B 71 17.75 -39.63 9.04
CA TYR B 71 18.31 -38.37 9.38
C TYR B 71 17.30 -37.22 9.26
N ILE B 72 17.45 -36.27 10.16
CA ILE B 72 16.70 -35.05 10.17
C ILE B 72 17.61 -33.80 10.21
N ALA B 73 17.51 -33.00 9.17
CA ALA B 73 18.28 -31.80 9.03
C ALA B 73 17.44 -30.52 9.14
N LEU B 74 17.80 -29.72 10.11
CA LEU B 74 17.22 -28.43 10.26
C LEU B 74 18.06 -27.43 9.47
N ARG B 75 17.42 -26.74 8.53
CA ARG B 75 18.08 -25.64 7.80
C ARG B 75 17.91 -24.28 8.51
N CYS B 76 18.15 -24.30 9.80
CA CYS B 76 18.00 -23.19 10.68
C CYS B 76 18.75 -23.50 11.96
N ALA B 77 19.03 -22.45 12.70
CA ALA B 77 19.58 -22.48 14.04
C ALA B 77 18.69 -23.00 15.17
N GLY B 78 17.46 -22.54 15.23
CA GLY B 78 16.49 -23.02 16.20
C GLY B 78 16.10 -24.49 16.08
N PHE B 79 15.89 -25.10 17.23
CA PHE B 79 15.57 -26.50 17.28
C PHE B 79 14.54 -26.99 18.31
N ASN B 80 13.83 -26.08 18.94
CA ASN B 80 12.85 -26.38 19.93
C ASN B 80 11.67 -27.18 19.38
N ASN B 81 11.47 -27.13 18.07
CA ASN B 81 10.49 -27.92 17.39
C ASN B 81 10.75 -29.43 17.32
N VAL B 82 11.93 -29.86 17.69
CA VAL B 82 12.28 -31.25 17.60
C VAL B 82 12.47 -31.89 18.96
N ASP B 83 11.83 -33.01 19.20
CA ASP B 83 11.96 -33.71 20.47
C ASP B 83 13.20 -34.60 20.44
N LEU B 84 14.27 -34.06 20.97
CA LEU B 84 15.56 -34.70 20.96
C LEU B 84 15.61 -35.96 21.76
N ASP B 85 14.90 -35.98 22.86
CA ASP B 85 14.82 -37.17 23.70
C ASP B 85 14.20 -38.31 22.90
N ALA B 86 13.12 -38.04 22.21
CA ALA B 86 12.52 -39.00 21.36
C ALA B 86 13.40 -39.41 20.21
N ALA B 87 14.14 -38.47 19.62
CA ALA B 87 14.99 -38.79 18.50
C ALA B 87 16.07 -39.80 18.87
N LYS B 88 16.68 -39.64 20.02
CA LYS B 88 17.68 -40.59 20.53
C LYS B 88 17.09 -41.94 20.77
N GLU B 89 15.93 -41.96 21.38
CA GLU B 89 15.29 -43.19 21.66
C GLU B 89 15.02 -43.94 20.41
N LEU B 90 14.73 -43.25 19.32
CA LEU B 90 14.42 -43.90 18.06
C LEU B 90 15.59 -44.10 17.11
N GLY B 91 16.75 -43.66 17.49
CA GLY B 91 17.90 -43.81 16.64
C GLY B 91 17.93 -42.87 15.46
N LEU B 92 17.24 -41.76 15.59
CA LEU B 92 17.26 -40.73 14.58
C LEU B 92 18.32 -39.69 14.90
N GLN B 93 19.11 -39.33 13.91
CA GLN B 93 20.13 -38.34 14.10
C GLN B 93 19.67 -36.99 13.58
N VAL B 94 19.88 -35.99 14.39
CA VAL B 94 19.45 -34.65 14.12
C VAL B 94 20.60 -33.65 14.01
N VAL B 95 20.59 -32.91 12.92
CA VAL B 95 21.58 -31.92 12.66
C VAL B 95 20.97 -30.57 12.31
N ARG B 96 21.74 -29.51 12.49
CA ARG B 96 21.28 -28.15 12.26
C ARG B 96 22.33 -27.27 11.64
N VAL B 97 21.93 -26.05 11.37
CA VAL B 97 22.82 -24.99 11.04
C VAL B 97 23.20 -24.25 12.31
N PRO B 98 24.48 -24.12 12.60
CA PRO B 98 24.91 -23.56 13.89
C PRO B 98 24.54 -22.08 14.14
N ALA B 99 24.76 -21.23 13.15
CA ALA B 99 24.47 -19.83 13.22
C ALA B 99 24.31 -19.31 11.81
N TYR B 100 23.58 -18.21 11.62
CA TYR B 100 23.46 -17.53 10.36
C TYR B 100 24.63 -16.61 10.06
N SER B 101 24.82 -16.24 8.81
CA SER B 101 25.87 -15.35 8.47
C SER B 101 25.69 -14.12 9.30
N PRO B 102 26.71 -13.77 10.06
CA PRO B 102 26.70 -12.56 10.89
C PRO B 102 26.63 -11.24 10.09
N GLU B 103 27.30 -11.16 8.97
CA GLU B 103 27.15 -10.05 8.12
C GLU B 103 25.73 -9.89 7.57
N ALA B 104 25.12 -10.97 7.14
CA ALA B 104 23.77 -10.88 6.67
C ALA B 104 22.81 -10.37 7.77
N VAL B 105 22.91 -10.90 8.96
CA VAL B 105 22.06 -10.43 10.01
C VAL B 105 22.26 -8.98 10.44
N ALA B 106 23.51 -8.56 10.65
CA ALA B 106 23.81 -7.20 11.07
C ALA B 106 23.39 -6.17 10.01
N GLU B 107 23.63 -6.52 8.77
CA GLU B 107 23.22 -5.72 7.66
C GLU B 107 21.70 -5.52 7.59
N HIS B 108 20.93 -6.55 7.88
CA HIS B 108 19.50 -6.43 8.00
C HIS B 108 19.09 -5.46 9.12
N ALA B 109 19.71 -5.59 10.27
CA ALA B 109 19.41 -4.70 11.34
C ALA B 109 19.68 -3.23 11.01
N ILE B 110 20.81 -2.94 10.39
CA ILE B 110 21.14 -1.63 9.91
C ILE B 110 20.14 -1.18 8.81
N GLY B 111 19.75 -2.06 7.94
CA GLY B 111 18.80 -1.72 6.91
C GLY B 111 17.44 -1.27 7.45
N MET B 112 17.00 -1.97 8.45
CA MET B 112 15.82 -1.61 9.16
C MET B 112 15.94 -0.22 9.81
N MET B 113 17.08 0.04 10.41
CA MET B 113 17.33 1.26 11.12
C MET B 113 17.25 2.47 10.22
N MET B 114 17.94 2.40 9.11
CA MET B 114 17.91 3.40 8.10
C MET B 114 16.55 3.62 7.37
N THR B 115 15.85 2.55 7.07
CA THR B 115 14.55 2.63 6.43
C THR B 115 13.59 3.39 7.39
N LEU B 116 13.61 2.99 8.65
CA LEU B 116 12.91 3.63 9.72
C LEU B 116 13.36 5.03 10.01
N ASN B 117 14.66 5.29 10.00
CA ASN B 117 15.16 6.60 10.21
C ASN B 117 14.72 7.60 9.16
N ARG B 118 14.93 7.28 7.91
CA ARG B 118 14.58 8.17 6.83
C ARG B 118 13.14 7.98 6.34
N ARG B 119 12.43 7.09 6.99
CA ARG B 119 11.07 6.79 6.62
C ARG B 119 10.92 6.29 5.19
N ILE B 120 11.90 5.54 4.72
CA ILE B 120 12.02 5.14 3.34
C ILE B 120 10.88 4.26 2.87
N HIS B 121 10.40 3.40 3.74
CA HIS B 121 9.25 2.62 3.46
C HIS B 121 7.99 3.46 3.22
N ARG B 122 7.76 4.51 4.01
CA ARG B 122 6.72 5.50 3.74
C ARG B 122 6.93 6.29 2.48
N ALA B 123 8.15 6.70 2.19
CA ALA B 123 8.45 7.44 0.98
C ALA B 123 8.07 6.65 -0.25
N TYR B 124 8.39 5.37 -0.25
CA TYR B 124 8.10 4.48 -1.34
C TYR B 124 6.61 4.32 -1.59
N GLN B 125 5.84 4.16 -0.54
CA GLN B 125 4.43 4.03 -0.69
C GLN B 125 3.87 5.30 -1.32
N ARG B 126 4.37 6.46 -0.99
CA ARG B 126 4.02 7.64 -1.72
C ARG B 126 4.56 7.72 -3.13
N THR B 127 5.85 7.55 -3.31
CA THR B 127 6.49 7.73 -4.61
C THR B 127 6.15 6.71 -5.71
N ARG B 128 5.74 5.53 -5.33
CA ARG B 128 5.29 4.54 -6.27
C ARG B 128 4.04 5.03 -6.97
N ASP B 129 3.37 5.99 -6.37
CA ASP B 129 2.20 6.54 -6.96
C ASP B 129 2.42 8.00 -7.25
N ALA B 130 3.68 8.34 -7.42
CA ALA B 130 4.11 9.63 -7.82
C ALA B 130 3.75 10.74 -6.85
N ASN B 131 3.64 10.42 -5.58
CA ASN B 131 3.47 11.41 -4.56
C ASN B 131 4.81 11.76 -3.94
N PHE B 132 5.27 12.97 -4.11
CA PHE B 132 6.57 13.36 -3.62
C PHE B 132 6.63 14.19 -2.34
N SER B 133 5.51 14.27 -1.64
CA SER B 133 5.49 15.02 -0.41
C SER B 133 6.42 14.41 0.62
N LEU B 134 7.15 15.26 1.32
CA LEU B 134 8.08 14.87 2.37
C LEU B 134 7.63 15.03 3.82
N GLU B 135 6.40 15.48 4.00
CA GLU B 135 5.93 15.77 5.34
C GLU B 135 5.81 14.47 6.10
N GLY B 136 6.39 14.46 7.28
CA GLY B 136 6.44 13.30 8.11
C GLY B 136 7.59 12.35 7.85
N LEU B 137 8.41 12.64 6.86
CA LEU B 137 9.54 11.79 6.44
C LEU B 137 10.88 12.16 7.06
N THR B 138 10.87 13.18 7.87
CA THR B 138 12.09 13.71 8.42
C THR B 138 12.84 12.72 9.32
N GLY B 139 14.12 12.61 9.12
CA GLY B 139 14.95 11.76 9.93
C GLY B 139 15.90 12.45 10.89
N PHE B 140 16.92 11.71 11.27
CA PHE B 140 18.08 12.15 11.99
C PHE B 140 19.38 11.66 11.37
N THR B 141 20.38 12.49 11.44
CA THR B 141 21.71 12.12 11.09
C THR B 141 22.30 11.17 12.10
N MET B 142 22.76 10.03 11.64
CA MET B 142 23.45 9.07 12.47
C MET B 142 24.79 9.53 13.04
N HIS B 143 25.57 10.24 12.26
CA HIS B 143 26.92 10.62 12.59
C HIS B 143 26.91 11.46 13.84
N GLY B 144 27.71 11.06 14.80
CA GLY B 144 27.85 11.73 16.06
C GLY B 144 26.91 11.26 17.16
N LYS B 145 25.92 10.49 16.80
CA LYS B 145 25.02 9.87 17.73
C LYS B 145 25.60 8.66 18.41
N THR B 146 24.88 8.14 19.36
CA THR B 146 25.33 7.03 20.13
C THR B 146 24.54 5.77 19.85
N ALA B 147 25.23 4.68 19.59
CA ALA B 147 24.60 3.42 19.39
C ALA B 147 24.90 2.46 20.50
N GLY B 148 23.89 1.81 21.02
CA GLY B 148 24.02 0.77 21.99
C GLY B 148 23.68 -0.56 21.41
N VAL B 149 24.63 -1.46 21.44
CA VAL B 149 24.44 -2.84 21.01
C VAL B 149 24.44 -3.82 22.18
N ILE B 150 23.40 -4.60 22.25
CA ILE B 150 23.26 -5.57 23.30
C ILE B 150 23.53 -6.97 22.78
N GLY B 151 24.66 -7.48 23.23
CA GLY B 151 25.23 -8.73 22.77
C GLY B 151 26.36 -8.53 21.78
N THR B 152 27.51 -9.04 22.17
CA THR B 152 28.75 -8.95 21.40
C THR B 152 29.34 -10.27 20.89
N GLY B 153 28.46 -11.13 20.39
CA GLY B 153 28.80 -12.29 19.64
C GLY B 153 29.13 -11.80 18.25
N LYS B 154 29.22 -12.68 17.31
CA LYS B 154 29.60 -12.29 15.99
C LYS B 154 28.66 -11.27 15.29
N ILE B 155 27.37 -11.39 15.50
CA ILE B 155 26.45 -10.49 14.88
C ILE B 155 26.59 -9.11 15.40
N GLY B 156 26.62 -8.97 16.71
CA GLY B 156 26.73 -7.69 17.34
C GLY B 156 28.01 -7.00 16.89
N VAL B 157 29.08 -7.75 16.88
CA VAL B 157 30.33 -7.22 16.41
C VAL B 157 30.27 -6.80 14.94
N ALA B 158 29.66 -7.58 14.11
CA ALA B 158 29.43 -7.18 12.75
C ALA B 158 28.56 -5.92 12.67
N ALA B 159 27.57 -5.83 13.52
CA ALA B 159 26.82 -4.61 13.56
C ALA B 159 27.63 -3.39 13.99
N LEU B 160 28.49 -3.54 14.98
CA LEU B 160 29.33 -2.49 15.50
C LEU B 160 30.28 -1.97 14.43
N ARG B 161 30.78 -2.84 13.58
CA ARG B 161 31.63 -2.41 12.50
C ARG B 161 30.87 -1.46 11.56
N ILE B 162 29.66 -1.78 11.19
CA ILE B 162 28.90 -0.91 10.37
C ILE B 162 28.63 0.43 11.07
N LEU B 163 28.22 0.37 12.30
CA LEU B 163 27.92 1.52 13.10
C LEU B 163 29.11 2.46 13.30
N LYS B 164 30.30 1.90 13.43
CA LYS B 164 31.52 2.66 13.52
C LYS B 164 31.70 3.48 12.27
N GLY B 165 31.40 2.90 11.14
CA GLY B 165 31.47 3.55 9.87
C GLY B 165 30.54 4.74 9.70
N PHE B 166 29.42 4.72 10.38
CA PHE B 166 28.54 5.86 10.49
C PHE B 166 29.12 7.02 11.35
N GLY B 167 30.23 6.82 12.02
CA GLY B 167 30.77 7.82 12.89
C GLY B 167 29.97 7.99 14.16
N MET B 168 29.32 6.94 14.56
CA MET B 168 28.71 6.77 15.85
C MET B 168 29.64 6.39 17.01
N ARG B 169 29.34 6.95 18.17
CA ARG B 169 29.90 6.54 19.41
C ARG B 169 29.30 5.21 19.78
N LEU B 170 30.13 4.25 20.06
CA LEU B 170 29.64 2.93 20.31
C LEU B 170 29.68 2.47 21.75
N LEU B 171 28.55 1.99 22.22
CA LEU B 171 28.44 1.28 23.47
C LEU B 171 27.85 -0.11 23.31
N ALA B 172 28.28 -1.03 24.13
CA ALA B 172 27.70 -2.34 24.18
C ALA B 172 27.50 -2.86 25.59
N PHE B 173 26.69 -3.85 25.73
CA PHE B 173 26.56 -4.60 26.95
C PHE B 173 26.64 -6.04 26.58
N ASP B 174 27.48 -6.80 27.25
CA ASP B 174 27.45 -8.23 27.18
C ASP B 174 27.92 -8.73 28.53
N PRO B 175 27.34 -9.77 29.06
CA PRO B 175 27.85 -10.32 30.30
C PRO B 175 29.31 -10.78 30.12
N TYR B 176 29.68 -11.30 28.97
CA TYR B 176 31.07 -11.54 28.70
C TYR B 176 31.64 -10.67 27.58
N PRO B 177 32.26 -9.55 27.92
CA PRO B 177 32.80 -8.68 26.90
C PRO B 177 33.86 -9.30 25.99
N SER B 178 33.81 -8.92 24.72
CA SER B 178 34.66 -9.47 23.69
C SER B 178 35.85 -8.61 23.34
N THR B 179 36.93 -9.28 23.02
CA THR B 179 38.13 -8.67 22.52
C THR B 179 37.90 -7.94 21.23
N ALA B 180 37.16 -8.55 20.35
CA ALA B 180 36.93 -8.00 19.06
C ALA B 180 36.27 -6.67 19.18
N ALA B 181 35.29 -6.55 20.05
CA ALA B 181 34.66 -5.27 20.27
C ALA B 181 35.56 -4.21 20.88
N LEU B 182 36.34 -4.61 21.86
CA LEU B 182 37.18 -3.71 22.55
C LEU B 182 38.19 -3.10 21.58
N ASP B 183 38.71 -3.93 20.72
CA ASP B 183 39.58 -3.56 19.63
C ASP B 183 38.93 -2.61 18.62
N LEU B 184 37.61 -2.70 18.46
CA LEU B 184 36.81 -1.77 17.66
C LEU B 184 36.65 -0.35 18.21
N GLY B 185 36.92 -0.13 19.48
CA GLY B 185 36.62 1.12 20.10
C GLY B 185 35.33 1.18 20.88
N VAL B 186 34.75 0.05 21.12
CA VAL B 186 33.53 -0.04 21.87
C VAL B 186 33.77 0.15 23.34
N GLU B 187 32.93 0.93 23.96
CA GLU B 187 32.87 1.06 25.37
C GLU B 187 31.84 0.11 25.96
N TYR B 188 32.30 -0.88 26.66
CA TYR B 188 31.41 -1.68 27.44
C TYR B 188 30.90 -0.94 28.67
N VAL B 189 29.60 -1.01 28.84
CA VAL B 189 28.88 -0.32 29.84
C VAL B 189 27.83 -1.20 30.46
N ASP B 190 27.33 -0.78 31.60
CA ASP B 190 26.19 -1.40 32.21
C ASP B 190 24.93 -1.07 31.43
N LEU B 191 23.89 -1.84 31.63
CA LEU B 191 22.67 -1.62 30.90
C LEU B 191 21.97 -0.29 31.09
N GLN B 192 21.87 0.16 32.31
CA GLN B 192 21.22 1.41 32.56
C GLN B 192 21.94 2.52 31.86
N THR B 193 23.26 2.46 31.82
CA THR B 193 24.00 3.43 31.08
C THR B 193 23.68 3.36 29.56
N LEU B 194 23.61 2.15 29.05
CA LEU B 194 23.29 1.95 27.66
C LEU B 194 21.91 2.49 27.28
N PHE B 195 20.94 2.23 28.11
CA PHE B 195 19.60 2.77 27.97
C PHE B 195 19.52 4.31 28.01
N ALA B 196 20.22 4.90 28.93
CA ALA B 196 20.26 6.32 29.09
C ALA B 196 20.91 7.10 27.97
N GLU B 197 22.05 6.61 27.51
CA GLU B 197 22.82 7.30 26.52
C GLU B 197 22.62 7.01 25.03
N SER B 198 21.92 5.95 24.70
CA SER B 198 21.79 5.48 23.34
C SER B 198 20.71 6.16 22.54
N ASP B 199 21.05 6.77 21.44
CA ASP B 199 20.09 7.11 20.41
C ASP B 199 19.48 5.91 19.63
N VAL B 200 20.28 4.89 19.39
CA VAL B 200 19.85 3.70 18.69
C VAL B 200 20.28 2.47 19.44
N ILE B 201 19.39 1.53 19.60
CA ILE B 201 19.68 0.35 20.33
C ILE B 201 19.33 -0.85 19.48
N SER B 202 20.23 -1.80 19.38
CA SER B 202 20.02 -3.01 18.62
C SER B 202 20.35 -4.24 19.37
N LEU B 203 19.48 -5.20 19.32
CA LEU B 203 19.66 -6.43 20.04
C LEU B 203 20.20 -7.57 19.20
N HIS B 204 21.35 -8.08 19.63
CA HIS B 204 22.03 -9.19 19.05
C HIS B 204 22.47 -10.18 20.11
N CYS B 205 21.53 -10.76 20.81
CA CYS B 205 21.85 -11.69 21.81
C CYS B 205 20.89 -12.80 21.83
N PRO B 206 21.29 -13.93 22.32
CA PRO B 206 20.41 -15.06 22.53
C PRO B 206 19.47 -14.83 23.70
N LEU B 207 18.38 -15.54 23.70
CA LEU B 207 17.45 -15.44 24.78
C LEU B 207 17.82 -16.34 25.97
N THR B 208 17.95 -15.74 27.13
CA THR B 208 18.26 -16.46 28.35
C THR B 208 17.35 -16.07 29.47
N PRO B 209 17.39 -16.81 30.56
CA PRO B 209 16.53 -16.50 31.69
C PRO B 209 16.84 -15.11 32.21
N GLU B 210 18.10 -14.75 32.18
CA GLU B 210 18.52 -13.45 32.61
C GLU B 210 17.99 -12.26 31.81
N ASN B 211 17.75 -12.46 30.55
CA ASN B 211 17.33 -11.40 29.72
C ASN B 211 15.89 -11.45 29.18
N TYR B 212 15.08 -12.37 29.66
CA TYR B 212 13.66 -12.38 29.28
C TYR B 212 13.00 -11.06 29.71
N HIS B 213 12.34 -10.43 28.78
CA HIS B 213 11.84 -9.09 28.98
C HIS B 213 12.87 -8.10 29.43
N LEU B 214 14.05 -8.21 28.87
CA LEU B 214 15.10 -7.33 29.20
C LEU B 214 14.68 -5.91 28.93
N LEU B 215 13.98 -5.70 27.82
CA LEU B 215 13.43 -4.41 27.54
C LEU B 215 11.98 -4.31 28.02
N ASN B 216 11.84 -3.73 29.20
CA ASN B 216 10.57 -3.60 29.89
C ASN B 216 10.25 -2.14 30.22
N HIS B 217 9.23 -1.90 31.03
CA HIS B 217 8.75 -0.56 31.31
C HIS B 217 9.84 0.27 31.95
N ALA B 218 10.55 -0.31 32.90
CA ALA B 218 11.68 0.36 33.48
C ALA B 218 12.79 0.62 32.51
N ALA B 219 13.06 -0.32 31.63
CA ALA B 219 14.03 -0.05 30.60
C ALA B 219 13.58 1.13 29.75
N PHE B 220 12.33 1.13 29.36
CA PHE B 220 11.81 2.20 28.54
C PHE B 220 11.88 3.57 29.21
N ASP B 221 11.61 3.66 30.50
CA ASP B 221 11.68 4.93 31.20
C ASP B 221 13.03 5.52 31.26
N GLN B 222 14.02 4.69 31.38
CA GLN B 222 15.39 5.12 31.39
C GLN B 222 15.84 5.69 30.06
N MET B 223 15.20 5.28 28.98
CA MET B 223 15.60 5.67 27.65
C MET B 223 15.34 7.11 27.28
N LYS B 224 16.07 7.58 26.31
CA LYS B 224 15.85 8.84 25.67
C LYS B 224 14.57 8.84 24.87
N ASN B 225 13.83 9.94 24.96
CA ASN B 225 12.63 10.09 24.16
C ASN B 225 13.00 10.14 22.71
N GLY B 226 12.30 9.38 21.89
CA GLY B 226 12.59 9.25 20.50
C GLY B 226 13.57 8.16 20.16
N VAL B 227 13.86 7.28 21.07
CA VAL B 227 14.85 6.28 20.86
C VAL B 227 14.43 5.33 19.75
N MET B 228 15.38 4.93 18.95
CA MET B 228 15.15 3.88 18.00
C MET B 228 15.58 2.53 18.52
N ILE B 229 14.71 1.60 18.39
CA ILE B 229 14.93 0.28 18.84
C ILE B 229 14.77 -0.72 17.73
N ILE B 230 15.81 -1.50 17.52
CA ILE B 230 15.86 -2.57 16.54
C ILE B 230 16.09 -3.93 17.18
N ASN B 231 15.23 -4.88 16.91
CA ASN B 231 15.38 -6.24 17.38
C ASN B 231 15.38 -7.29 16.29
N THR B 232 16.55 -7.74 15.91
CA THR B 232 16.68 -8.92 15.08
C THR B 232 16.96 -10.18 15.89
N SER B 233 17.05 -10.04 17.18
CA SER B 233 17.08 -11.18 18.06
C SER B 233 15.67 -11.63 18.41
N ARG B 234 15.51 -12.54 19.35
CA ARG B 234 14.22 -13.09 19.65
C ARG B 234 13.29 -12.11 20.28
N GLY B 235 12.02 -12.39 20.06
CA GLY B 235 10.94 -11.53 20.47
C GLY B 235 10.85 -11.31 21.93
N ALA B 236 11.10 -12.37 22.68
CA ALA B 236 10.96 -12.38 24.11
C ALA B 236 11.92 -11.45 24.79
N LEU B 237 12.88 -10.95 24.06
CA LEU B 237 13.78 -9.95 24.56
C LEU B 237 13.06 -8.65 24.96
N ILE B 238 11.93 -8.40 24.33
CA ILE B 238 11.18 -7.20 24.55
C ILE B 238 9.83 -7.58 25.14
N ASP B 239 9.36 -6.81 26.09
CA ASP B 239 8.01 -6.92 26.59
C ASP B 239 7.21 -6.07 25.65
N SER B 240 6.52 -6.72 24.76
CA SER B 240 5.84 -6.06 23.68
C SER B 240 4.75 -5.14 24.15
N GLN B 241 4.04 -5.52 25.18
CA GLN B 241 3.00 -4.73 25.74
C GLN B 241 3.56 -3.45 26.26
N ALA B 242 4.70 -3.53 26.91
CA ALA B 242 5.44 -2.36 27.30
C ALA B 242 5.95 -1.54 26.16
N ALA B 243 6.41 -2.19 25.11
CA ALA B 243 6.84 -1.48 23.92
C ALA B 243 5.68 -0.71 23.27
N ILE B 244 4.50 -1.30 23.23
CA ILE B 244 3.33 -0.61 22.73
C ILE B 244 3.02 0.65 23.51
N GLU B 245 3.03 0.59 24.83
CA GLU B 245 2.79 1.76 25.64
C GLU B 245 3.79 2.86 25.46
N ALA B 246 5.06 2.51 25.36
CA ALA B 246 6.13 3.46 25.09
C ALA B 246 6.00 4.11 23.75
N LEU B 247 5.53 3.35 22.78
CA LEU B 247 5.18 3.92 21.51
C LEU B 247 4.05 4.94 21.63
N LYS B 248 2.98 4.62 22.35
CA LYS B 248 1.88 5.54 22.51
C LYS B 248 2.32 6.81 23.18
N ASN B 249 3.13 6.65 24.19
CA ASN B 249 3.60 7.75 24.96
C ASN B 249 4.74 8.44 24.28
N GLN B 250 5.15 7.93 23.14
CA GLN B 250 6.26 8.48 22.41
C GLN B 250 7.60 8.46 23.13
N LYS B 251 7.78 7.50 24.01
CA LYS B 251 9.08 7.16 24.52
C LYS B 251 9.96 6.60 23.39
N ILE B 252 9.44 5.65 22.64
CA ILE B 252 10.12 5.11 21.47
C ILE B 252 9.85 5.89 20.19
N GLY B 253 10.87 6.44 19.58
CA GLY B 253 10.75 7.02 18.26
C GLY B 253 10.41 6.08 17.10
N SER B 254 11.08 4.93 17.06
CA SER B 254 10.97 3.94 16.00
C SER B 254 11.26 2.57 16.51
N LEU B 255 10.53 1.61 16.01
CA LEU B 255 10.78 0.25 16.31
C LEU B 255 10.77 -0.71 15.10
N GLY B 256 11.82 -1.51 14.97
CA GLY B 256 11.96 -2.56 14.01
C GLY B 256 12.17 -3.93 14.61
N MET B 257 11.34 -4.85 14.16
CA MET B 257 11.33 -6.18 14.72
C MET B 257 11.31 -7.21 13.62
N ASP B 258 12.25 -8.11 13.66
CA ASP B 258 12.24 -9.25 12.80
C ASP B 258 11.51 -10.37 13.55
N VAL B 259 10.36 -10.73 13.04
CA VAL B 259 9.45 -11.63 13.71
C VAL B 259 9.66 -13.10 13.34
N TYR B 260 10.15 -13.83 14.30
CA TYR B 260 10.39 -15.25 14.17
C TYR B 260 9.07 -15.92 13.98
N GLU B 261 9.04 -16.89 13.10
CA GLU B 261 7.82 -17.56 12.72
C GLU B 261 7.19 -18.23 13.88
N ASN B 262 8.01 -18.87 14.67
CA ASN B 262 7.56 -19.58 15.84
C ASN B 262 7.09 -18.67 16.94
N GLU B 263 7.29 -17.38 16.80
CA GLU B 263 6.91 -16.45 17.81
C GLU B 263 5.79 -15.54 17.37
N ARG B 264 5.33 -15.70 16.14
CA ARG B 264 4.39 -14.77 15.56
C ARG B 264 3.13 -14.71 16.37
N ASP B 265 2.67 -15.87 16.80
CA ASP B 265 1.42 -16.01 17.50
C ASP B 265 1.43 -15.21 18.79
N LEU B 266 2.57 -15.12 19.46
CA LEU B 266 2.81 -14.18 20.57
C LEU B 266 3.29 -12.83 20.09
N PHE B 267 3.65 -11.95 21.02
CA PHE B 267 3.63 -10.49 20.87
C PHE B 267 2.24 -10.04 21.28
N PHE B 268 2.03 -9.84 22.57
CA PHE B 268 0.68 -9.74 23.14
C PHE B 268 -0.16 -8.48 22.90
N GLU B 269 -1.44 -8.71 22.66
CA GLU B 269 -2.32 -7.65 22.21
C GLU B 269 -2.60 -6.59 23.23
N ASP B 270 -3.16 -6.95 24.38
CA ASP B 270 -3.78 -8.24 24.62
C ASP B 270 -5.27 -8.00 24.91
N LYS B 271 -5.76 -8.71 25.92
CA LYS B 271 -7.12 -9.18 26.12
C LYS B 271 -7.26 -10.63 25.60
N SER B 272 -6.21 -11.15 24.96
CA SER B 272 -6.08 -12.57 24.65
C SER B 272 -7.15 -12.85 23.63
N VAL B 273 -8.34 -12.43 23.99
CA VAL B 273 -9.43 -12.28 23.07
C VAL B 273 -9.78 -13.56 22.32
N ASP B 274 -9.93 -13.44 21.00
CA ASP B 274 -10.78 -14.29 20.15
C ASP B 274 -10.24 -15.56 19.43
N VAL B 275 -9.08 -16.03 19.84
CA VAL B 275 -8.36 -15.30 20.81
C VAL B 275 -7.02 -15.07 20.14
N ILE B 276 -6.69 -13.79 19.96
CA ILE B 276 -5.38 -13.36 19.50
C ILE B 276 -5.36 -13.05 18.00
N GLN B 277 -4.75 -11.91 17.66
CA GLN B 277 -4.70 -11.39 16.30
C GLN B 277 -3.52 -10.48 16.04
N ASP B 278 -3.28 -10.23 14.75
CA ASP B 278 -2.19 -9.41 14.26
C ASP B 278 -2.73 -8.18 13.58
N ASP B 279 -3.86 -7.73 14.07
CA ASP B 279 -4.32 -6.42 13.77
C ASP B 279 -3.37 -5.41 14.42
N VAL B 280 -2.69 -5.88 15.44
CA VAL B 280 -1.68 -5.12 16.09
C VAL B 280 -0.48 -4.81 15.19
N PHE B 281 -0.10 -5.76 14.34
CA PHE B 281 0.92 -5.51 13.35
C PHE B 281 0.42 -4.42 12.40
N ARG B 282 -0.85 -4.53 12.02
CA ARG B 282 -1.48 -3.57 11.14
C ARG B 282 -1.55 -2.17 11.75
N ARG B 283 -1.94 -2.11 13.00
CA ARG B 283 -2.05 -0.86 13.69
C ARG B 283 -0.71 -0.15 13.92
N LEU B 284 0.27 -0.91 14.37
CA LEU B 284 1.55 -0.39 14.73
C LEU B 284 2.23 0.18 13.54
N SER B 285 2.13 -0.55 12.45
CA SER B 285 2.71 -0.14 11.20
C SER B 285 2.10 1.17 10.72
N ALA B 286 0.79 1.29 10.85
CA ALA B 286 0.06 2.48 10.51
C ALA B 286 0.17 3.70 11.42
N CYS B 287 0.07 3.50 12.71
CA CYS B 287 0.07 4.59 13.68
C CYS B 287 1.42 5.11 14.17
N HIS B 288 2.48 4.36 13.94
CA HIS B 288 3.83 4.63 14.47
C HIS B 288 4.95 4.46 13.44
N ASN B 289 6.17 4.86 13.79
CA ASN B 289 7.32 4.53 12.95
C ASN B 289 7.76 3.11 13.31
N VAL B 290 7.00 2.13 12.88
CA VAL B 290 7.17 0.73 13.17
C VAL B 290 7.36 -0.15 11.93
N LEU B 291 8.26 -1.09 11.96
CA LEU B 291 8.50 -1.99 10.87
C LEU B 291 8.72 -3.42 11.29
N PHE B 292 7.96 -4.32 10.71
CA PHE B 292 8.15 -5.74 10.82
C PHE B 292 8.71 -6.34 9.56
N THR B 293 9.57 -7.34 9.71
CA THR B 293 9.98 -8.21 8.64
C THR B 293 9.79 -9.61 9.18
N GLY B 294 9.49 -10.56 8.32
CA GLY B 294 9.15 -11.87 8.77
C GLY B 294 10.31 -12.82 8.94
N HIS B 295 11.19 -12.59 9.89
CA HIS B 295 12.40 -13.37 9.99
C HIS B 295 13.18 -13.35 8.68
N GLN B 296 13.46 -12.18 8.17
CA GLN B 296 14.15 -11.95 6.91
C GLN B 296 15.65 -11.70 7.06
N ALA B 297 16.17 -11.74 8.27
CA ALA B 297 17.55 -11.31 8.55
C ALA B 297 18.67 -12.08 7.83
N PHE B 298 18.46 -13.36 7.61
CA PHE B 298 19.40 -14.20 6.92
C PHE B 298 19.07 -14.34 5.44
N LEU B 299 18.16 -13.54 4.95
CA LEU B 299 17.70 -13.66 3.57
C LEU B 299 18.52 -12.93 2.51
N THR B 300 19.74 -13.40 2.27
CA THR B 300 20.58 -12.97 1.18
C THR B 300 21.08 -14.22 0.50
N ALA B 301 21.53 -14.08 -0.73
CA ALA B 301 21.97 -15.18 -1.49
C ALA B 301 23.14 -15.87 -0.79
N GLU B 302 24.10 -15.09 -0.33
CA GLU B 302 25.28 -15.62 0.27
C GLU B 302 24.97 -16.39 1.53
N ALA B 303 24.14 -15.84 2.39
CA ALA B 303 23.67 -16.51 3.60
C ALA B 303 22.84 -17.79 3.38
N LEU B 304 21.95 -17.76 2.40
CA LEU B 304 21.19 -18.91 1.98
C LEU B 304 22.08 -20.01 1.39
N ILE B 305 23.05 -19.65 0.61
CA ILE B 305 24.02 -20.62 0.13
C ILE B 305 24.76 -21.32 1.28
N SER B 306 25.11 -20.58 2.32
CA SER B 306 25.80 -21.13 3.46
C SER B 306 24.95 -22.10 4.18
N ILE B 307 23.69 -21.75 4.34
CA ILE B 307 22.75 -22.59 5.02
C ILE B 307 22.63 -23.89 4.26
N SER B 308 22.51 -23.80 2.95
CA SER B 308 22.42 -24.95 2.10
C SER B 308 23.67 -25.82 2.11
N GLU B 309 24.85 -25.20 2.07
CA GLU B 309 26.10 -25.92 2.06
C GLU B 309 26.21 -26.72 3.32
N THR B 310 25.91 -26.08 4.42
CA THR B 310 25.98 -26.69 5.71
C THR B 310 25.03 -27.86 5.84
N THR B 311 23.83 -27.68 5.36
CA THR B 311 22.83 -28.68 5.44
C THR B 311 23.15 -29.96 4.67
N LEU B 312 23.53 -29.83 3.40
CA LEU B 312 23.97 -30.95 2.62
C LEU B 312 25.26 -31.62 3.15
N GLN B 313 26.23 -30.83 3.53
CA GLN B 313 27.43 -31.33 4.11
C GLN B 313 27.13 -32.04 5.41
N ASN B 314 26.23 -31.53 6.24
CA ASN B 314 25.91 -32.29 7.43
C ASN B 314 25.36 -33.67 7.07
N LEU B 315 24.46 -33.71 6.10
CA LEU B 315 23.88 -34.96 5.63
C LEU B 315 24.88 -35.94 5.03
N SER B 316 25.81 -35.49 4.22
CA SER B 316 26.81 -36.38 3.69
C SER B 316 27.67 -37.00 4.78
N GLN B 317 28.02 -36.20 5.76
CA GLN B 317 28.74 -36.67 6.90
C GLN B 317 27.95 -37.73 7.62
N LEU B 318 26.66 -37.55 7.82
CA LEU B 318 25.86 -38.59 8.41
C LEU B 318 25.78 -39.92 7.60
N GLU B 319 25.58 -39.83 6.31
CA GLU B 319 25.56 -41.00 5.47
C GLU B 319 26.88 -41.71 5.37
N LYS B 320 27.95 -40.97 5.38
CA LYS B 320 29.25 -41.51 5.33
C LYS B 320 29.72 -41.99 6.70
N GLY B 321 28.95 -41.77 7.71
CA GLY B 321 29.32 -42.20 9.03
C GLY B 321 30.41 -41.39 9.69
N GLU B 322 30.70 -40.21 9.18
CA GLU B 322 31.61 -39.24 9.76
C GLU B 322 30.93 -38.44 10.86
N ALA B 323 31.67 -37.98 11.85
CA ALA B 323 31.09 -37.27 12.95
C ALA B 323 30.73 -35.87 12.55
N CYS B 324 29.46 -35.54 12.64
CA CYS B 324 29.02 -34.26 12.21
C CYS B 324 28.99 -33.33 13.40
N PRO B 325 29.71 -32.24 13.30
CA PRO B 325 29.87 -31.30 14.42
C PRO B 325 28.58 -30.55 14.74
N ASN B 326 27.62 -30.64 13.84
CA ASN B 326 26.30 -30.04 13.98
C ASN B 326 25.22 -30.90 14.63
N ALA B 327 25.57 -32.11 15.01
CA ALA B 327 24.63 -33.01 15.68
C ALA B 327 24.13 -32.49 17.01
N LEU B 328 22.84 -32.66 17.19
CA LEU B 328 22.15 -32.23 18.35
C LEU B 328 21.85 -33.41 19.26
N PHE B 329 21.88 -33.16 20.54
CA PHE B 329 21.67 -34.15 21.58
C PHE B 329 20.80 -33.49 22.62
N LYS B 330 20.12 -34.29 23.40
CA LYS B 330 19.16 -33.82 24.38
C LYS B 330 19.65 -32.99 25.59
N HIS B 331 20.88 -33.21 26.00
CA HIS B 331 21.52 -32.41 27.05
C HIS B 331 22.04 -31.05 26.57
N HIS B 332 21.80 -30.72 25.32
CA HIS B 332 22.16 -29.45 24.75
C HIS B 332 21.45 -28.39 25.57
N HIS B 333 22.15 -27.30 25.80
CA HIS B 333 21.80 -26.35 26.79
C HIS B 333 20.65 -25.45 26.36
N HIS B 334 20.33 -25.48 25.09
CA HIS B 334 19.40 -24.53 24.50
C HIS B 334 18.14 -25.05 23.72
N HIS B 335 17.42 -26.11 24.07
CA HIS B 335 17.69 -27.10 25.08
C HIS B 335 18.00 -28.43 24.46
N MET C 1 -19.23 -41.03 7.49
CA MET C 1 -18.25 -40.84 6.47
C MET C 1 -17.10 -39.94 6.92
N LYS C 2 -15.90 -40.31 6.55
CA LYS C 2 -14.76 -39.47 6.72
C LYS C 2 -14.41 -38.77 5.42
N LEU C 3 -14.26 -37.47 5.53
CA LEU C 3 -13.93 -36.63 4.39
C LEU C 3 -12.61 -35.87 4.54
N ALA C 4 -11.72 -36.04 3.61
CA ALA C 4 -10.55 -35.20 3.54
C ALA C 4 -10.65 -34.07 2.53
N VAL C 5 -10.46 -32.88 3.03
CA VAL C 5 -10.50 -31.67 2.27
C VAL C 5 -9.11 -31.18 1.98
N TYR C 6 -8.82 -30.99 0.73
CA TYR C 6 -7.56 -30.47 0.27
C TYR C 6 -7.63 -28.97 -0.02
N SER C 7 -6.48 -28.32 -0.02
CA SER C 7 -6.35 -26.96 -0.39
C SER C 7 -7.18 -26.01 0.45
N THR C 8 -7.45 -26.38 1.69
CA THR C 8 -8.35 -25.73 2.59
C THR C 8 -7.90 -24.32 2.92
N LYS C 9 -8.78 -23.37 2.79
CA LYS C 9 -8.56 -22.04 3.27
C LYS C 9 -9.47 -21.91 4.47
N GLN C 10 -9.27 -20.89 5.27
CA GLN C 10 -10.01 -20.74 6.48
C GLN C 10 -11.52 -20.57 6.29
N TYR C 11 -11.92 -19.88 5.25
CA TYR C 11 -13.29 -19.79 4.88
C TYR C 11 -13.90 -21.13 4.47
N ASP C 12 -13.17 -21.94 3.74
CA ASP C 12 -13.65 -23.27 3.43
C ASP C 12 -13.93 -24.07 4.69
N LYS C 13 -13.01 -24.01 5.63
CA LYS C 13 -13.11 -24.78 6.82
C LYS C 13 -14.28 -24.32 7.65
N LYS C 14 -14.43 -23.01 7.81
CA LYS C 14 -15.50 -22.49 8.62
C LYS C 14 -16.90 -22.85 8.14
N TYR C 15 -17.14 -22.65 6.88
CA TYR C 15 -18.41 -23.01 6.27
C TYR C 15 -18.73 -24.49 6.15
N LEU C 16 -17.75 -25.28 5.79
CA LEU C 16 -17.88 -26.71 5.81
C LEU C 16 -18.14 -27.22 7.21
N GLN C 17 -17.42 -26.70 8.20
CA GLN C 17 -17.67 -27.05 9.58
C GLN C 17 -19.07 -26.62 10.03
N GLN C 18 -19.48 -25.41 9.69
CA GLN C 18 -20.76 -24.91 10.06
C GLN C 18 -21.91 -25.74 9.44
N VAL C 19 -21.78 -25.99 8.16
CA VAL C 19 -22.73 -26.80 7.42
C VAL C 19 -22.81 -28.25 7.92
N ASN C 20 -21.71 -28.76 8.39
CA ASN C 20 -21.61 -30.14 8.80
C ASN C 20 -22.42 -30.49 10.08
N GLU C 21 -22.91 -29.50 10.80
CA GLU C 21 -23.70 -29.71 12.00
C GLU C 21 -24.91 -30.53 11.58
N ALA C 22 -25.40 -30.29 10.39
CA ALA C 22 -26.44 -31.08 9.79
C ALA C 22 -26.11 -32.49 9.28
N PHE C 23 -24.88 -32.75 8.93
CA PHE C 23 -24.55 -34.05 8.37
C PHE C 23 -23.75 -34.95 9.26
N GLY C 24 -23.00 -34.37 10.16
CA GLY C 24 -22.18 -35.12 11.06
C GLY C 24 -21.08 -35.98 10.49
N PHE C 25 -20.52 -35.60 9.36
CA PHE C 25 -19.40 -36.26 8.75
C PHE C 25 -18.16 -36.04 9.58
N GLU C 26 -17.20 -36.91 9.45
CA GLU C 26 -15.92 -36.68 10.05
C GLU C 26 -15.02 -35.88 9.10
N LEU C 27 -14.62 -34.72 9.54
CA LEU C 27 -13.87 -33.80 8.71
C LEU C 27 -12.38 -33.73 9.02
N GLU C 28 -11.60 -33.93 8.00
CA GLU C 28 -10.18 -33.82 8.02
C GLU C 28 -9.70 -32.76 7.00
N PHE C 29 -9.07 -31.74 7.52
CA PHE C 29 -8.67 -30.59 6.74
C PHE C 29 -7.16 -30.53 6.44
N PHE C 30 -6.82 -30.44 5.19
CA PHE C 30 -5.49 -30.30 4.75
C PHE C 30 -5.33 -29.00 3.97
N ASP C 31 -4.32 -28.25 4.31
CA ASP C 31 -3.91 -27.04 3.62
C ASP C 31 -3.38 -27.27 2.20
N PHE C 32 -2.75 -28.40 1.97
CA PHE C 32 -1.93 -28.61 0.81
C PHE C 32 -2.71 -29.17 -0.38
N LEU C 33 -2.15 -29.03 -1.56
CA LEU C 33 -2.73 -29.57 -2.77
C LEU C 33 -2.81 -31.08 -2.76
N LEU C 34 -3.88 -31.62 -3.28
CA LEU C 34 -3.89 -32.99 -3.64
C LEU C 34 -3.08 -33.18 -4.90
N THR C 35 -2.21 -34.18 -4.85
CA THR C 35 -1.28 -34.60 -5.88
C THR C 35 -1.09 -36.10 -5.77
N GLU C 36 -0.31 -36.66 -6.68
CA GLU C 36 -0.02 -38.05 -6.65
C GLU C 36 0.72 -38.43 -5.35
N LYS C 37 1.64 -37.61 -4.92
CA LYS C 37 2.29 -37.74 -3.63
C LYS C 37 1.51 -37.53 -2.35
N THR C 38 0.54 -36.65 -2.33
CA THR C 38 -0.26 -36.41 -1.15
C THR C 38 -1.52 -37.27 -1.03
N ALA C 39 -1.82 -38.06 -2.04
CA ALA C 39 -3.02 -38.86 -2.11
C ALA C 39 -3.16 -39.87 -0.98
N LYS C 40 -2.02 -40.41 -0.57
CA LYS C 40 -1.86 -41.33 0.52
C LYS C 40 -2.36 -40.72 1.83
N THR C 41 -2.46 -39.42 1.91
CA THR C 41 -3.04 -38.74 3.09
C THR C 41 -4.53 -39.03 3.26
N ALA C 42 -5.16 -39.50 2.20
CA ALA C 42 -6.58 -39.82 2.20
C ALA C 42 -6.96 -41.20 2.75
N ASN C 43 -5.98 -41.98 3.16
CA ASN C 43 -6.25 -43.32 3.62
C ASN C 43 -7.12 -43.33 4.84
N GLY C 44 -8.19 -44.08 4.81
CA GLY C 44 -9.19 -44.04 5.83
C GLY C 44 -10.33 -43.05 5.59
N CYS C 45 -10.30 -42.33 4.49
CA CYS C 45 -11.43 -41.51 4.12
C CYS C 45 -12.15 -42.10 2.96
N GLU C 46 -13.46 -42.10 3.04
CA GLU C 46 -14.28 -42.41 1.88
C GLU C 46 -14.28 -41.44 0.70
N ALA C 47 -14.16 -40.17 1.00
CA ALA C 47 -14.25 -39.12 0.04
C ALA C 47 -13.19 -38.07 0.19
N VAL C 48 -12.99 -37.36 -0.88
CA VAL C 48 -12.19 -36.19 -0.90
C VAL C 48 -12.95 -35.00 -1.47
N CYS C 49 -12.67 -33.85 -0.91
CA CYS C 49 -13.15 -32.60 -1.39
C CYS C 49 -11.99 -31.76 -1.84
N ILE C 50 -12.08 -31.33 -3.07
CA ILE C 50 -11.04 -30.65 -3.79
C ILE C 50 -11.57 -29.38 -4.46
N PHE C 51 -10.67 -28.51 -4.85
CA PHE C 51 -10.90 -27.24 -5.50
C PHE C 51 -10.04 -27.16 -6.79
N VAL C 52 -9.96 -26.00 -7.42
CA VAL C 52 -9.47 -25.84 -8.78
C VAL C 52 -8.02 -26.21 -9.10
N ASN C 53 -7.14 -26.05 -8.13
CA ASN C 53 -5.76 -26.35 -8.28
C ASN C 53 -5.35 -27.75 -7.96
N ASP C 54 -6.22 -28.52 -7.33
CA ASP C 54 -6.00 -29.90 -7.02
C ASP C 54 -5.89 -30.80 -8.24
N ASP C 55 -5.03 -31.78 -8.16
CA ASP C 55 -4.74 -32.67 -9.27
C ASP C 55 -5.63 -33.92 -9.23
N GLY C 56 -6.52 -34.01 -10.20
CA GLY C 56 -7.43 -35.11 -10.39
C GLY C 56 -7.17 -35.94 -11.63
N SER C 57 -5.94 -35.94 -12.07
CA SER C 57 -5.52 -36.70 -13.21
C SER C 57 -5.41 -38.18 -12.85
N ARG C 58 -5.19 -39.02 -13.82
CA ARG C 58 -5.35 -40.43 -13.64
C ARG C 58 -4.46 -41.02 -12.54
N PRO C 59 -3.19 -40.68 -12.52
CA PRO C 59 -2.30 -41.22 -11.50
C PRO C 59 -2.71 -40.83 -10.07
N VAL C 60 -3.23 -39.63 -9.86
CA VAL C 60 -3.78 -39.28 -8.62
C VAL C 60 -5.00 -40.12 -8.29
N LEU C 61 -5.85 -40.33 -9.29
CA LEU C 61 -7.05 -41.13 -9.13
C LEU C 61 -6.72 -42.59 -8.79
N GLU C 62 -5.69 -43.10 -9.41
CA GLU C 62 -5.22 -44.42 -9.11
C GLU C 62 -4.75 -44.55 -7.68
N GLU C 63 -4.00 -43.57 -7.19
CA GLU C 63 -3.60 -43.56 -5.80
C GLU C 63 -4.77 -43.47 -4.86
N LEU C 64 -5.72 -42.61 -5.14
CA LEU C 64 -6.88 -42.47 -4.29
C LEU C 64 -7.66 -43.78 -4.18
N LYS C 65 -7.84 -44.47 -5.29
CA LYS C 65 -8.50 -45.77 -5.29
C LYS C 65 -7.73 -46.82 -4.48
N LYS C 66 -6.42 -46.84 -4.60
CA LYS C 66 -5.61 -47.76 -3.83
C LYS C 66 -5.79 -47.50 -2.36
N HIS C 67 -6.06 -46.26 -2.00
CA HIS C 67 -6.16 -45.89 -0.63
C HIS C 67 -7.57 -45.94 -0.11
N GLY C 68 -8.48 -46.53 -0.85
CA GLY C 68 -9.85 -46.66 -0.41
C GLY C 68 -10.87 -45.56 -0.61
N VAL C 69 -10.53 -44.53 -1.35
CA VAL C 69 -11.45 -43.46 -1.61
C VAL C 69 -12.49 -43.86 -2.67
N LYS C 70 -13.71 -43.50 -2.46
CA LYS C 70 -14.77 -43.76 -3.40
C LYS C 70 -15.37 -42.54 -4.10
N TYR C 71 -15.38 -41.41 -3.43
CA TYR C 71 -16.07 -40.23 -3.89
C TYR C 71 -15.13 -39.02 -3.99
N ILE C 72 -15.19 -38.33 -5.11
CA ILE C 72 -14.54 -37.05 -5.26
C ILE C 72 -15.55 -35.92 -5.44
N ALA C 73 -15.53 -35.01 -4.51
CA ALA C 73 -16.38 -33.84 -4.53
C ALA C 73 -15.61 -32.51 -4.77
N LEU C 74 -15.95 -31.86 -5.84
CA LEU C 74 -15.44 -30.56 -6.17
C LEU C 74 -16.33 -29.52 -5.54
N ARG C 75 -15.76 -28.68 -4.70
CA ARG C 75 -16.46 -27.55 -4.15
C ARG C 75 -16.36 -26.32 -5.07
N CYS C 76 -16.59 -26.53 -6.35
CA CYS C 76 -16.50 -25.56 -7.37
C CYS C 76 -17.19 -26.07 -8.61
N ALA C 77 -17.55 -25.19 -9.51
CA ALA C 77 -18.12 -25.52 -10.81
C ALA C 77 -17.18 -26.09 -11.83
N GLY C 78 -16.00 -25.54 -11.94
CA GLY C 78 -15.01 -26.09 -12.80
C GLY C 78 -14.59 -27.50 -12.40
N PHE C 79 -14.33 -28.31 -13.41
CA PHE C 79 -14.01 -29.71 -13.25
C PHE C 79 -12.93 -30.27 -14.18
N ASN C 80 -12.31 -29.40 -14.94
CA ASN C 80 -11.34 -29.77 -15.95
C ASN C 80 -10.03 -30.36 -15.42
N ASN C 81 -9.78 -30.16 -14.14
CA ASN C 81 -8.68 -30.77 -13.41
C ASN C 81 -8.85 -32.25 -13.10
N VAL C 82 -10.03 -32.77 -13.33
CA VAL C 82 -10.32 -34.16 -13.06
C VAL C 82 -10.52 -34.99 -14.33
N ASP C 83 -9.85 -36.11 -14.41
CA ASP C 83 -9.94 -36.98 -15.55
C ASP C 83 -11.12 -37.91 -15.34
N LEU C 84 -12.23 -37.53 -15.94
CA LEU C 84 -13.48 -38.24 -15.84
C LEU C 84 -13.44 -39.60 -16.48
N ASP C 85 -12.71 -39.78 -17.56
CA ASP C 85 -12.57 -41.10 -18.14
C ASP C 85 -11.87 -42.08 -17.21
N ALA C 86 -10.78 -41.64 -16.61
CA ALA C 86 -10.11 -42.42 -15.62
C ALA C 86 -11.01 -42.67 -14.43
N ALA C 87 -11.77 -41.68 -14.01
CA ALA C 87 -12.62 -41.85 -12.87
C ALA C 87 -13.65 -42.96 -13.10
N LYS C 88 -14.19 -43.05 -14.29
CA LYS C 88 -15.14 -44.10 -14.60
C LYS C 88 -14.52 -45.48 -14.59
N GLU C 89 -13.37 -45.62 -15.18
CA GLU C 89 -12.68 -46.86 -15.19
C GLU C 89 -12.42 -47.31 -13.78
N LEU C 90 -12.00 -46.40 -12.92
CA LEU C 90 -11.66 -46.74 -11.56
C LEU C 90 -12.89 -46.99 -10.70
N GLY C 91 -14.05 -46.72 -11.23
CA GLY C 91 -15.25 -46.81 -10.46
C GLY C 91 -15.39 -45.72 -9.44
N LEU C 92 -14.82 -44.59 -9.73
CA LEU C 92 -14.84 -43.45 -8.85
C LEU C 92 -15.96 -42.50 -9.23
N GLN C 93 -16.65 -41.97 -8.26
CA GLN C 93 -17.75 -41.05 -8.51
C GLN C 93 -17.39 -39.61 -8.22
N VAL C 94 -17.72 -38.75 -9.17
CA VAL C 94 -17.37 -37.35 -9.12
C VAL C 94 -18.56 -36.39 -9.15
N VAL C 95 -18.60 -35.50 -8.17
CA VAL C 95 -19.65 -34.54 -8.02
C VAL C 95 -19.13 -33.12 -7.88
N ARG C 96 -19.95 -32.14 -8.20
CA ARG C 96 -19.54 -30.72 -8.20
C ARG C 96 -20.60 -29.79 -7.69
N VAL C 97 -20.25 -28.53 -7.58
CA VAL C 97 -21.19 -27.49 -7.40
C VAL C 97 -21.57 -27.01 -8.82
N PRO C 98 -22.85 -27.01 -9.11
CA PRO C 98 -23.30 -26.66 -10.47
C PRO C 98 -22.99 -25.21 -10.93
N ALA C 99 -23.22 -24.26 -10.05
CA ALA C 99 -23.06 -22.86 -10.32
C ALA C 99 -22.97 -22.15 -8.99
N TYR C 100 -22.24 -21.06 -8.97
CA TYR C 100 -22.20 -20.14 -7.84
C TYR C 100 -23.46 -19.27 -7.74
N SER C 101 -23.74 -18.77 -6.55
CA SER C 101 -24.84 -17.89 -6.34
C SER C 101 -24.73 -16.77 -7.35
N PRO C 102 -25.76 -16.59 -8.14
CA PRO C 102 -25.79 -15.54 -9.16
C PRO C 102 -25.73 -14.12 -8.57
N GLU C 103 -26.41 -13.89 -7.47
CA GLU C 103 -26.36 -12.63 -6.80
C GLU C 103 -24.98 -12.30 -6.25
N ALA C 104 -24.29 -13.28 -5.69
CA ALA C 104 -22.98 -13.06 -5.19
C ALA C 104 -22.00 -12.68 -6.29
N VAL C 105 -22.01 -13.39 -7.40
CA VAL C 105 -21.19 -13.04 -8.55
C VAL C 105 -21.50 -11.68 -9.21
N ALA C 106 -22.76 -11.37 -9.47
CA ALA C 106 -23.16 -10.12 -10.07
C ALA C 106 -22.80 -8.92 -9.19
N GLU C 107 -23.02 -9.08 -7.90
CA GLU C 107 -22.66 -8.08 -6.93
C GLU C 107 -21.16 -7.81 -6.92
N HIS C 108 -20.36 -8.84 -7.01
CA HIS C 108 -18.94 -8.67 -7.12
C HIS C 108 -18.55 -7.90 -8.37
N ALA C 109 -19.18 -8.19 -9.49
CA ALA C 109 -18.95 -7.46 -10.73
C ALA C 109 -19.28 -5.96 -10.61
N ILE C 110 -20.41 -5.67 -9.99
CA ILE C 110 -20.85 -4.34 -9.68
C ILE C 110 -19.88 -3.60 -8.69
N GLY C 111 -19.40 -4.32 -7.70
CA GLY C 111 -18.44 -3.83 -6.75
C GLY C 111 -17.14 -3.41 -7.39
N MET C 112 -16.67 -4.24 -8.29
CA MET C 112 -15.54 -3.95 -9.06
C MET C 112 -15.78 -2.70 -9.94
N MET C 113 -16.94 -2.60 -10.55
CA MET C 113 -17.26 -1.52 -11.41
C MET C 113 -17.19 -0.17 -10.68
N MET C 114 -17.85 -0.12 -9.55
CA MET C 114 -17.87 1.04 -8.69
C MET C 114 -16.51 1.40 -8.06
N THR C 115 -15.77 0.38 -7.66
CA THR C 115 -14.51 0.59 -7.05
C THR C 115 -13.61 1.30 -8.08
N LEU C 116 -13.61 0.80 -9.31
CA LEU C 116 -12.89 1.36 -10.41
C LEU C 116 -13.38 2.73 -10.79
N ASN C 117 -14.69 2.92 -10.86
CA ASN C 117 -15.27 4.15 -11.29
C ASN C 117 -14.89 5.31 -10.36
N ARG C 118 -15.17 5.15 -9.09
CA ARG C 118 -14.85 6.16 -8.12
C ARG C 118 -13.38 6.11 -7.60
N ARG C 119 -12.58 5.17 -8.09
CA ARG C 119 -11.21 5.05 -7.72
C ARG C 119 -11.04 4.82 -6.22
N ILE C 120 -11.95 4.06 -5.67
CA ILE C 120 -12.05 3.78 -4.26
C ILE C 120 -10.86 2.99 -3.72
N HIS C 121 -10.32 2.08 -4.50
CA HIS C 121 -9.14 1.36 -4.14
C HIS C 121 -7.96 2.31 -3.93
N ARG C 122 -7.77 3.25 -4.83
CA ARG C 122 -6.80 4.33 -4.69
C ARG C 122 -7.06 5.28 -3.56
N ALA C 123 -8.30 5.61 -3.33
CA ALA C 123 -8.66 6.48 -2.25
C ALA C 123 -8.30 5.89 -0.90
N TYR C 124 -8.57 4.60 -0.69
CA TYR C 124 -8.26 3.92 0.54
C TYR C 124 -6.72 3.92 0.78
N GLN C 125 -5.97 3.73 -0.28
CA GLN C 125 -4.55 3.73 -0.29
C GLN C 125 -3.98 5.07 0.20
N ARG C 126 -4.58 6.16 -0.16
CA ARG C 126 -4.32 7.45 0.41
C ARG C 126 -4.80 7.71 1.84
N THR C 127 -6.07 7.47 2.06
CA THR C 127 -6.71 7.77 3.31
C THR C 127 -6.27 6.96 4.50
N ARG C 128 -5.83 5.75 4.29
CA ARG C 128 -5.30 4.88 5.29
C ARG C 128 -4.08 5.54 5.87
N ASP C 129 -3.50 6.47 5.14
CA ASP C 129 -2.35 7.20 5.62
C ASP C 129 -2.67 8.67 5.82
N ALA C 130 -3.95 8.90 5.96
CA ALA C 130 -4.54 10.19 6.12
C ALA C 130 -4.17 11.18 5.03
N ASN C 131 -4.14 10.73 3.81
CA ASN C 131 -3.97 11.58 2.68
C ASN C 131 -5.33 11.69 1.98
N PHE C 132 -5.87 12.89 2.02
CA PHE C 132 -7.16 13.16 1.52
C PHE C 132 -7.23 13.82 0.13
N SER C 133 -6.15 13.80 -0.63
CA SER C 133 -6.20 14.37 -1.97
C SER C 133 -7.16 13.64 -2.87
N LEU C 134 -7.92 14.38 -3.63
CA LEU C 134 -8.79 13.81 -4.63
C LEU C 134 -8.26 13.75 -6.07
N GLU C 135 -7.11 14.32 -6.33
CA GLU C 135 -6.64 14.46 -7.70
C GLU C 135 -6.40 13.10 -8.32
N GLY C 136 -6.90 12.92 -9.51
CA GLY C 136 -6.94 11.65 -10.19
C GLY C 136 -8.03 10.67 -9.78
N LEU C 137 -8.87 11.03 -8.83
CA LEU C 137 -9.97 10.19 -8.37
C LEU C 137 -11.31 10.35 -9.09
N THR C 138 -11.44 11.30 -10.00
CA THR C 138 -12.71 11.60 -10.59
C THR C 138 -13.29 10.42 -11.34
N GLY C 139 -14.52 10.06 -11.04
CA GLY C 139 -15.25 9.07 -11.78
C GLY C 139 -16.30 9.59 -12.75
N PHE C 140 -17.30 8.80 -13.01
CA PHE C 140 -18.42 9.15 -13.82
C PHE C 140 -19.74 8.70 -13.20
N THR C 141 -20.79 9.46 -13.43
CA THR C 141 -22.07 9.11 -12.94
C THR C 141 -22.67 8.00 -13.78
N MET C 142 -23.07 6.94 -13.13
CA MET C 142 -23.65 5.77 -13.77
C MET C 142 -25.01 5.98 -14.45
N HIS C 143 -25.86 6.74 -13.81
CA HIS C 143 -27.22 6.97 -14.23
C HIS C 143 -27.26 7.66 -15.58
N GLY C 144 -28.04 7.13 -16.49
CA GLY C 144 -28.16 7.61 -17.82
C GLY C 144 -27.16 7.06 -18.84
N LYS C 145 -26.10 6.44 -18.39
CA LYS C 145 -25.19 5.67 -19.21
C LYS C 145 -25.74 4.33 -19.68
N THR C 146 -25.01 3.73 -20.57
CA THR C 146 -25.37 2.49 -21.17
C THR C 146 -24.50 1.38 -20.62
N ALA C 147 -25.14 0.30 -20.22
CA ALA C 147 -24.43 -0.88 -19.81
C ALA C 147 -24.73 -2.02 -20.75
N GLY C 148 -23.68 -2.71 -21.16
CA GLY C 148 -23.76 -3.87 -21.98
C GLY C 148 -23.35 -5.15 -21.31
N VAL C 149 -24.27 -6.07 -21.24
CA VAL C 149 -24.02 -7.34 -20.61
C VAL C 149 -23.90 -8.47 -21.64
N ILE C 150 -22.79 -9.15 -21.59
CA ILE C 150 -22.58 -10.30 -22.44
C ILE C 150 -22.88 -11.61 -21.73
N GLY C 151 -24.01 -12.18 -22.06
CA GLY C 151 -24.49 -13.40 -21.48
C GLY C 151 -25.61 -13.15 -20.50
N THR C 152 -26.73 -13.79 -20.77
CA THR C 152 -27.96 -13.63 -20.04
C THR C 152 -28.51 -14.90 -19.39
N GLY C 153 -27.60 -15.66 -18.83
CA GLY C 153 -27.89 -16.64 -17.83
C GLY C 153 -28.18 -15.91 -16.54
N LYS C 154 -28.22 -16.67 -15.48
CA LYS C 154 -28.65 -16.17 -14.23
C LYS C 154 -27.72 -15.04 -13.67
N ILE C 155 -26.43 -15.18 -13.85
CA ILE C 155 -25.54 -14.13 -13.38
C ILE C 155 -25.78 -12.82 -14.13
N GLY C 156 -25.89 -12.89 -15.44
CA GLY C 156 -26.06 -11.73 -16.26
C GLY C 156 -27.32 -11.01 -15.85
N VAL C 157 -28.37 -11.77 -15.67
CA VAL C 157 -29.63 -11.24 -15.29
C VAL C 157 -29.57 -10.61 -13.91
N ALA C 158 -28.91 -11.24 -12.96
CA ALA C 158 -28.69 -10.64 -11.67
C ALA C 158 -27.88 -9.35 -11.81
N ALA C 159 -26.91 -9.29 -12.69
CA ALA C 159 -26.23 -8.05 -12.95
C ALA C 159 -27.17 -6.99 -13.53
N LEU C 160 -27.97 -7.41 -14.49
CA LEU C 160 -28.87 -6.53 -15.18
C LEU C 160 -29.89 -5.88 -14.23
N ARG C 161 -30.38 -6.61 -13.26
CA ARG C 161 -31.21 -6.06 -12.23
C ARG C 161 -30.55 -4.97 -11.40
N ILE C 162 -29.32 -5.13 -10.97
CA ILE C 162 -28.62 -4.08 -10.30
C ILE C 162 -28.40 -2.86 -11.21
N LEU C 163 -28.02 -3.12 -12.44
CA LEU C 163 -27.73 -2.06 -13.38
C LEU C 163 -28.92 -1.18 -13.67
N LYS C 164 -30.08 -1.80 -13.75
CA LYS C 164 -31.32 -1.11 -13.91
C LYS C 164 -31.58 -0.14 -12.78
N GLY C 165 -31.27 -0.56 -11.57
CA GLY C 165 -31.37 0.20 -10.36
C GLY C 165 -30.58 1.48 -10.39
N PHE C 166 -29.44 1.44 -11.07
CA PHE C 166 -28.57 2.56 -11.29
C PHE C 166 -29.17 3.51 -12.30
N GLY C 167 -30.27 3.11 -12.88
CA GLY C 167 -30.89 3.89 -13.92
C GLY C 167 -30.12 3.93 -15.24
N MET C 168 -29.45 2.84 -15.57
CA MET C 168 -28.76 2.67 -16.83
C MET C 168 -29.63 2.15 -17.98
N ARG C 169 -29.25 2.53 -19.19
CA ARG C 169 -29.81 1.97 -20.38
C ARG C 169 -29.17 0.60 -20.57
N LEU C 170 -29.98 -0.41 -20.67
CA LEU C 170 -29.50 -1.74 -20.68
C LEU C 170 -29.49 -2.42 -22.03
N LEU C 171 -28.32 -2.89 -22.44
CA LEU C 171 -28.17 -3.72 -23.60
C LEU C 171 -27.61 -5.06 -23.23
N ALA C 172 -27.96 -6.09 -23.98
CA ALA C 172 -27.34 -7.36 -23.86
C ALA C 172 -27.09 -8.10 -25.17
N PHE C 173 -26.13 -8.99 -25.16
CA PHE C 173 -25.94 -9.98 -26.17
C PHE C 173 -25.97 -11.34 -25.52
N ASP C 174 -26.77 -12.23 -26.09
CA ASP C 174 -26.72 -13.64 -25.86
C ASP C 174 -27.17 -14.35 -27.12
N PRO C 175 -26.55 -15.45 -27.47
CA PRO C 175 -26.99 -16.21 -28.61
C PRO C 175 -28.40 -16.69 -28.41
N TYR C 176 -28.82 -16.98 -27.21
CA TYR C 176 -30.19 -17.28 -26.92
C TYR C 176 -30.86 -16.30 -25.94
N PRO C 177 -31.51 -15.24 -26.43
CA PRO C 177 -32.07 -14.27 -25.51
C PRO C 177 -33.14 -14.80 -24.57
N SER C 178 -33.10 -14.27 -23.36
CA SER C 178 -33.95 -14.68 -22.27
C SER C 178 -35.14 -13.79 -22.02
N THR C 179 -36.19 -14.45 -21.64
CA THR C 179 -37.42 -13.86 -21.24
C THR C 179 -37.27 -13.00 -20.01
N ALA C 180 -36.47 -13.43 -19.07
CA ALA C 180 -36.30 -12.67 -17.85
C ALA C 180 -35.70 -11.35 -18.17
N ALA C 181 -34.70 -11.33 -19.01
CA ALA C 181 -34.05 -10.09 -19.40
C ALA C 181 -34.98 -9.16 -20.14
N LEU C 182 -35.76 -9.72 -21.03
CA LEU C 182 -36.67 -8.97 -21.85
C LEU C 182 -37.71 -8.28 -20.98
N ASP C 183 -38.13 -8.98 -19.97
CA ASP C 183 -39.04 -8.50 -19.00
C ASP C 183 -38.50 -7.33 -18.19
N LEU C 184 -37.19 -7.26 -18.01
CA LEU C 184 -36.47 -6.21 -17.33
C LEU C 184 -36.31 -4.93 -18.15
N GLY C 185 -36.72 -4.93 -19.39
CA GLY C 185 -36.46 -3.82 -20.26
C GLY C 185 -35.11 -3.80 -20.94
N VAL C 186 -34.39 -4.89 -20.89
CA VAL C 186 -33.17 -5.02 -21.64
C VAL C 186 -33.44 -5.04 -23.17
N GLU C 187 -32.56 -4.40 -23.91
CA GLU C 187 -32.56 -4.52 -25.34
C GLU C 187 -31.50 -5.48 -25.80
N TYR C 188 -31.90 -6.58 -26.41
CA TYR C 188 -30.94 -7.44 -27.06
C TYR C 188 -30.47 -6.80 -28.36
N VAL C 189 -29.19 -6.87 -28.58
CA VAL C 189 -28.50 -6.29 -29.70
C VAL C 189 -27.41 -7.25 -30.16
N ASP C 190 -26.87 -6.97 -31.32
CA ASP C 190 -25.71 -7.65 -31.77
C ASP C 190 -24.48 -7.17 -31.01
N LEU C 191 -23.41 -7.91 -31.11
CA LEU C 191 -22.21 -7.57 -30.43
C LEU C 191 -21.62 -6.25 -30.84
N GLN C 192 -21.60 -5.98 -32.13
CA GLN C 192 -21.02 -4.77 -32.61
C GLN C 192 -21.75 -3.57 -32.08
N THR C 193 -23.05 -3.63 -32.03
CA THR C 193 -23.82 -2.59 -31.45
C THR C 193 -23.50 -2.41 -29.96
N LEU C 194 -23.37 -3.53 -29.27
CA LEU C 194 -23.06 -3.54 -27.87
C LEU C 194 -21.70 -2.92 -27.64
N PHE C 195 -20.72 -3.25 -28.44
CA PHE C 195 -19.39 -2.65 -28.36
C PHE C 195 -19.43 -1.15 -28.60
N ALA C 196 -20.18 -0.74 -29.59
CA ALA C 196 -20.26 0.65 -29.93
C ALA C 196 -20.91 1.58 -28.93
N GLU C 197 -21.98 1.15 -28.32
CA GLU C 197 -22.76 2.00 -27.48
C GLU C 197 -22.58 1.94 -25.95
N SER C 198 -21.87 0.95 -25.44
CA SER C 198 -21.80 0.69 -24.04
C SER C 198 -20.75 1.54 -23.34
N ASP C 199 -21.16 2.22 -22.30
CA ASP C 199 -20.24 2.76 -21.32
C ASP C 199 -19.52 1.74 -20.41
N VAL C 200 -20.22 0.72 -20.02
CA VAL C 200 -19.70 -0.33 -19.19
C VAL C 200 -20.05 -1.65 -19.80
N ILE C 201 -19.11 -2.55 -19.88
CA ILE C 201 -19.33 -3.85 -20.41
C ILE C 201 -18.98 -4.89 -19.37
N SER C 202 -19.89 -5.79 -19.09
CA SER C 202 -19.66 -6.86 -18.17
C SER C 202 -19.90 -8.22 -18.78
N LEU C 203 -18.93 -9.09 -18.66
CA LEU C 203 -19.02 -10.43 -19.18
C LEU C 203 -19.56 -11.43 -18.16
N HIS C 204 -20.64 -12.08 -18.52
CA HIS C 204 -21.25 -13.12 -17.78
C HIS C 204 -21.62 -14.31 -18.64
N CYS C 205 -20.64 -14.95 -19.20
CA CYS C 205 -20.88 -16.06 -20.06
C CYS C 205 -19.82 -17.11 -19.96
N PRO C 206 -20.15 -18.34 -20.26
CA PRO C 206 -19.18 -19.41 -20.29
C PRO C 206 -18.29 -19.28 -21.51
N LEU C 207 -17.13 -19.84 -21.41
CA LEU C 207 -16.20 -19.81 -22.48
C LEU C 207 -16.55 -20.92 -23.46
N THR C 208 -16.85 -20.55 -24.67
CA THR C 208 -17.06 -21.50 -25.74
C THR C 208 -16.19 -21.18 -26.89
N PRO C 209 -16.07 -22.10 -27.81
CA PRO C 209 -15.20 -21.87 -28.94
C PRO C 209 -15.63 -20.67 -29.74
N GLU C 210 -16.91 -20.38 -29.79
CA GLU C 210 -17.36 -19.18 -30.47
C GLU C 210 -16.85 -17.90 -29.87
N ASN C 211 -16.67 -17.90 -28.57
CA ASN C 211 -16.31 -16.73 -27.87
C ASN C 211 -14.88 -16.68 -27.28
N TYR C 212 -14.00 -17.56 -27.71
CA TYR C 212 -12.61 -17.45 -27.31
C TYR C 212 -12.08 -16.17 -27.90
N HIS C 213 -11.44 -15.35 -27.10
CA HIS C 213 -10.98 -14.03 -27.49
C HIS C 213 -12.04 -13.19 -28.11
N LEU C 214 -13.19 -13.19 -27.48
CA LEU C 214 -14.30 -12.43 -27.91
C LEU C 214 -13.96 -10.94 -27.92
N LEU C 215 -13.22 -10.52 -26.93
CA LEU C 215 -12.80 -9.17 -26.93
C LEU C 215 -11.36 -9.09 -27.39
N ASN C 216 -11.23 -8.81 -28.67
CA ASN C 216 -9.99 -8.71 -29.38
C ASN C 216 -9.76 -7.28 -29.81
N HIS C 217 -8.72 -7.07 -30.61
CA HIS C 217 -8.34 -5.75 -31.03
C HIS C 217 -9.49 -5.11 -31.80
N ALA C 218 -10.11 -5.90 -32.67
CA ALA C 218 -11.25 -5.42 -33.43
C ALA C 218 -12.40 -5.04 -32.52
N ALA C 219 -12.65 -5.82 -31.48
CA ALA C 219 -13.61 -5.39 -30.49
C ALA C 219 -13.23 -4.09 -29.77
N PHE C 220 -12.00 -3.96 -29.34
CA PHE C 220 -11.57 -2.74 -28.67
C PHE C 220 -11.68 -1.53 -29.60
N ASP C 221 -11.45 -1.74 -30.86
CA ASP C 221 -11.55 -0.69 -31.83
C ASP C 221 -12.92 -0.14 -31.95
N GLN C 222 -13.90 -1.03 -31.82
CA GLN C 222 -15.28 -0.67 -31.88
C GLN C 222 -15.77 0.11 -30.68
N MET C 223 -15.10 0.03 -29.55
CA MET C 223 -15.58 0.64 -28.34
C MET C 223 -15.36 2.11 -28.17
N LYS C 224 -16.11 2.68 -27.28
CA LYS C 224 -15.98 4.04 -26.90
C LYS C 224 -14.69 4.22 -26.14
N ASN C 225 -14.09 5.37 -26.30
CA ASN C 225 -12.87 5.67 -25.59
C ASN C 225 -13.20 5.87 -24.13
N GLY C 226 -12.43 5.27 -23.25
CA GLY C 226 -12.72 5.26 -21.84
C GLY C 226 -13.67 4.20 -21.33
N VAL C 227 -13.99 3.22 -22.16
CA VAL C 227 -14.95 2.22 -21.79
C VAL C 227 -14.52 1.43 -20.56
N MET C 228 -15.47 1.01 -19.75
CA MET C 228 -15.17 0.19 -18.62
C MET C 228 -15.46 -1.28 -18.88
N ILE C 229 -14.45 -2.07 -18.68
CA ILE C 229 -14.58 -3.44 -18.89
C ILE C 229 -14.40 -4.25 -17.60
N ILE C 230 -15.41 -5.03 -17.32
CA ILE C 230 -15.48 -5.94 -16.22
C ILE C 230 -15.66 -7.41 -16.64
N ASN C 231 -14.77 -8.26 -16.16
CA ASN C 231 -14.78 -9.67 -16.42
C ASN C 231 -14.70 -10.61 -15.20
N THR C 232 -15.84 -11.03 -14.72
CA THR C 232 -15.90 -12.06 -13.74
C THR C 232 -16.09 -13.49 -14.31
N SER C 233 -16.19 -13.56 -15.61
CA SER C 233 -16.15 -14.79 -16.34
C SER C 233 -14.69 -15.12 -16.61
N ARG C 234 -14.47 -16.16 -17.38
CA ARG C 234 -13.15 -16.66 -17.70
C ARG C 234 -12.32 -15.74 -18.50
N GLY C 235 -11.04 -15.85 -18.28
CA GLY C 235 -10.05 -15.01 -18.87
C GLY C 235 -9.96 -15.03 -20.36
N ALA C 236 -10.12 -16.21 -20.94
CA ALA C 236 -9.95 -16.39 -22.36
C ALA C 236 -10.94 -15.59 -23.14
N LEU C 237 -11.97 -15.10 -22.50
CA LEU C 237 -12.94 -14.28 -23.16
C LEU C 237 -12.29 -13.02 -23.68
N ILE C 238 -11.21 -12.62 -23.06
CA ILE C 238 -10.49 -11.44 -23.44
C ILE C 238 -9.10 -11.78 -24.00
N ASP C 239 -8.72 -11.15 -25.10
CA ASP C 239 -7.40 -11.31 -25.61
C ASP C 239 -6.60 -10.34 -24.78
N SER C 240 -5.88 -10.87 -23.83
CA SER C 240 -5.21 -10.04 -22.88
C SER C 240 -4.12 -9.13 -23.47
N GLN C 241 -3.40 -9.61 -24.47
CA GLN C 241 -2.44 -8.77 -25.16
C GLN C 241 -3.11 -7.62 -25.85
N ALA C 242 -4.26 -7.83 -26.45
CA ALA C 242 -5.06 -6.71 -26.95
C ALA C 242 -5.54 -5.77 -25.87
N ALA C 243 -5.94 -6.31 -24.75
CA ALA C 243 -6.45 -5.49 -23.70
C ALA C 243 -5.39 -4.54 -23.18
N ILE C 244 -4.19 -5.01 -23.02
CA ILE C 244 -3.08 -4.20 -22.58
C ILE C 244 -2.80 -3.02 -23.52
N GLU C 245 -2.81 -3.25 -24.82
CA GLU C 245 -2.62 -2.19 -25.76
C GLU C 245 -3.70 -1.17 -25.72
N ALA C 246 -4.93 -1.64 -25.56
CA ALA C 246 -6.08 -0.80 -25.47
C ALA C 246 -5.94 0.11 -24.27
N LEU C 247 -5.39 -0.42 -23.21
CA LEU C 247 -5.11 0.41 -22.06
C LEU C 247 -4.07 1.48 -22.35
N LYS C 248 -2.98 1.13 -23.02
CA LYS C 248 -1.94 2.09 -23.33
C LYS C 248 -2.43 3.19 -24.21
N ASN C 249 -3.23 2.84 -25.20
CA ASN C 249 -3.79 3.78 -26.13
C ASN C 249 -4.97 4.47 -25.51
N GLN C 250 -5.34 4.07 -24.32
CA GLN C 250 -6.48 4.64 -23.63
C GLN C 250 -7.81 4.52 -24.34
N LYS C 251 -7.98 3.46 -25.08
CA LYS C 251 -9.28 3.04 -25.43
C LYS C 251 -10.08 2.51 -24.20
N ILE C 252 -9.47 1.64 -23.42
CA ILE C 252 -10.11 1.20 -22.20
C ILE C 252 -9.85 2.16 -21.05
N GLY C 253 -10.89 2.82 -20.59
CA GLY C 253 -10.82 3.62 -19.41
C GLY C 253 -10.53 2.87 -18.13
N SER C 254 -11.17 1.75 -17.91
CA SER C 254 -10.98 0.94 -16.72
C SER C 254 -11.13 -0.55 -17.01
N LEU C 255 -10.36 -1.36 -16.34
CA LEU C 255 -10.48 -2.80 -16.39
C LEU C 255 -10.45 -3.54 -15.03
N GLY C 256 -11.48 -4.32 -14.78
CA GLY C 256 -11.57 -5.26 -13.71
C GLY C 256 -11.73 -6.70 -14.12
N MET C 257 -10.86 -7.50 -13.58
CA MET C 257 -10.78 -8.92 -13.84
C MET C 257 -10.71 -9.78 -12.57
N ASP C 258 -11.57 -10.78 -12.53
CA ASP C 258 -11.53 -11.78 -11.50
C ASP C 258 -10.78 -12.99 -12.08
N VAL C 259 -9.58 -13.21 -11.61
CA VAL C 259 -8.62 -14.12 -12.16
C VAL C 259 -8.72 -15.51 -11.57
N TYR C 260 -9.24 -16.43 -12.36
CA TYR C 260 -9.40 -17.80 -11.97
C TYR C 260 -8.01 -18.33 -11.65
N GLU C 261 -7.89 -19.18 -10.64
CA GLU C 261 -6.59 -19.72 -10.23
C GLU C 261 -5.93 -20.53 -11.34
N ASN C 262 -6.75 -21.27 -12.04
CA ASN C 262 -6.29 -22.12 -13.10
C ASN C 262 -5.87 -21.33 -14.33
N GLU C 263 -6.09 -20.04 -14.32
CA GLU C 263 -5.81 -19.27 -15.47
C GLU C 263 -4.68 -18.28 -15.31
N ARG C 264 -4.23 -18.05 -14.11
CA ARG C 264 -3.32 -16.95 -13.90
C ARG C 264 -1.99 -17.05 -14.61
N ASP C 265 -1.47 -18.26 -14.76
CA ASP C 265 -0.12 -18.45 -15.29
C ASP C 265 0.07 -17.95 -16.69
N LEU C 266 -0.93 -18.11 -17.53
CA LEU C 266 -1.04 -17.26 -18.69
C LEU C 266 -1.86 -16.13 -18.18
N PHE C 267 -2.70 -15.50 -18.97
CA PHE C 267 -3.16 -14.19 -18.60
C PHE C 267 -1.99 -13.20 -18.53
N PHE C 268 -1.19 -13.17 -19.58
CA PHE C 268 0.06 -12.47 -19.57
C PHE C 268 0.26 -11.52 -20.77
N GLU C 269 1.44 -10.90 -20.93
CA GLU C 269 1.64 -9.89 -22.00
C GLU C 269 1.57 -10.31 -23.50
N ASP C 270 2.41 -11.26 -23.93
CA ASP C 270 3.50 -11.79 -23.14
C ASP C 270 4.70 -12.10 -24.03
N LYS C 271 5.87 -12.17 -23.40
CA LYS C 271 7.13 -12.19 -24.12
C LYS C 271 7.85 -13.52 -23.90
N SER C 272 8.71 -13.83 -24.85
CA SER C 272 9.57 -14.98 -24.82
C SER C 272 10.98 -14.48 -24.55
N VAL C 273 11.09 -13.40 -23.78
CA VAL C 273 12.38 -12.88 -23.40
C VAL C 273 12.63 -12.89 -21.89
N ASP C 274 12.34 -11.74 -21.27
CA ASP C 274 12.32 -11.52 -19.83
C ASP C 274 11.40 -10.32 -19.59
N VAL C 275 10.71 -10.22 -18.45
CA VAL C 275 10.49 -11.27 -17.46
C VAL C 275 9.03 -11.82 -17.40
N ILE C 276 8.06 -10.96 -17.77
CA ILE C 276 6.60 -11.26 -17.75
C ILE C 276 5.77 -10.85 -16.46
N GLN C 277 4.52 -11.32 -16.35
CA GLN C 277 3.74 -11.18 -15.10
C GLN C 277 4.07 -12.46 -14.34
N ASP C 278 4.05 -12.40 -13.01
CA ASP C 278 3.28 -11.47 -12.22
C ASP C 278 3.56 -10.01 -12.30
N ASP C 279 4.66 -9.63 -12.93
CA ASP C 279 5.02 -8.26 -13.01
C ASP C 279 3.97 -7.48 -13.79
N VAL C 280 3.31 -8.17 -14.70
CA VAL C 280 2.23 -7.57 -15.43
C VAL C 280 1.06 -7.19 -14.56
N PHE C 281 0.72 -8.01 -13.58
CA PHE C 281 -0.31 -7.63 -12.63
C PHE C 281 0.08 -6.34 -11.88
N ARG C 282 1.32 -6.29 -11.41
CA ARG C 282 1.84 -5.12 -10.77
C ARG C 282 1.86 -3.88 -11.67
N ARG C 283 2.30 -4.00 -12.91
CA ARG C 283 2.36 -2.83 -13.75
C ARG C 283 1.00 -2.22 -14.08
N LEU C 284 0.08 -3.06 -14.49
CA LEU C 284 -1.22 -2.61 -14.90
C LEU C 284 -1.90 -1.94 -13.74
N SER C 285 -1.81 -2.53 -12.56
CA SER C 285 -2.45 -2.01 -11.37
C SER C 285 -1.92 -0.66 -11.00
N ALA C 286 -0.62 -0.49 -11.08
CA ALA C 286 0.02 0.80 -10.94
C ALA C 286 -0.16 1.83 -12.03
N CYS C 287 -0.08 1.48 -13.30
CA CYS C 287 -0.10 2.48 -14.36
C CYS C 287 -1.47 2.84 -14.93
N HIS C 288 -2.48 2.09 -14.56
CA HIS C 288 -3.83 2.23 -15.11
C HIS C 288 -4.93 2.01 -14.07
N ASN C 289 -6.15 2.28 -14.49
CA ASN C 289 -7.28 1.97 -13.66
C ASN C 289 -7.60 0.49 -13.85
N VAL C 290 -6.82 -0.32 -13.19
CA VAL C 290 -6.86 -1.73 -13.28
C VAL C 290 -7.03 -2.39 -11.93
N LEU C 291 -7.96 -3.31 -11.86
CA LEU C 291 -8.19 -4.07 -10.67
C LEU C 291 -8.33 -5.56 -10.97
N PHE C 292 -7.50 -6.32 -10.29
CA PHE C 292 -7.57 -7.75 -10.23
C PHE C 292 -8.10 -8.16 -8.87
N THR C 293 -9.00 -9.09 -8.84
CA THR C 293 -9.30 -9.90 -7.69
C THR C 293 -9.09 -11.41 -7.98
N GLY C 294 -8.80 -12.16 -6.94
CA GLY C 294 -8.36 -13.52 -7.06
C GLY C 294 -9.43 -14.57 -7.09
N HIS C 295 -10.30 -14.58 -8.07
CA HIS C 295 -11.44 -15.48 -8.08
C HIS C 295 -12.28 -15.34 -6.81
N GLN C 296 -12.59 -14.11 -6.50
CA GLN C 296 -13.31 -13.70 -5.34
C GLN C 296 -14.79 -13.57 -5.54
N ALA C 297 -15.29 -13.79 -6.73
CA ALA C 297 -16.66 -13.40 -7.04
C ALA C 297 -17.73 -14.12 -6.23
N PHE C 298 -17.43 -15.34 -5.83
CA PHE C 298 -18.34 -16.09 -5.01
C PHE C 298 -18.06 -15.95 -3.52
N LEU C 299 -17.19 -15.04 -3.15
CA LEU C 299 -16.72 -14.97 -1.80
C LEU C 299 -17.57 -14.18 -0.80
N THR C 300 -18.74 -14.70 -0.50
CA THR C 300 -19.63 -14.21 0.52
C THR C 300 -20.09 -15.37 1.39
N ALA C 301 -20.54 -15.02 2.57
CA ALA C 301 -20.93 -15.97 3.54
C ALA C 301 -22.06 -16.84 2.99
N GLU C 302 -23.07 -16.22 2.44
CA GLU C 302 -24.22 -16.94 1.90
C GLU C 302 -23.87 -17.89 0.74
N ALA C 303 -23.06 -17.45 -0.19
CA ALA C 303 -22.59 -18.27 -1.29
C ALA C 303 -21.75 -19.47 -0.89
N LEU C 304 -20.85 -19.26 0.06
CA LEU C 304 -20.00 -20.25 0.63
C LEU C 304 -20.79 -21.27 1.39
N ILE C 305 -21.82 -20.82 2.06
CA ILE C 305 -22.72 -21.73 2.70
C ILE C 305 -23.39 -22.61 1.67
N SER C 306 -23.81 -22.04 0.56
CA SER C 306 -24.47 -22.81 -0.46
C SER C 306 -23.57 -23.85 -1.05
N ILE C 307 -22.33 -23.47 -1.30
CA ILE C 307 -21.34 -24.35 -1.84
C ILE C 307 -21.15 -25.52 -0.86
N SER C 308 -21.03 -25.23 0.42
CA SER C 308 -20.86 -26.24 1.44
C SER C 308 -22.09 -27.16 1.57
N GLU C 309 -23.27 -26.58 1.54
CA GLU C 309 -24.48 -27.37 1.60
C GLU C 309 -24.54 -28.35 0.42
N THR C 310 -24.31 -27.88 -0.78
CA THR C 310 -24.38 -28.68 -1.96
C THR C 310 -23.35 -29.82 -1.93
N THR C 311 -22.14 -29.50 -1.53
CA THR C 311 -21.08 -30.45 -1.43
C THR C 311 -21.38 -31.56 -0.41
N LEU C 312 -21.81 -31.21 0.77
CA LEU C 312 -22.21 -32.19 1.74
C LEU C 312 -23.44 -33.03 1.38
N GLN C 313 -24.44 -32.41 0.82
CA GLN C 313 -25.58 -33.09 0.29
C GLN C 313 -25.21 -34.03 -0.86
N ASN C 314 -24.34 -33.60 -1.76
CA ASN C 314 -23.94 -34.45 -2.84
C ASN C 314 -23.35 -35.71 -2.25
N LEU C 315 -22.49 -35.56 -1.25
CA LEU C 315 -21.79 -36.68 -0.65
C LEU C 315 -22.73 -37.62 0.08
N SER C 316 -23.69 -37.04 0.75
CA SER C 316 -24.70 -37.78 1.44
C SER C 316 -25.50 -38.61 0.46
N GLN C 317 -25.83 -38.08 -0.70
CA GLN C 317 -26.55 -38.82 -1.68
C GLN C 317 -25.76 -40.02 -2.17
N LEU C 318 -24.47 -39.84 -2.42
CA LEU C 318 -23.58 -40.88 -2.87
C LEU C 318 -23.40 -42.05 -1.88
N GLU C 319 -23.16 -41.75 -0.64
CA GLU C 319 -23.10 -42.75 0.39
C GLU C 319 -24.42 -43.49 0.60
N LYS C 320 -25.52 -42.82 0.42
CA LYS C 320 -26.79 -43.42 0.59
C LYS C 320 -27.28 -44.18 -0.62
N GLY C 321 -26.53 -44.12 -1.68
CA GLY C 321 -26.95 -44.71 -2.91
C GLY C 321 -28.07 -43.99 -3.62
N GLU C 322 -28.37 -42.75 -3.27
CA GLU C 322 -29.29 -41.91 -4.01
C GLU C 322 -28.62 -41.28 -5.21
N ALA C 323 -29.33 -41.10 -6.30
CA ALA C 323 -28.75 -40.52 -7.50
C ALA C 323 -28.53 -39.07 -7.28
N CYS C 324 -27.31 -38.63 -7.44
CA CYS C 324 -27.00 -37.29 -7.20
C CYS C 324 -27.03 -36.48 -8.50
N PRO C 325 -27.83 -35.43 -8.55
CA PRO C 325 -28.00 -34.67 -9.78
C PRO C 325 -26.75 -33.88 -10.19
N ASN C 326 -25.75 -33.79 -9.32
CA ASN C 326 -24.49 -33.13 -9.60
C ASN C 326 -23.37 -34.07 -10.06
N ALA C 327 -23.70 -35.29 -10.42
CA ALA C 327 -22.71 -36.22 -10.92
C ALA C 327 -22.13 -35.87 -12.28
N LEU C 328 -20.85 -36.03 -12.41
CA LEU C 328 -20.15 -35.75 -13.64
C LEU C 328 -19.81 -37.03 -14.35
N PHE C 329 -19.73 -36.93 -15.66
CA PHE C 329 -19.51 -38.03 -16.54
C PHE C 329 -18.69 -37.51 -17.70
N LYS C 330 -18.00 -38.41 -18.35
CA LYS C 330 -17.03 -38.14 -19.37
C LYS C 330 -17.58 -37.44 -20.63
N HIS C 331 -18.81 -37.72 -20.98
CA HIS C 331 -19.43 -37.12 -22.15
C HIS C 331 -20.02 -35.71 -21.96
N HIS C 332 -19.95 -35.19 -20.75
CA HIS C 332 -20.42 -33.87 -20.40
C HIS C 332 -19.74 -32.87 -21.33
N HIS C 333 -20.53 -31.99 -21.86
CA HIS C 333 -20.19 -31.15 -22.95
C HIS C 333 -19.13 -30.12 -22.61
N HIS C 334 -18.93 -29.91 -21.34
CA HIS C 334 -17.92 -29.02 -20.89
C HIS C 334 -16.71 -29.71 -20.27
N HIS C 335 -16.50 -30.93 -20.71
CA HIS C 335 -15.30 -31.68 -20.52
C HIS C 335 -14.70 -32.01 -21.87
N MET D 1 -16.06 39.67 -16.95
CA MET D 1 -15.89 39.68 -15.54
C MET D 1 -14.72 38.78 -15.23
N LYS D 2 -13.83 39.23 -14.36
CA LYS D 2 -12.74 38.45 -13.92
C LYS D 2 -13.07 37.69 -12.62
N LEU D 3 -12.83 36.40 -12.64
CA LEU D 3 -13.06 35.55 -11.48
C LEU D 3 -11.81 34.90 -10.93
N ALA D 4 -11.56 35.12 -9.66
CA ALA D 4 -10.49 34.49 -8.95
C ALA D 4 -10.98 33.26 -8.22
N VAL D 5 -10.44 32.13 -8.61
CA VAL D 5 -10.80 30.86 -8.04
C VAL D 5 -9.77 30.45 -7.01
N TYR D 6 -10.22 30.21 -5.80
CA TYR D 6 -9.32 29.85 -4.72
C TYR D 6 -9.35 28.34 -4.42
N SER D 7 -8.32 27.83 -3.80
CA SER D 7 -8.24 26.41 -3.46
C SER D 7 -8.39 25.48 -4.67
N THR D 8 -7.86 25.88 -5.79
CA THR D 8 -8.08 25.21 -7.02
C THR D 8 -7.43 23.81 -7.05
N LYS D 9 -8.17 22.82 -7.43
CA LYS D 9 -7.64 21.51 -7.65
C LYS D 9 -7.71 21.30 -9.15
N GLN D 10 -7.02 20.29 -9.65
CA GLN D 10 -6.91 20.05 -11.06
C GLN D 10 -8.26 19.82 -11.70
N TYR D 11 -9.13 19.07 -11.05
CA TYR D 11 -10.47 18.87 -11.53
C TYR D 11 -11.29 20.16 -11.60
N ASP D 12 -11.13 21.06 -10.63
CA ASP D 12 -11.89 22.30 -10.60
C ASP D 12 -11.54 23.11 -11.84
N LYS D 13 -10.25 23.18 -12.11
CA LYS D 13 -9.77 23.90 -13.24
C LYS D 13 -10.26 23.35 -14.55
N LYS D 14 -10.19 22.03 -14.70
CA LYS D 14 -10.58 21.43 -15.95
C LYS D 14 -12.04 21.64 -16.29
N TYR D 15 -12.91 21.39 -15.36
CA TYR D 15 -14.33 21.61 -15.54
C TYR D 15 -14.84 23.04 -15.63
N LEU D 16 -14.23 23.92 -14.86
CA LEU D 16 -14.52 25.30 -14.96
C LEU D 16 -14.10 25.85 -16.32
N GLN D 17 -12.93 25.47 -16.79
CA GLN D 17 -12.43 25.90 -18.08
C GLN D 17 -13.31 25.42 -19.21
N GLN D 18 -13.65 24.15 -19.17
CA GLN D 18 -14.51 23.56 -20.20
C GLN D 18 -15.87 24.23 -20.29
N VAL D 19 -16.55 24.35 -19.16
CA VAL D 19 -17.83 25.01 -19.06
C VAL D 19 -17.82 26.50 -19.44
N ASN D 20 -16.76 27.20 -19.14
CA ASN D 20 -16.58 28.59 -19.42
C ASN D 20 -16.40 28.90 -20.90
N GLU D 21 -16.28 27.87 -21.71
CA GLU D 21 -16.28 27.98 -23.14
C GLU D 21 -17.59 28.56 -23.60
N ALA D 22 -18.65 28.32 -22.86
CA ALA D 22 -19.94 28.87 -23.11
C ALA D 22 -20.22 30.22 -22.42
N PHE D 23 -19.31 30.66 -21.56
CA PHE D 23 -19.55 31.84 -20.78
C PHE D 23 -18.57 32.97 -21.06
N GLY D 24 -17.31 32.67 -21.26
CA GLY D 24 -16.25 33.63 -21.35
C GLY D 24 -15.84 34.56 -20.22
N PHE D 25 -15.90 34.11 -18.99
CA PHE D 25 -15.36 34.85 -17.90
C PHE D 25 -13.88 34.81 -18.07
N GLU D 26 -13.19 35.73 -17.46
CA GLU D 26 -11.78 35.69 -17.35
C GLU D 26 -11.46 35.01 -16.03
N LEU D 27 -10.87 33.85 -16.12
CA LEU D 27 -10.58 33.04 -14.97
C LEU D 27 -9.16 33.13 -14.50
N GLU D 28 -8.98 33.47 -13.25
CA GLU D 28 -7.70 33.40 -12.64
C GLU D 28 -7.65 32.33 -11.51
N PHE D 29 -6.79 31.32 -11.67
CA PHE D 29 -6.78 30.18 -10.76
C PHE D 29 -5.69 30.28 -9.70
N PHE D 30 -6.10 30.11 -8.46
CA PHE D 30 -5.18 30.11 -7.38
C PHE D 30 -5.25 28.80 -6.65
N ASP D 31 -4.09 28.20 -6.43
CA ASP D 31 -3.98 27.01 -5.60
C ASP D 31 -4.22 27.16 -4.09
N PHE D 32 -3.82 28.25 -3.47
CA PHE D 32 -3.89 28.45 -2.03
C PHE D 32 -5.26 28.80 -1.49
N LEU D 33 -5.43 28.63 -0.20
CA LEU D 33 -6.64 29.01 0.50
C LEU D 33 -6.86 30.52 0.49
N LEU D 34 -8.12 30.89 0.44
CA LEU D 34 -8.48 32.23 0.64
C LEU D 34 -8.46 32.47 2.13
N THR D 35 -7.71 33.47 2.53
CA THR D 35 -7.65 33.96 3.89
C THR D 35 -7.52 35.48 3.90
N GLU D 36 -7.50 36.02 5.08
CA GLU D 36 -7.39 37.42 5.29
C GLU D 36 -6.08 37.92 4.68
N LYS D 37 -5.02 37.15 4.79
CA LYS D 37 -3.79 37.41 4.09
C LYS D 37 -3.80 37.30 2.57
N THR D 38 -4.53 36.35 2.03
CA THR D 38 -4.55 36.14 0.59
C THR D 38 -5.61 36.95 -0.17
N ALA D 39 -6.54 37.54 0.54
CA ALA D 39 -7.63 38.21 -0.10
C ALA D 39 -7.23 39.36 -1.07
N LYS D 40 -6.09 39.98 -0.87
CA LYS D 40 -5.55 41.02 -1.75
C LYS D 40 -5.19 40.56 -3.17
N THR D 41 -5.04 39.26 -3.32
CA THR D 41 -4.75 38.62 -4.60
C THR D 41 -5.90 38.74 -5.53
N ALA D 42 -7.07 38.94 -4.95
CA ALA D 42 -8.28 39.15 -5.69
C ALA D 42 -8.46 40.56 -6.27
N ASN D 43 -7.55 41.46 -5.98
CA ASN D 43 -7.71 42.85 -6.39
C ASN D 43 -7.75 42.91 -7.91
N GLY D 44 -8.77 43.53 -8.46
CA GLY D 44 -8.99 43.45 -9.89
C GLY D 44 -9.96 42.38 -10.35
N CYS D 45 -10.52 41.63 -9.43
CA CYS D 45 -11.60 40.72 -9.73
C CYS D 45 -12.90 41.19 -9.15
N GLU D 46 -13.94 41.17 -9.92
CA GLU D 46 -15.26 41.38 -9.40
C GLU D 46 -15.75 40.25 -8.50
N ALA D 47 -15.25 39.07 -8.75
CA ALA D 47 -15.79 37.91 -8.14
C ALA D 47 -14.73 36.97 -7.64
N VAL D 48 -15.07 36.27 -6.59
CA VAL D 48 -14.31 35.13 -6.18
C VAL D 48 -15.13 33.85 -6.14
N CYS D 49 -14.44 32.75 -6.33
CA CYS D 49 -14.98 31.41 -6.18
C CYS D 49 -14.22 30.53 -5.21
N ILE D 50 -14.96 30.04 -4.26
CA ILE D 50 -14.43 29.37 -3.11
C ILE D 50 -15.10 28.04 -2.83
N PHE D 51 -14.49 27.28 -1.96
CA PHE D 51 -14.89 25.93 -1.58
C PHE D 51 -14.86 25.81 -0.03
N VAL D 52 -15.13 24.65 0.53
CA VAL D 52 -15.47 24.49 1.94
C VAL D 52 -14.39 24.93 2.90
N ASN D 53 -13.15 24.69 2.59
CA ASN D 53 -12.02 25.12 3.36
C ASN D 53 -11.70 26.57 3.33
N ASP D 54 -12.08 27.28 2.30
CA ASP D 54 -11.81 28.70 2.22
C ASP D 54 -12.50 29.50 3.33
N ASP D 55 -11.84 30.55 3.77
CA ASP D 55 -12.32 31.35 4.88
C ASP D 55 -13.14 32.57 4.44
N GLY D 56 -14.42 32.50 4.70
CA GLY D 56 -15.37 33.54 4.42
C GLY D 56 -15.85 34.36 5.61
N SER D 57 -15.08 34.38 6.67
CA SER D 57 -15.42 35.10 7.88
C SER D 57 -15.30 36.62 7.66
N ARG D 58 -15.82 37.39 8.61
CA ARG D 58 -16.01 38.83 8.48
C ARG D 58 -14.67 39.51 8.15
N PRO D 59 -13.59 39.16 8.81
CA PRO D 59 -12.31 39.77 8.48
C PRO D 59 -11.87 39.53 7.03
N VAL D 60 -12.15 38.36 6.47
CA VAL D 60 -11.83 38.11 5.08
C VAL D 60 -12.65 38.95 4.10
N LEU D 61 -13.93 39.02 4.37
CA LEU D 61 -14.90 39.80 3.60
C LEU D 61 -14.55 41.24 3.63
N GLU D 62 -14.07 41.72 4.76
CA GLU D 62 -13.67 43.07 4.90
C GLU D 62 -12.56 43.36 3.90
N GLU D 63 -11.55 42.50 3.81
CA GLU D 63 -10.48 42.62 2.86
C GLU D 63 -10.95 42.54 1.41
N LEU D 64 -11.88 41.63 1.14
CA LEU D 64 -12.40 41.48 -0.20
C LEU D 64 -13.10 42.74 -0.70
N LYS D 65 -13.91 43.34 0.16
CA LYS D 65 -14.56 44.60 -0.15
C LYS D 65 -13.54 45.66 -0.37
N LYS D 66 -12.52 45.70 0.45
CA LYS D 66 -11.48 46.68 0.33
C LYS D 66 -10.90 46.62 -1.06
N HIS D 67 -10.77 45.42 -1.57
CA HIS D 67 -10.08 45.18 -2.80
C HIS D 67 -10.98 45.13 -4.00
N GLY D 68 -12.22 45.59 -3.89
CA GLY D 68 -13.15 45.65 -5.00
C GLY D 68 -14.01 44.46 -5.46
N VAL D 69 -13.98 43.37 -4.72
CA VAL D 69 -14.83 42.24 -4.96
C VAL D 69 -16.27 42.55 -4.62
N LYS D 70 -17.18 42.21 -5.49
CA LYS D 70 -18.61 42.29 -5.25
C LYS D 70 -19.32 40.97 -4.98
N TYR D 71 -18.83 39.88 -5.56
CA TYR D 71 -19.50 38.62 -5.58
C TYR D 71 -18.68 37.45 -5.03
N ILE D 72 -19.35 36.55 -4.33
CA ILE D 72 -18.73 35.36 -3.81
C ILE D 72 -19.51 34.14 -4.22
N ALA D 73 -18.88 33.26 -4.95
CA ALA D 73 -19.52 32.05 -5.39
C ALA D 73 -18.89 30.84 -4.79
N LEU D 74 -19.66 30.11 -4.04
CA LEU D 74 -19.24 28.88 -3.46
C LEU D 74 -19.57 27.82 -4.48
N ARG D 75 -18.56 27.08 -4.90
CA ARG D 75 -18.74 25.96 -5.82
C ARG D 75 -19.06 24.70 -5.01
N CYS D 76 -19.98 24.84 -4.06
CA CYS D 76 -20.39 23.83 -3.11
C CYS D 76 -21.74 24.15 -2.51
N ALA D 77 -22.39 23.16 -1.94
CA ALA D 77 -23.61 23.31 -1.20
C ALA D 77 -23.54 23.96 0.16
N GLY D 78 -22.48 23.69 0.89
CA GLY D 78 -22.26 24.26 2.19
C GLY D 78 -21.80 25.69 2.19
N PHE D 79 -22.31 26.47 3.13
CA PHE D 79 -21.93 27.86 3.33
C PHE D 79 -21.51 28.26 4.75
N ASN D 80 -21.26 27.29 5.59
CA ASN D 80 -20.95 27.49 6.99
C ASN D 80 -19.67 28.25 7.16
N ASN D 81 -18.84 28.24 6.15
CA ASN D 81 -17.63 29.00 6.13
C ASN D 81 -17.78 30.47 5.78
N VAL D 82 -18.95 30.89 5.36
CA VAL D 82 -19.18 32.28 5.02
C VAL D 82 -20.12 32.98 5.99
N ASP D 83 -19.71 34.12 6.50
CA ASP D 83 -20.56 34.86 7.40
C ASP D 83 -21.51 35.73 6.60
N LEU D 84 -22.72 35.24 6.48
CA LEU D 84 -23.70 35.87 5.64
C LEU D 84 -24.11 37.24 6.10
N ASP D 85 -24.27 37.41 7.39
CA ASP D 85 -24.59 38.71 7.90
C ASP D 85 -23.53 39.76 7.63
N ALA D 86 -22.27 39.44 7.83
CA ALA D 86 -21.23 40.39 7.54
C ALA D 86 -21.23 40.71 6.04
N ALA D 87 -21.46 39.72 5.22
CA ALA D 87 -21.50 39.87 3.80
C ALA D 87 -22.59 40.86 3.32
N LYS D 88 -23.77 40.74 3.86
CA LYS D 88 -24.86 41.67 3.65
C LYS D 88 -24.58 43.10 4.20
N GLU D 89 -23.97 43.18 5.35
CA GLU D 89 -23.55 44.44 5.95
C GLU D 89 -22.60 45.12 5.00
N LEU D 90 -21.76 44.35 4.35
CA LEU D 90 -20.73 44.90 3.52
C LEU D 90 -21.19 45.14 2.09
N GLY D 91 -22.42 44.80 1.80
CA GLY D 91 -22.97 44.91 0.48
C GLY D 91 -22.44 43.91 -0.50
N LEU D 92 -21.86 42.81 -0.02
CA LEU D 92 -21.41 41.69 -0.84
C LEU D 92 -22.54 40.75 -1.16
N GLN D 93 -22.44 40.06 -2.28
CA GLN D 93 -23.43 39.06 -2.66
C GLN D 93 -22.85 37.64 -2.70
N VAL D 94 -23.55 36.71 -2.08
CA VAL D 94 -23.13 35.35 -2.00
C VAL D 94 -24.09 34.39 -2.67
N VAL D 95 -23.56 33.55 -3.51
CA VAL D 95 -24.28 32.55 -4.23
C VAL D 95 -23.61 31.19 -4.07
N ARG D 96 -24.37 30.14 -4.29
CA ARG D 96 -23.93 28.76 -4.05
C ARG D 96 -24.51 27.76 -5.02
N VAL D 97 -24.06 26.53 -4.90
CA VAL D 97 -24.64 25.43 -5.63
C VAL D 97 -25.61 24.80 -4.67
N PRO D 98 -26.88 24.76 -5.00
CA PRO D 98 -27.89 24.36 -4.04
C PRO D 98 -27.80 22.90 -3.54
N ALA D 99 -27.49 21.99 -4.44
CA ALA D 99 -27.38 20.59 -4.20
C ALA D 99 -26.42 19.97 -5.22
N TYR D 100 -25.72 18.93 -4.83
CA TYR D 100 -24.92 18.15 -5.75
C TYR D 100 -25.81 17.24 -6.55
N SER D 101 -25.31 16.68 -7.64
CA SER D 101 -26.05 15.70 -8.36
C SER D 101 -26.44 14.59 -7.40
N PRO D 102 -27.71 14.34 -7.26
CA PRO D 102 -28.17 13.33 -6.33
C PRO D 102 -27.64 11.96 -6.72
N GLU D 103 -27.63 11.67 -8.00
CA GLU D 103 -27.07 10.43 -8.47
C GLU D 103 -25.59 10.24 -8.15
N ALA D 104 -24.77 11.24 -8.28
CA ALA D 104 -23.38 11.10 -8.05
C ALA D 104 -23.15 10.73 -6.57
N VAL D 105 -23.82 11.42 -5.66
CA VAL D 105 -23.66 11.20 -4.23
C VAL D 105 -24.09 9.80 -3.77
N ALA D 106 -25.26 9.40 -4.21
CA ALA D 106 -25.83 8.10 -3.95
C ALA D 106 -24.99 6.94 -4.50
N GLU D 107 -24.50 7.09 -5.70
CA GLU D 107 -23.61 6.13 -6.31
C GLU D 107 -22.31 5.96 -5.54
N HIS D 108 -21.80 7.05 -5.01
CA HIS D 108 -20.64 7.02 -4.16
C HIS D 108 -20.86 6.21 -2.88
N ALA D 109 -22.01 6.43 -2.25
CA ALA D 109 -22.43 5.69 -1.08
C ALA D 109 -22.51 4.17 -1.36
N ILE D 110 -23.12 3.83 -2.47
CA ILE D 110 -23.20 2.48 -2.96
C ILE D 110 -21.80 1.89 -3.26
N GLY D 111 -20.92 2.66 -3.87
CA GLY D 111 -19.57 2.26 -4.12
C GLY D 111 -18.81 1.96 -2.84
N MET D 112 -18.99 2.79 -1.85
CA MET D 112 -18.42 2.59 -0.54
C MET D 112 -18.91 1.34 0.13
N MET D 113 -20.20 1.07 0.03
CA MET D 113 -20.81 -0.11 0.58
C MET D 113 -20.24 -1.35 -0.04
N MET D 114 -20.19 -1.36 -1.35
CA MET D 114 -19.62 -2.49 -2.05
C MET D 114 -18.11 -2.74 -1.87
N THR D 115 -17.30 -1.70 -1.82
CA THR D 115 -15.89 -1.80 -1.56
C THR D 115 -15.65 -2.39 -0.14
N LEU D 116 -16.36 -1.88 0.85
CA LEU D 116 -16.31 -2.38 2.19
C LEU D 116 -16.80 -3.84 2.32
N ASN D 117 -17.93 -4.12 1.70
CA ASN D 117 -18.57 -5.40 1.79
C ASN D 117 -17.67 -6.50 1.29
N ARG D 118 -17.15 -6.30 0.10
CA ARG D 118 -16.29 -7.28 -0.50
C ARG D 118 -14.81 -7.08 -0.23
N ARG D 119 -14.47 -6.15 0.63
CA ARG D 119 -13.11 -5.84 0.99
C ARG D 119 -12.22 -5.55 -0.23
N ILE D 120 -12.78 -4.88 -1.23
CA ILE D 120 -12.17 -4.62 -2.50
C ILE D 120 -10.94 -3.71 -2.35
N HIS D 121 -11.00 -2.80 -1.41
CA HIS D 121 -9.86 -2.01 -1.03
C HIS D 121 -8.67 -2.86 -0.47
N ARG D 122 -8.95 -3.78 0.44
CA ARG D 122 -7.96 -4.77 0.87
C ARG D 122 -7.52 -5.67 -0.25
N ALA D 123 -8.42 -6.08 -1.10
CA ALA D 123 -8.01 -6.93 -2.19
C ALA D 123 -6.98 -6.29 -3.12
N TYR D 124 -7.16 -5.03 -3.44
CA TYR D 124 -6.30 -4.33 -4.36
C TYR D 124 -4.85 -4.21 -3.87
N GLN D 125 -4.68 -3.96 -2.59
CA GLN D 125 -3.39 -3.82 -1.97
C GLN D 125 -2.65 -5.15 -2.12
N ARG D 126 -3.36 -6.25 -2.02
CA ARG D 126 -2.79 -7.54 -2.33
C ARG D 126 -2.45 -7.84 -3.82
N THR D 127 -3.42 -7.71 -4.69
CA THR D 127 -3.24 -7.96 -6.09
C THR D 127 -2.33 -7.01 -6.88
N ARG D 128 -2.20 -5.78 -6.45
CA ARG D 128 -1.26 -4.85 -7.06
C ARG D 128 0.14 -5.40 -6.88
N ASP D 129 0.30 -6.24 -5.88
CA ASP D 129 1.56 -6.90 -5.60
C ASP D 129 1.45 -8.40 -5.89
N ALA D 130 0.47 -8.75 -6.72
CA ALA D 130 0.24 -10.11 -7.18
C ALA D 130 0.06 -11.11 -6.07
N ASN D 131 -0.48 -10.67 -4.96
CA ASN D 131 -0.90 -11.55 -3.91
C ASN D 131 -2.37 -11.78 -4.13
N PHE D 132 -2.70 -13.02 -4.45
CA PHE D 132 -4.04 -13.46 -4.74
C PHE D 132 -4.78 -14.13 -3.58
N SER D 133 -4.30 -14.01 -2.37
CA SER D 133 -4.97 -14.64 -1.26
C SER D 133 -6.31 -13.99 -0.90
N LEU D 134 -7.28 -14.84 -0.65
CA LEU D 134 -8.59 -14.40 -0.36
C LEU D 134 -8.95 -14.31 1.11
N GLU D 135 -8.12 -14.86 1.97
CA GLU D 135 -8.50 -14.98 3.37
C GLU D 135 -8.68 -13.62 4.06
N GLY D 136 -9.73 -13.51 4.83
CA GLY D 136 -10.20 -12.26 5.39
C GLY D 136 -11.02 -11.35 4.47
N LEU D 137 -11.26 -11.76 3.24
CA LEU D 137 -11.97 -10.95 2.27
C LEU D 137 -13.43 -11.25 2.15
N THR D 138 -13.93 -12.14 2.98
CA THR D 138 -15.30 -12.57 2.88
C THR D 138 -16.30 -11.44 3.13
N GLY D 139 -17.20 -11.32 2.20
CA GLY D 139 -18.33 -10.44 2.30
C GLY D 139 -19.65 -11.10 2.61
N PHE D 140 -20.69 -10.38 2.23
CA PHE D 140 -22.04 -10.78 2.32
C PHE D 140 -22.81 -10.49 1.06
N THR D 141 -23.77 -11.33 0.74
CA THR D 141 -24.67 -11.07 -0.35
C THR D 141 -25.70 -10.00 0.02
N MET D 142 -25.77 -8.93 -0.77
CA MET D 142 -26.69 -7.85 -0.59
C MET D 142 -28.15 -8.24 -0.75
N HIS D 143 -28.42 -9.04 -1.74
CA HIS D 143 -29.75 -9.40 -2.08
C HIS D 143 -30.48 -10.08 -0.92
N GLY D 144 -31.65 -9.59 -0.61
CA GLY D 144 -32.46 -10.05 0.49
C GLY D 144 -32.16 -9.46 1.87
N LYS D 145 -31.16 -8.60 1.94
CA LYS D 145 -30.86 -7.83 3.12
C LYS D 145 -31.77 -6.59 3.21
N THR D 146 -31.76 -5.97 4.37
CA THR D 146 -32.47 -4.77 4.68
C THR D 146 -31.51 -3.59 4.67
N ALA D 147 -31.87 -2.62 3.87
CA ALA D 147 -31.24 -1.33 3.85
C ALA D 147 -32.10 -0.33 4.56
N GLY D 148 -31.48 0.45 5.43
CA GLY D 148 -32.08 1.59 6.06
C GLY D 148 -31.46 2.89 5.57
N VAL D 149 -32.28 3.69 4.92
CA VAL D 149 -31.87 5.00 4.45
C VAL D 149 -32.46 6.07 5.33
N ILE D 150 -31.64 6.91 5.90
CA ILE D 150 -32.05 8.04 6.69
C ILE D 150 -32.10 9.32 5.87
N GLY D 151 -33.31 9.65 5.49
CA GLY D 151 -33.63 10.80 4.72
C GLY D 151 -34.00 10.46 3.29
N THR D 152 -35.20 10.85 2.91
CA THR D 152 -35.77 10.55 1.61
C THR D 152 -35.91 11.75 0.69
N GLY D 153 -34.92 12.62 0.70
CA GLY D 153 -34.80 13.71 -0.25
C GLY D 153 -34.22 13.14 -1.54
N LYS D 154 -33.73 13.98 -2.42
CA LYS D 154 -33.32 13.51 -3.72
C LYS D 154 -32.16 12.49 -3.70
N ILE D 155 -31.19 12.71 -2.86
CA ILE D 155 -30.13 11.76 -2.70
C ILE D 155 -30.59 10.41 -2.16
N GLY D 156 -31.37 10.43 -1.09
CA GLY D 156 -31.85 9.25 -0.44
C GLY D 156 -32.67 8.42 -1.39
N VAL D 157 -33.51 9.09 -2.16
CA VAL D 157 -34.27 8.45 -3.18
C VAL D 157 -33.38 7.84 -4.29
N ALA D 158 -32.36 8.55 -4.72
CA ALA D 158 -31.39 8.03 -5.66
C ALA D 158 -30.69 6.79 -5.06
N ALA D 159 -30.37 6.81 -3.78
CA ALA D 159 -29.84 5.61 -3.17
C ALA D 159 -30.85 4.45 -3.14
N LEU D 160 -32.09 4.74 -2.81
CA LEU D 160 -33.14 3.75 -2.72
C LEU D 160 -33.41 3.02 -4.06
N ARG D 161 -33.36 3.72 -5.17
CA ARG D 161 -33.49 3.07 -6.46
C ARG D 161 -32.39 2.01 -6.72
N ILE D 162 -31.14 2.32 -6.39
CA ILE D 162 -30.03 1.41 -6.56
C ILE D 162 -30.16 0.22 -5.62
N LEU D 163 -30.49 0.50 -4.38
CA LEU D 163 -30.65 -0.53 -3.38
C LEU D 163 -31.77 -1.51 -3.75
N LYS D 164 -32.81 -1.02 -4.38
CA LYS D 164 -33.85 -1.85 -4.97
C LYS D 164 -33.38 -2.78 -6.07
N GLY D 165 -32.50 -2.29 -6.93
CA GLY D 165 -31.91 -3.06 -7.97
C GLY D 165 -31.16 -4.24 -7.39
N PHE D 166 -30.56 -4.06 -6.22
CA PHE D 166 -29.88 -5.12 -5.46
C PHE D 166 -30.86 -6.13 -4.88
N GLY D 167 -32.12 -5.80 -4.82
CA GLY D 167 -33.10 -6.73 -4.30
C GLY D 167 -33.22 -6.71 -2.79
N MET D 168 -32.89 -5.58 -2.21
CA MET D 168 -32.91 -5.41 -0.80
C MET D 168 -34.26 -4.99 -0.30
N ARG D 169 -34.62 -5.40 0.89
CA ARG D 169 -35.74 -4.83 1.60
C ARG D 169 -35.44 -3.38 2.00
N LEU D 170 -36.40 -2.52 1.84
CA LEU D 170 -36.23 -1.11 2.02
C LEU D 170 -36.97 -0.40 3.16
N LEU D 171 -36.18 0.11 4.08
CA LEU D 171 -36.66 0.96 5.15
C LEU D 171 -36.13 2.38 5.10
N ALA D 172 -36.89 3.33 5.61
CA ALA D 172 -36.46 4.68 5.66
C ALA D 172 -36.99 5.47 6.85
N PHE D 173 -36.25 6.46 7.27
CA PHE D 173 -36.74 7.42 8.23
C PHE D 173 -36.65 8.82 7.65
N ASP D 174 -37.80 9.44 7.52
CA ASP D 174 -37.88 10.86 7.19
C ASP D 174 -39.08 11.47 7.87
N PRO D 175 -38.97 12.68 8.35
CA PRO D 175 -40.12 13.41 8.89
C PRO D 175 -41.14 13.68 7.81
N TYR D 176 -40.73 13.76 6.57
CA TYR D 176 -41.65 13.93 5.47
C TYR D 176 -41.63 12.77 4.46
N PRO D 177 -42.79 12.28 4.05
CA PRO D 177 -42.88 11.20 3.09
C PRO D 177 -42.55 11.64 1.68
N SER D 178 -41.92 10.80 0.89
CA SER D 178 -41.63 11.13 -0.47
C SER D 178 -42.40 10.19 -1.33
N THR D 179 -43.10 10.75 -2.29
CA THR D 179 -43.91 9.98 -3.18
C THR D 179 -43.05 9.07 -4.02
N ALA D 180 -41.92 9.57 -4.46
CA ALA D 180 -41.00 8.74 -5.21
C ALA D 180 -40.49 7.55 -4.38
N ALA D 181 -40.20 7.77 -3.10
CA ALA D 181 -39.78 6.70 -2.20
C ALA D 181 -40.85 5.66 -2.03
N LEU D 182 -42.08 6.11 -1.86
CA LEU D 182 -43.21 5.23 -1.71
C LEU D 182 -43.41 4.35 -2.91
N ASP D 183 -43.22 4.92 -4.09
CA ASP D 183 -43.40 4.26 -5.35
C ASP D 183 -42.43 3.13 -5.44
N LEU D 184 -41.31 3.23 -4.74
CA LEU D 184 -40.31 2.20 -4.69
C LEU D 184 -40.69 1.06 -3.78
N GLY D 185 -41.76 1.23 -3.02
CA GLY D 185 -42.10 0.26 -2.00
C GLY D 185 -41.31 0.44 -0.74
N VAL D 186 -40.76 1.61 -0.52
CA VAL D 186 -40.09 1.88 0.72
C VAL D 186 -41.07 1.87 1.91
N GLU D 187 -40.73 1.23 3.00
CA GLU D 187 -41.51 1.30 4.20
C GLU D 187 -40.91 2.34 5.13
N TYR D 188 -41.63 3.40 5.37
CA TYR D 188 -41.22 4.34 6.37
C TYR D 188 -41.46 3.75 7.75
N VAL D 189 -40.50 3.93 8.61
CA VAL D 189 -40.54 3.47 9.94
C VAL D 189 -39.93 4.49 10.85
N ASP D 190 -40.16 4.33 12.14
CA ASP D 190 -39.48 5.08 13.18
C ASP D 190 -38.01 4.70 13.21
N LEU D 191 -37.23 5.60 13.72
CA LEU D 191 -35.80 5.46 13.70
C LEU D 191 -35.28 4.20 14.43
N GLN D 192 -35.84 3.89 15.58
CA GLN D 192 -35.45 2.72 16.30
C GLN D 192 -35.69 1.47 15.53
N THR D 193 -36.80 1.36 14.84
CA THR D 193 -37.06 0.22 14.03
C THR D 193 -36.05 0.12 12.92
N LEU D 194 -35.71 1.24 12.31
CA LEU D 194 -34.69 1.25 11.29
C LEU D 194 -33.36 0.80 11.85
N PHE D 195 -32.97 1.31 13.00
CA PHE D 195 -31.75 0.85 13.64
C PHE D 195 -31.79 -0.65 13.95
N ALA D 196 -32.88 -1.14 14.48
CA ALA D 196 -32.99 -2.52 14.88
C ALA D 196 -32.95 -3.50 13.73
N GLU D 197 -33.58 -3.15 12.64
CA GLU D 197 -33.71 -4.04 11.53
C GLU D 197 -32.73 -3.95 10.36
N SER D 198 -31.92 -2.91 10.31
CA SER D 198 -31.16 -2.64 9.11
C SER D 198 -29.81 -3.38 9.08
N ASP D 199 -29.61 -4.16 8.05
CA ASP D 199 -28.27 -4.64 7.69
C ASP D 199 -27.32 -3.53 7.21
N VAL D 200 -27.80 -2.66 6.37
CA VAL D 200 -27.02 -1.54 5.92
C VAL D 200 -27.76 -0.24 6.18
N ILE D 201 -27.07 0.68 6.80
CA ILE D 201 -27.57 1.98 7.08
C ILE D 201 -26.83 3.09 6.35
N SER D 202 -27.58 3.90 5.64
CA SER D 202 -27.02 4.99 4.89
C SER D 202 -27.63 6.32 5.19
N LEU D 203 -26.78 7.28 5.52
CA LEU D 203 -27.18 8.65 5.80
C LEU D 203 -27.22 9.65 4.64
N HIS D 204 -28.42 10.11 4.39
CA HIS D 204 -28.74 11.05 3.35
C HIS D 204 -29.68 12.17 3.80
N CYS D 205 -29.24 12.89 4.78
CA CYS D 205 -30.03 13.94 5.32
C CYS D 205 -29.17 15.09 5.71
N PRO D 206 -29.73 16.27 5.75
CA PRO D 206 -29.05 17.46 6.26
C PRO D 206 -28.88 17.47 7.75
N LEU D 207 -27.83 18.11 8.19
CA LEU D 207 -27.61 18.26 9.59
C LEU D 207 -28.48 19.39 10.15
N THR D 208 -29.24 19.09 11.17
CA THR D 208 -30.08 20.06 11.83
C THR D 208 -29.80 20.01 13.29
N PRO D 209 -30.36 20.94 14.04
CA PRO D 209 -30.24 20.89 15.49
C PRO D 209 -30.90 19.66 16.04
N GLU D 210 -32.00 19.24 15.45
CA GLU D 210 -32.66 18.03 15.85
C GLU D 210 -31.87 16.75 15.63
N ASN D 211 -30.97 16.71 14.68
CA ASN D 211 -30.27 15.50 14.39
C ASN D 211 -28.77 15.44 14.66
N TYR D 212 -28.27 16.36 15.43
CA TYR D 212 -26.90 16.31 15.83
C TYR D 212 -26.69 15.06 16.64
N HIS D 213 -25.64 14.31 16.35
CA HIS D 213 -25.39 13.02 16.99
C HIS D 213 -26.59 12.07 16.92
N LEU D 214 -27.23 12.04 15.78
CA LEU D 214 -28.33 11.17 15.55
C LEU D 214 -27.90 9.72 15.77
N LEU D 215 -26.71 9.34 15.34
CA LEU D 215 -26.18 8.05 15.63
C LEU D 215 -25.23 8.14 16.81
N ASN D 216 -25.79 7.81 17.95
CA ASN D 216 -25.11 7.84 19.23
C ASN D 216 -24.97 6.47 19.88
N HIS D 217 -24.54 6.46 21.12
CA HIS D 217 -24.29 5.24 21.85
C HIS D 217 -25.54 4.37 21.90
N ALA D 218 -26.67 4.95 22.22
CA ALA D 218 -27.90 4.22 22.23
C ALA D 218 -28.29 3.67 20.86
N ALA D 219 -28.08 4.42 19.80
CA ALA D 219 -28.38 3.94 18.49
C ALA D 219 -27.57 2.70 18.15
N PHE D 220 -26.29 2.74 18.46
CA PHE D 220 -25.45 1.60 18.17
C PHE D 220 -25.89 0.34 18.92
N ASP D 221 -26.33 0.51 20.14
CA ASP D 221 -26.83 -0.56 20.98
C ASP D 221 -28.01 -1.25 20.42
N GLN D 222 -28.87 -0.50 19.77
CA GLN D 222 -29.98 -1.02 19.00
C GLN D 222 -29.64 -1.83 17.75
N MET D 223 -28.55 -1.52 17.12
CA MET D 223 -28.21 -2.09 15.86
C MET D 223 -27.83 -3.55 15.95
N LYS D 224 -27.99 -4.19 14.82
CA LYS D 224 -27.52 -5.50 14.54
C LYS D 224 -26.00 -5.60 14.56
N ASN D 225 -25.48 -6.64 15.18
CA ASN D 225 -24.04 -6.88 15.16
C ASN D 225 -23.58 -7.16 13.72
N GLY D 226 -22.51 -6.52 13.32
CA GLY D 226 -22.10 -6.58 11.96
C GLY D 226 -22.69 -5.55 11.00
N VAL D 227 -23.49 -4.64 11.48
CA VAL D 227 -24.10 -3.60 10.67
C VAL D 227 -23.11 -2.73 9.86
N MET D 228 -23.53 -2.42 8.67
CA MET D 228 -22.76 -1.53 7.83
C MET D 228 -23.32 -0.13 7.88
N ILE D 229 -22.49 0.81 8.18
CA ILE D 229 -22.87 2.18 8.26
C ILE D 229 -22.07 3.03 7.30
N ILE D 230 -22.81 3.72 6.48
CA ILE D 230 -22.34 4.64 5.48
C ILE D 230 -22.80 6.12 5.73
N ASN D 231 -21.85 7.03 5.76
CA ASN D 231 -22.15 8.42 5.85
C ASN D 231 -21.52 9.31 4.76
N THR D 232 -22.30 9.59 3.74
CA THR D 232 -21.98 10.63 2.77
C THR D 232 -22.59 11.99 3.16
N SER D 233 -23.32 12.02 4.23
CA SER D 233 -23.78 13.22 4.87
C SER D 233 -22.76 13.79 5.87
N ARG D 234 -23.12 14.87 6.52
CA ARG D 234 -22.23 15.58 7.40
C ARG D 234 -21.83 14.75 8.62
N GLY D 235 -20.63 15.00 9.08
CA GLY D 235 -20.01 14.23 10.12
C GLY D 235 -20.71 14.24 11.43
N ALA D 236 -21.25 15.37 11.80
CA ALA D 236 -21.84 15.55 13.10
C ALA D 236 -23.12 14.77 13.27
N LEU D 237 -23.60 14.14 12.21
CA LEU D 237 -24.70 13.22 12.30
C LEU D 237 -24.32 11.99 13.14
N ILE D 238 -23.04 11.64 13.14
CA ILE D 238 -22.57 10.52 13.89
C ILE D 238 -21.70 10.98 15.05
N ASP D 239 -21.94 10.43 16.23
CA ASP D 239 -21.09 10.68 17.37
C ASP D 239 -19.89 9.77 17.15
N SER D 240 -18.79 10.38 16.81
CA SER D 240 -17.63 9.65 16.41
C SER D 240 -17.00 8.76 17.50
N GLN D 241 -16.99 9.25 18.73
CA GLN D 241 -16.47 8.47 19.81
C GLN D 241 -17.30 7.23 20.01
N ALA D 242 -18.59 7.36 19.98
CA ALA D 242 -19.45 6.22 20.07
C ALA D 242 -19.29 5.22 18.89
N ALA D 243 -19.04 5.70 17.68
CA ALA D 243 -18.78 4.80 16.56
C ALA D 243 -17.47 4.05 16.71
N ILE D 244 -16.45 4.76 17.17
CA ILE D 244 -15.18 4.13 17.39
C ILE D 244 -15.38 3.01 18.39
N GLU D 245 -16.08 3.27 19.47
CA GLU D 245 -16.33 2.27 20.46
C GLU D 245 -17.15 1.12 19.93
N ALA D 246 -18.12 1.41 19.09
CA ALA D 246 -18.89 0.41 18.43
C ALA D 246 -18.08 -0.47 17.51
N LEU D 247 -17.09 0.10 16.85
CA LEU D 247 -16.18 -0.68 16.08
C LEU D 247 -15.35 -1.67 16.93
N LYS D 248 -14.80 -1.17 18.03
CA LYS D 248 -13.97 -1.94 18.95
C LYS D 248 -14.75 -3.10 19.54
N ASN D 249 -16.01 -2.88 19.87
CA ASN D 249 -16.94 -3.89 20.36
C ASN D 249 -17.43 -4.86 19.31
N GLN D 250 -17.18 -4.56 18.05
CA GLN D 250 -17.70 -5.36 16.96
C GLN D 250 -19.20 -5.31 16.77
N LYS D 251 -19.84 -4.30 17.32
CA LYS D 251 -21.17 -3.99 16.93
C LYS D 251 -21.19 -3.54 15.45
N ILE D 252 -20.34 -2.59 15.08
CA ILE D 252 -20.30 -2.17 13.69
C ILE D 252 -19.42 -3.11 12.88
N GLY D 253 -19.99 -3.75 11.90
CA GLY D 253 -19.22 -4.47 10.95
C GLY D 253 -18.32 -3.68 10.02
N SER D 254 -18.86 -2.64 9.44
CA SER D 254 -18.24 -1.82 8.42
C SER D 254 -18.66 -0.37 8.55
N LEU D 255 -17.71 0.51 8.41
CA LEU D 255 -17.98 1.92 8.39
C LEU D 255 -17.32 2.70 7.26
N GLY D 256 -18.14 3.37 6.49
CA GLY D 256 -17.71 4.22 5.45
C GLY D 256 -18.10 5.65 5.70
N MET D 257 -17.13 6.52 5.68
CA MET D 257 -17.34 7.91 5.99
C MET D 257 -16.73 8.83 4.95
N ASP D 258 -17.52 9.73 4.40
CA ASP D 258 -17.00 10.68 3.46
C ASP D 258 -16.77 11.97 4.20
N VAL D 259 -15.51 12.28 4.43
CA VAL D 259 -15.04 13.20 5.44
C VAL D 259 -14.93 14.58 4.87
N TYR D 260 -15.79 15.43 5.35
CA TYR D 260 -15.79 16.82 4.98
C TYR D 260 -14.49 17.50 5.41
N GLU D 261 -13.97 18.32 4.53
CA GLU D 261 -12.65 18.90 4.77
C GLU D 261 -12.67 19.74 6.03
N ASN D 262 -13.76 20.45 6.21
CA ASN D 262 -13.93 21.27 7.37
C ASN D 262 -14.20 20.45 8.61
N GLU D 263 -14.48 19.17 8.45
CA GLU D 263 -14.82 18.29 9.56
C GLU D 263 -13.70 17.39 10.01
N ARG D 264 -12.56 17.47 9.37
CA ARG D 264 -11.50 16.57 9.67
C ARG D 264 -11.03 16.71 11.13
N ASP D 265 -11.04 17.90 11.69
CA ASP D 265 -10.60 18.07 13.08
C ASP D 265 -11.73 17.72 14.01
N LEU D 266 -12.22 16.52 13.82
CA LEU D 266 -13.34 15.97 14.53
C LEU D 266 -13.15 14.51 14.25
N PHE D 267 -14.07 13.67 14.65
CA PHE D 267 -13.76 12.24 14.52
C PHE D 267 -12.65 11.92 15.57
N PHE D 268 -12.38 12.92 16.37
CA PHE D 268 -11.36 12.79 17.37
C PHE D 268 -11.82 11.87 18.50
N GLU D 269 -10.86 11.33 19.27
CA GLU D 269 -11.14 10.32 20.30
C GLU D 269 -11.27 10.76 21.77
N ASP D 270 -10.45 11.67 22.27
CA ASP D 270 -9.17 11.95 21.70
C ASP D 270 -8.17 11.95 22.84
N LYS D 271 -7.51 13.07 23.02
CA LYS D 271 -6.57 13.26 24.09
C LYS D 271 -6.53 14.77 24.33
N SER D 272 -6.00 15.20 25.44
CA SER D 272 -6.12 16.60 25.79
C SER D 272 -4.86 17.37 25.49
N VAL D 273 -4.94 18.29 24.54
CA VAL D 273 -3.80 19.14 24.34
C VAL D 273 -2.73 18.41 23.49
N ASP D 274 -3.04 17.23 22.94
CA ASP D 274 -2.08 16.57 22.01
C ASP D 274 -2.40 16.68 20.50
N VAL D 275 -1.46 17.27 19.77
CA VAL D 275 -1.41 17.28 18.31
C VAL D 275 -2.67 17.98 17.84
N ILE D 276 -2.91 17.82 16.57
CA ILE D 276 -4.21 17.54 16.06
C ILE D 276 -3.96 16.17 15.43
N GLN D 277 -4.83 15.20 15.70
CA GLN D 277 -4.65 13.88 15.17
C GLN D 277 -5.47 13.49 13.96
N ASP D 278 -4.74 13.08 12.93
CA ASP D 278 -5.24 12.26 11.87
C ASP D 278 -4.83 10.83 12.12
N ASP D 279 -4.20 10.57 13.26
CA ASP D 279 -3.72 9.24 13.59
C ASP D 279 -4.87 8.26 13.71
N VAL D 280 -6.01 8.77 14.09
CA VAL D 280 -7.19 7.98 14.21
C VAL D 280 -7.62 7.39 12.86
N PHE D 281 -7.48 8.16 11.79
CA PHE D 281 -7.80 7.74 10.46
C PHE D 281 -6.94 6.56 10.11
N ARG D 282 -5.67 6.64 10.40
CA ARG D 282 -4.75 5.54 10.22
C ARG D 282 -5.11 4.32 11.07
N ARG D 283 -5.42 4.54 12.34
CA ARG D 283 -5.72 3.48 13.27
C ARG D 283 -6.98 2.71 12.90
N LEU D 284 -8.04 3.44 12.65
CA LEU D 284 -9.30 2.83 12.30
C LEU D 284 -9.24 2.04 10.99
N SER D 285 -8.58 2.60 10.00
CA SER D 285 -8.40 1.97 8.70
C SER D 285 -7.61 0.67 8.77
N ALA D 286 -6.59 0.61 9.61
CA ALA D 286 -5.86 -0.62 9.91
C ALA D 286 -6.58 -1.70 10.70
N CYS D 287 -7.16 -1.30 11.80
CA CYS D 287 -7.85 -2.15 12.76
C CYS D 287 -9.17 -2.81 12.34
N HIS D 288 -9.93 -2.16 11.47
CA HIS D 288 -11.32 -2.52 11.17
C HIS D 288 -11.66 -2.38 9.72
N ASN D 289 -12.85 -2.79 9.35
CA ASN D 289 -13.33 -2.57 8.02
C ASN D 289 -13.87 -1.15 7.91
N VAL D 290 -12.97 -0.20 7.79
CA VAL D 290 -13.28 1.20 7.73
C VAL D 290 -12.72 1.90 6.50
N LEU D 291 -13.53 2.74 5.89
CA LEU D 291 -13.15 3.48 4.74
C LEU D 291 -13.47 4.95 4.81
N PHE D 292 -12.48 5.78 4.58
CA PHE D 292 -12.63 7.20 4.56
C PHE D 292 -12.36 7.64 3.13
N THR D 293 -13.20 8.50 2.63
CA THR D 293 -12.92 9.21 1.43
C THR D 293 -13.03 10.68 1.78
N GLY D 294 -12.27 11.49 1.11
CA GLY D 294 -12.20 12.88 1.45
C GLY D 294 -13.18 13.80 0.78
N HIS D 295 -14.44 13.74 1.13
CA HIS D 295 -15.44 14.58 0.48
C HIS D 295 -15.48 14.37 -1.04
N GLN D 296 -15.53 13.12 -1.39
CA GLN D 296 -15.43 12.65 -2.72
C GLN D 296 -16.74 12.36 -3.42
N ALA D 297 -17.83 12.46 -2.70
CA ALA D 297 -19.10 11.97 -3.18
C ALA D 297 -19.66 12.67 -4.46
N PHE D 298 -19.30 13.90 -4.72
CA PHE D 298 -19.73 14.58 -5.90
C PHE D 298 -18.68 14.53 -6.97
N LEU D 299 -17.67 13.74 -6.74
CA LEU D 299 -16.54 13.73 -7.64
C LEU D 299 -16.67 12.86 -8.90
N THR D 300 -17.55 13.25 -9.79
CA THR D 300 -17.64 12.70 -11.13
C THR D 300 -17.61 13.83 -12.16
N ALA D 301 -17.33 13.49 -13.40
CA ALA D 301 -17.24 14.45 -14.47
C ALA D 301 -18.56 15.15 -14.60
N GLU D 302 -19.64 14.40 -14.62
CA GLU D 302 -20.93 14.96 -14.76
C GLU D 302 -21.36 15.89 -13.59
N ALA D 303 -21.15 15.51 -12.34
CA ALA D 303 -21.41 16.39 -11.21
C ALA D 303 -20.54 17.63 -11.19
N LEU D 304 -19.29 17.53 -11.58
CA LEU D 304 -18.38 18.64 -11.63
C LEU D 304 -18.76 19.70 -12.65
N ILE D 305 -19.24 19.24 -13.78
CA ILE D 305 -19.76 20.07 -14.85
C ILE D 305 -20.97 20.83 -14.35
N SER D 306 -21.86 20.14 -13.67
CA SER D 306 -23.02 20.75 -13.12
C SER D 306 -22.70 21.84 -12.10
N ILE D 307 -21.71 21.58 -11.26
CA ILE D 307 -21.32 22.52 -10.27
C ILE D 307 -20.82 23.75 -10.99
N SER D 308 -19.97 23.52 -11.98
CA SER D 308 -19.36 24.58 -12.73
C SER D 308 -20.40 25.40 -13.48
N GLU D 309 -21.34 24.74 -14.13
CA GLU D 309 -22.41 25.37 -14.88
C GLU D 309 -23.25 26.26 -13.97
N THR D 310 -23.59 25.74 -12.82
CA THR D 310 -24.32 26.46 -11.86
C THR D 310 -23.55 27.68 -11.33
N THR D 311 -22.28 27.52 -11.05
CA THR D 311 -21.51 28.61 -10.55
C THR D 311 -21.39 29.79 -11.56
N LEU D 312 -21.05 29.47 -12.78
CA LEU D 312 -20.96 30.46 -13.84
C LEU D 312 -22.33 31.10 -14.15
N GLN D 313 -23.36 30.31 -14.13
CA GLN D 313 -24.71 30.80 -14.29
C GLN D 313 -25.15 31.75 -13.15
N ASN D 314 -24.76 31.40 -11.93
CA ASN D 314 -25.06 32.22 -10.80
C ASN D 314 -24.42 33.59 -10.98
N LEU D 315 -23.17 33.59 -11.37
CA LEU D 315 -22.39 34.80 -11.59
C LEU D 315 -22.93 35.64 -12.73
N SER D 316 -23.30 34.99 -13.81
CA SER D 316 -23.87 35.67 -14.95
C SER D 316 -25.18 36.38 -14.58
N GLN D 317 -26.00 35.72 -13.78
CA GLN D 317 -27.22 36.29 -13.26
C GLN D 317 -26.99 37.50 -12.39
N LEU D 318 -25.99 37.49 -11.53
CA LEU D 318 -25.66 38.68 -10.74
C LEU D 318 -25.21 39.83 -11.60
N GLU D 319 -24.36 39.55 -12.54
CA GLU D 319 -23.80 40.52 -13.43
C GLU D 319 -24.91 41.20 -14.23
N LYS D 320 -25.94 40.47 -14.59
CA LYS D 320 -27.04 40.98 -15.37
C LYS D 320 -28.05 41.64 -14.51
N GLY D 321 -27.85 41.63 -13.22
CA GLY D 321 -28.79 42.20 -12.30
C GLY D 321 -30.01 41.35 -12.11
N GLU D 322 -29.98 40.13 -12.59
CA GLU D 322 -31.07 39.21 -12.36
C GLU D 322 -31.07 38.67 -10.94
N ALA D 323 -32.22 38.21 -10.51
CA ALA D 323 -32.28 37.59 -9.25
C ALA D 323 -31.79 36.16 -9.43
N CYS D 324 -30.83 35.80 -8.62
CA CYS D 324 -30.27 34.49 -8.66
C CYS D 324 -30.93 33.70 -7.57
N PRO D 325 -31.57 32.62 -7.93
CA PRO D 325 -32.27 31.75 -6.99
C PRO D 325 -31.35 31.06 -5.98
N ASN D 326 -30.07 31.04 -6.28
CA ASN D 326 -29.06 30.45 -5.45
C ASN D 326 -28.35 31.46 -4.53
N ALA D 327 -28.83 32.67 -4.48
CA ALA D 327 -28.33 33.65 -3.56
C ALA D 327 -28.67 33.25 -2.13
N LEU D 328 -27.78 33.57 -1.23
CA LEU D 328 -27.96 33.20 0.16
C LEU D 328 -28.72 34.24 0.98
N PHE D 329 -28.92 35.42 0.44
CA PHE D 329 -29.83 36.41 0.99
C PHE D 329 -30.17 37.49 -0.05
N LYS D 330 -31.26 38.21 0.12
CA LYS D 330 -31.56 39.33 -0.78
C LYS D 330 -30.83 40.60 -0.38
PA NAI E . 32.02 18.94 -3.27
O1A NAI E . 32.25 20.06 -4.25
O2A NAI E . 32.57 18.79 -1.82
O5B NAI E . 32.69 17.74 -4.13
C5B NAI E . 32.42 17.56 -5.50
C4B NAI E . 33.35 16.44 -5.88
O4B NAI E . 32.90 15.76 -7.08
C3B NAI E . 34.74 17.05 -6.07
O3B NAI E . 35.67 16.17 -5.42
C2B NAI E . 34.85 17.12 -7.60
O2B NAI E . 36.18 17.06 -8.19
C1B NAI E . 33.98 15.90 -8.02
N9A NAI E . 33.59 15.94 -9.43
C8A NAI E . 33.35 16.98 -10.29
N7A NAI E . 33.09 16.50 -11.55
C5A NAI E . 33.19 15.15 -11.51
C6A NAI E . 33.00 13.98 -12.41
N6A NAI E . 32.70 14.10 -13.71
N1A NAI E . 33.17 12.74 -11.87
C2A NAI E . 33.53 12.53 -10.60
N3A NAI E . 33.69 13.51 -9.72
C4A NAI E . 33.51 14.80 -10.10
O3 NAI E . 30.47 18.45 -3.35
PN NAI E . 29.76 17.53 -2.19
O1N NAI E . 29.35 18.51 -1.12
O2N NAI E . 30.51 16.27 -1.88
O5D NAI E . 28.40 17.12 -3.01
C5D NAI E . 28.43 16.62 -4.38
C4D NAI E . 27.10 16.78 -5.13
O4D NAI E . 26.03 15.94 -4.62
C3D NAI E . 26.54 18.22 -5.20
O3D NAI E . 27.18 19.11 -6.13
C2D NAI E . 25.07 17.99 -5.53
O2D NAI E . 24.80 18.03 -6.94
C1D NAI E . 24.77 16.59 -4.90
N1N NAI E . 23.90 16.85 -3.73
C2N NAI E . 22.70 16.22 -3.61
C3N NAI E . 21.83 16.48 -2.53
C7N NAI E . 20.46 15.85 -2.27
O7N NAI E . 19.87 16.42 -1.35
N7N NAI E . 19.87 14.81 -2.96
C4N NAI E . 22.22 17.53 -1.52
C5N NAI E . 23.51 18.15 -1.74
C6N NAI E . 24.26 17.80 -2.84
PA NAI F . -32.94 17.61 0.44
O1A NAI F . -33.60 17.40 -0.97
O2A NAI F . -32.84 18.90 1.24
O5B NAI F . -33.75 16.62 1.41
C5B NAI F . -33.23 16.38 2.69
C4B NAI F . -34.08 15.26 3.16
O4B NAI F . -33.63 14.78 4.45
C3B NAI F . -35.51 15.81 3.25
O3B NAI F . -36.43 14.77 2.79
C2B NAI F . -35.62 16.15 4.74
O2B NAI F . -36.99 16.15 5.24
C1B NAI F . -34.71 15.03 5.37
N9A NAI F . -34.30 15.25 6.79
C8A NAI F . -34.04 16.41 7.49
N7A NAI F . -33.76 16.16 8.80
C5A NAI F . -33.84 14.81 8.98
C6A NAI F . -33.65 13.82 10.08
N6A NAI F . -33.31 14.18 11.36
N1A NAI F . -33.82 12.51 9.76
C2A NAI F . -34.20 12.07 8.51
N3A NAI F . -34.38 12.89 7.49
C4A NAI F . -34.21 14.24 7.64
O3 NAI F . -31.42 17.01 0.55
PN NAI F . -30.62 16.00 -0.46
O1N NAI F . -30.02 16.83 -1.65
O2N NAI F . -31.43 14.75 -0.63
O5D NAI F . -29.35 15.64 0.49
C5D NAI F . -29.37 14.98 1.77
C4D NAI F . -28.20 15.54 2.63
O4D NAI F . -26.93 14.83 2.49
C3D NAI F . -27.93 17.03 2.38
O3D NAI F . -28.78 17.90 3.14
C2D NAI F . -26.44 17.23 2.68
O2D NAI F . -26.23 17.93 3.91
C1D NAI F . -25.86 15.79 2.60
N1N NAI F . -24.97 15.73 1.41
C2N NAI F . -23.65 15.42 1.52
C3N NAI F . -22.80 15.38 0.38
C7N NAI F . -21.29 15.11 0.34
O7N NAI F . -20.74 16.14 -0.11
N7N NAI F . -20.60 13.98 0.72
C4N NAI F . -23.37 15.73 -0.96
C5N NAI F . -24.77 16.06 -0.95
C6N NAI F . -25.51 16.05 0.22
#